data_2BEC
# 
_entry.id   2BEC 
# 
_audit_conform.dict_name       mmcif_pdbx.dic 
_audit_conform.dict_version    5.388 
_audit_conform.dict_location   http://mmcif.pdb.org/dictionaries/ascii/mmcif_pdbx.dic 
# 
loop_
_database_2.database_id 
_database_2.database_code 
_database_2.pdbx_database_accession 
_database_2.pdbx_DOI 
PDB   2BEC         pdb_00002bec 10.2210/pdb2bec/pdb 
RCSB  RCSB034994   ?            ?                   
WWPDB D_1000034994 ?            ?                   
# 
loop_
_pdbx_audit_revision_history.ordinal 
_pdbx_audit_revision_history.data_content_type 
_pdbx_audit_revision_history.major_revision 
_pdbx_audit_revision_history.minor_revision 
_pdbx_audit_revision_history.revision_date 
1 'Structure model' 1 0 2006-06-27 
2 'Structure model' 1 1 2008-05-01 
3 'Structure model' 1 2 2011-07-13 
4 'Structure model' 1 3 2024-03-13 
# 
_pdbx_audit_revision_details.ordinal             1 
_pdbx_audit_revision_details.revision_ordinal    1 
_pdbx_audit_revision_details.data_content_type   'Structure model' 
_pdbx_audit_revision_details.provider            repository 
_pdbx_audit_revision_details.type                'Initial release' 
_pdbx_audit_revision_details.description         ? 
_pdbx_audit_revision_details.details             ? 
# 
loop_
_pdbx_audit_revision_group.ordinal 
_pdbx_audit_revision_group.revision_ordinal 
_pdbx_audit_revision_group.data_content_type 
_pdbx_audit_revision_group.group 
1 2 'Structure model' 'Version format compliance' 
2 3 'Structure model' 'Version format compliance' 
3 4 'Structure model' 'Data collection'           
4 4 'Structure model' 'Database references'       
5 4 'Structure model' 'Derived calculations'      
# 
loop_
_pdbx_audit_revision_category.ordinal 
_pdbx_audit_revision_category.revision_ordinal 
_pdbx_audit_revision_category.data_content_type 
_pdbx_audit_revision_category.category 
1 4 'Structure model' chem_comp_atom         
2 4 'Structure model' chem_comp_bond         
3 4 'Structure model' database_2             
4 4 'Structure model' pdbx_struct_conn_angle 
5 4 'Structure model' struct_conn            
6 4 'Structure model' struct_ref_seq_dif     
7 4 'Structure model' struct_site            
# 
loop_
_pdbx_audit_revision_item.ordinal 
_pdbx_audit_revision_item.revision_ordinal 
_pdbx_audit_revision_item.data_content_type 
_pdbx_audit_revision_item.item 
1  4 'Structure model' '_database_2.pdbx_DOI'                        
2  4 'Structure model' '_database_2.pdbx_database_accession'         
3  4 'Structure model' '_pdbx_struct_conn_angle.ptnr1_auth_comp_id'  
4  4 'Structure model' '_pdbx_struct_conn_angle.ptnr1_auth_seq_id'   
5  4 'Structure model' '_pdbx_struct_conn_angle.ptnr1_label_atom_id' 
6  4 'Structure model' '_pdbx_struct_conn_angle.ptnr1_label_comp_id' 
7  4 'Structure model' '_pdbx_struct_conn_angle.ptnr1_label_seq_id'  
8  4 'Structure model' '_pdbx_struct_conn_angle.ptnr2_auth_seq_id'   
9  4 'Structure model' '_pdbx_struct_conn_angle.ptnr2_label_asym_id' 
10 4 'Structure model' '_pdbx_struct_conn_angle.ptnr3_auth_comp_id'  
11 4 'Structure model' '_pdbx_struct_conn_angle.ptnr3_auth_seq_id'   
12 4 'Structure model' '_pdbx_struct_conn_angle.ptnr3_label_atom_id' 
13 4 'Structure model' '_pdbx_struct_conn_angle.ptnr3_label_comp_id' 
14 4 'Structure model' '_pdbx_struct_conn_angle.ptnr3_label_seq_id'  
15 4 'Structure model' '_pdbx_struct_conn_angle.value'               
16 4 'Structure model' '_struct_conn.pdbx_dist_value'                
17 4 'Structure model' '_struct_conn.ptnr1_auth_comp_id'             
18 4 'Structure model' '_struct_conn.ptnr1_auth_seq_id'              
19 4 'Structure model' '_struct_conn.ptnr1_label_asym_id'            
20 4 'Structure model' '_struct_conn.ptnr1_label_atom_id'            
21 4 'Structure model' '_struct_conn.ptnr1_label_comp_id'            
22 4 'Structure model' '_struct_conn.ptnr1_label_seq_id'             
23 4 'Structure model' '_struct_conn.ptnr2_auth_comp_id'             
24 4 'Structure model' '_struct_conn.ptnr2_auth_seq_id'              
25 4 'Structure model' '_struct_conn.ptnr2_label_asym_id'            
26 4 'Structure model' '_struct_conn.ptnr2_label_atom_id'            
27 4 'Structure model' '_struct_conn.ptnr2_label_comp_id'            
28 4 'Structure model' '_struct_conn.ptnr2_label_seq_id'             
29 4 'Structure model' '_struct_ref_seq_dif.details'                 
30 4 'Structure model' '_struct_site.pdbx_auth_asym_id'              
31 4 'Structure model' '_struct_site.pdbx_auth_comp_id'              
32 4 'Structure model' '_struct_site.pdbx_auth_seq_id'               
# 
_pdbx_database_status.status_code                     REL 
_pdbx_database_status.entry_id                        2BEC 
_pdbx_database_status.recvd_initial_deposition_date   2005-10-24 
_pdbx_database_status.deposit_site                    RCSB 
_pdbx_database_status.process_site                    PDBJ 
_pdbx_database_status.status_code_sf                  REL 
_pdbx_database_status.status_code_mr                  ? 
_pdbx_database_status.SG_entry                        ? 
_pdbx_database_status.pdb_format_compatible           Y 
_pdbx_database_status.status_code_cs                  ? 
_pdbx_database_status.status_code_nmr_data            ? 
_pdbx_database_status.methods_development_category    ? 
# 
loop_
_audit_author.name 
_audit_author.pdbx_ordinal 
'Ben Ammar, Y.'   1 
'Takeda, S.'      2 
'Hisamitsu, T.'   3 
'Mori, H.'        4 
'Wakabayashi, S.' 5 
# 
loop_
_citation.id 
_citation.title 
_citation.journal_abbrev 
_citation.journal_volume 
_citation.page_first 
_citation.page_last 
_citation.year 
_citation.journal_id_ASTM 
_citation.country 
_citation.journal_id_ISSN 
_citation.journal_id_CSD 
_citation.book_publisher 
_citation.pdbx_database_id_PubMed 
_citation.pdbx_database_id_DOI 
primary 'Crystal structure of CHP2 complexed with NHE1-cytosolic region and an implication for pH regulation' 'Embo J.' 25 2315 
2325 2006 EMJODG UK 0261-4189 0897 ? 16710297 10.1038/sj.emboj.7601145  
1       
;Crystallization and preliminary crystallographic analysis of the human calcineurin homologous protein CHP2 bound to the cytoplasmic region of the Na+/H+ exchanger NHE1
;
'ACTA CRYSTALLOGR.,SECT.F' 61 956  958  2005 ?      DK 1744-3091 ?    ? ?        10.1107/S1744309105030836 
# 
loop_
_citation_author.citation_id 
_citation_author.name 
_citation_author.ordinal 
_citation_author.identifier_ORCID 
primary 'Ben Ammar, Y.'   1  ? 
primary 'Takeda, S.'      2  ? 
primary 'Hisamitsu, T.'   3  ? 
primary 'Mori, H.'        4  ? 
primary 'Wakabayashi, S.' 5  ? 
1       'Ben Ammar, Y.'   6  ? 
1       'Takeda, S.'      7  ? 
1       'Sugawara, M.'    8  ? 
1       'Miyano, M.'      9  ? 
1       'Mori, H.'        10 ? 
1       'Wakabayashi, S.' 11 ? 
# 
loop_
_entity.id 
_entity.type 
_entity.src_method 
_entity.pdbx_description 
_entity.formula_weight 
_entity.pdbx_number_of_molecules 
_entity.pdbx_ec 
_entity.pdbx_mutation 
_entity.pdbx_fragment 
_entity.details 
1 polymer     man 'Calcineurin B homologous protein 2' 23316.289 1 ? ? ?                  ? 
2 polymer     man 'Sodium/hydrogen exchanger 1'        5015.683  1 ? ? 'residues 503-545' ? 
3 non-polymer syn 'YTTRIUM (III) ION'                  88.906    2 ? ? ?                  ? 
# 
loop_
_entity_name_com.entity_id 
_entity_name_com.name 
1 'Hepatocellular carcinoma-associated antigen 520, Human Calcineurin Homologous Protein CHP2'                        
2 'Na(+)/H(+) exchanger 1, NHE-1, Solute carrier family 9 member 1, Na(+)/H(+) antiporter, amiloride-sensitive, APNH' 
# 
loop_
_entity_poly.entity_id 
_entity_poly.type 
_entity_poly.nstd_linkage 
_entity_poly.nstd_monomer 
_entity_poly.pdbx_seq_one_letter_code 
_entity_poly.pdbx_seq_one_letter_code_can 
_entity_poly.pdbx_strand_id 
_entity_poly.pdbx_target_identifier 
1 'polypeptide(L)' no no 
;MGSRSSHAAVIPDGDSIRRETGFSQASLLRLHHRFRALDRNKKGYLSRMDLQQIGALAVNPLGDRIIESFFPDGSQRVDF
PGFVRVLAHFRPVEDEDTETQDPKKPEPLNSRRNKLHYAFQLYDLDRDGKISRHEMLQVLRLMVGVQVTEEQLENIADRT
VQEADEDGDGAVSFVEFTKSLEKMDVEQKMSIRILKHHHHHH
;
;MGSRSSHAAVIPDGDSIRRETGFSQASLLRLHHRFRALDRNKKGYLSRMDLQQIGALAVNPLGDRIIESFFPDGSQRVDF
PGFVRVLAHFRPVEDEDTETQDPKKPEPLNSRRNKLHYAFQLYDLDRDGKISRHEMLQVLRLMVGVQVTEEQLENIADRT
VQEADEDGDGAVSFVEFTKSLEKMDVEQKMSIRILKHHHHHH
;
A ? 
2 'polypeptide(L)' no no VDLLAVKKKQETKRSINEEIHTQFLDHLLTGIEDICGHYGHHH VDLLAVKKKQETKRSINEEIHTQFLDHLLTGIEDICGHYGHHH B ? 
# 
_pdbx_entity_nonpoly.entity_id   3 
_pdbx_entity_nonpoly.name        'YTTRIUM (III) ION' 
_pdbx_entity_nonpoly.comp_id     YT3 
# 
loop_
_entity_poly_seq.entity_id 
_entity_poly_seq.num 
_entity_poly_seq.mon_id 
_entity_poly_seq.hetero 
1 1   MET n 
1 2   GLY n 
1 3   SER n 
1 4   ARG n 
1 5   SER n 
1 6   SER n 
1 7   HIS n 
1 8   ALA n 
1 9   ALA n 
1 10  VAL n 
1 11  ILE n 
1 12  PRO n 
1 13  ASP n 
1 14  GLY n 
1 15  ASP n 
1 16  SER n 
1 17  ILE n 
1 18  ARG n 
1 19  ARG n 
1 20  GLU n 
1 21  THR n 
1 22  GLY n 
1 23  PHE n 
1 24  SER n 
1 25  GLN n 
1 26  ALA n 
1 27  SER n 
1 28  LEU n 
1 29  LEU n 
1 30  ARG n 
1 31  LEU n 
1 32  HIS n 
1 33  HIS n 
1 34  ARG n 
1 35  PHE n 
1 36  ARG n 
1 37  ALA n 
1 38  LEU n 
1 39  ASP n 
1 40  ARG n 
1 41  ASN n 
1 42  LYS n 
1 43  LYS n 
1 44  GLY n 
1 45  TYR n 
1 46  LEU n 
1 47  SER n 
1 48  ARG n 
1 49  MET n 
1 50  ASP n 
1 51  LEU n 
1 52  GLN n 
1 53  GLN n 
1 54  ILE n 
1 55  GLY n 
1 56  ALA n 
1 57  LEU n 
1 58  ALA n 
1 59  VAL n 
1 60  ASN n 
1 61  PRO n 
1 62  LEU n 
1 63  GLY n 
1 64  ASP n 
1 65  ARG n 
1 66  ILE n 
1 67  ILE n 
1 68  GLU n 
1 69  SER n 
1 70  PHE n 
1 71  PHE n 
1 72  PRO n 
1 73  ASP n 
1 74  GLY n 
1 75  SER n 
1 76  GLN n 
1 77  ARG n 
1 78  VAL n 
1 79  ASP n 
1 80  PHE n 
1 81  PRO n 
1 82  GLY n 
1 83  PHE n 
1 84  VAL n 
1 85  ARG n 
1 86  VAL n 
1 87  LEU n 
1 88  ALA n 
1 89  HIS n 
1 90  PHE n 
1 91  ARG n 
1 92  PRO n 
1 93  VAL n 
1 94  GLU n 
1 95  ASP n 
1 96  GLU n 
1 97  ASP n 
1 98  THR n 
1 99  GLU n 
1 100 THR n 
1 101 GLN n 
1 102 ASP n 
1 103 PRO n 
1 104 LYS n 
1 105 LYS n 
1 106 PRO n 
1 107 GLU n 
1 108 PRO n 
1 109 LEU n 
1 110 ASN n 
1 111 SER n 
1 112 ARG n 
1 113 ARG n 
1 114 ASN n 
1 115 LYS n 
1 116 LEU n 
1 117 HIS n 
1 118 TYR n 
1 119 ALA n 
1 120 PHE n 
1 121 GLN n 
1 122 LEU n 
1 123 TYR n 
1 124 ASP n 
1 125 LEU n 
1 126 ASP n 
1 127 ARG n 
1 128 ASP n 
1 129 GLY n 
1 130 LYS n 
1 131 ILE n 
1 132 SER n 
1 133 ARG n 
1 134 HIS n 
1 135 GLU n 
1 136 MET n 
1 137 LEU n 
1 138 GLN n 
1 139 VAL n 
1 140 LEU n 
1 141 ARG n 
1 142 LEU n 
1 143 MET n 
1 144 VAL n 
1 145 GLY n 
1 146 VAL n 
1 147 GLN n 
1 148 VAL n 
1 149 THR n 
1 150 GLU n 
1 151 GLU n 
1 152 GLN n 
1 153 LEU n 
1 154 GLU n 
1 155 ASN n 
1 156 ILE n 
1 157 ALA n 
1 158 ASP n 
1 159 ARG n 
1 160 THR n 
1 161 VAL n 
1 162 GLN n 
1 163 GLU n 
1 164 ALA n 
1 165 ASP n 
1 166 GLU n 
1 167 ASP n 
1 168 GLY n 
1 169 ASP n 
1 170 GLY n 
1 171 ALA n 
1 172 VAL n 
1 173 SER n 
1 174 PHE n 
1 175 VAL n 
1 176 GLU n 
1 177 PHE n 
1 178 THR n 
1 179 LYS n 
1 180 SER n 
1 181 LEU n 
1 182 GLU n 
1 183 LYS n 
1 184 MET n 
1 185 ASP n 
1 186 VAL n 
1 187 GLU n 
1 188 GLN n 
1 189 LYS n 
1 190 MET n 
1 191 SER n 
1 192 ILE n 
1 193 ARG n 
1 194 ILE n 
1 195 LEU n 
1 196 LYS n 
1 197 HIS n 
1 198 HIS n 
1 199 HIS n 
1 200 HIS n 
1 201 HIS n 
1 202 HIS n 
2 1   VAL n 
2 2   ASP n 
2 3   LEU n 
2 4   LEU n 
2 5   ALA n 
2 6   VAL n 
2 7   LYS n 
2 8   LYS n 
2 9   LYS n 
2 10  GLN n 
2 11  GLU n 
2 12  THR n 
2 13  LYS n 
2 14  ARG n 
2 15  SER n 
2 16  ILE n 
2 17  ASN n 
2 18  GLU n 
2 19  GLU n 
2 20  ILE n 
2 21  HIS n 
2 22  THR n 
2 23  GLN n 
2 24  PHE n 
2 25  LEU n 
2 26  ASP n 
2 27  HIS n 
2 28  LEU n 
2 29  LEU n 
2 30  THR n 
2 31  GLY n 
2 32  ILE n 
2 33  GLU n 
2 34  ASP n 
2 35  ILE n 
2 36  CYS n 
2 37  GLY n 
2 38  HIS n 
2 39  TYR n 
2 40  GLY n 
2 41  HIS n 
2 42  HIS n 
2 43  HIS n 
# 
loop_
_entity_src_gen.entity_id 
_entity_src_gen.pdbx_src_id 
_entity_src_gen.pdbx_alt_source_flag 
_entity_src_gen.pdbx_seq_type 
_entity_src_gen.pdbx_beg_seq_num 
_entity_src_gen.pdbx_end_seq_num 
_entity_src_gen.gene_src_common_name 
_entity_src_gen.gene_src_genus 
_entity_src_gen.pdbx_gene_src_gene 
_entity_src_gen.gene_src_species 
_entity_src_gen.gene_src_strain 
_entity_src_gen.gene_src_tissue 
_entity_src_gen.gene_src_tissue_fraction 
_entity_src_gen.gene_src_details 
_entity_src_gen.pdbx_gene_src_fragment 
_entity_src_gen.pdbx_gene_src_scientific_name 
_entity_src_gen.pdbx_gene_src_ncbi_taxonomy_id 
_entity_src_gen.pdbx_gene_src_variant 
_entity_src_gen.pdbx_gene_src_cell_line 
_entity_src_gen.pdbx_gene_src_atcc 
_entity_src_gen.pdbx_gene_src_organ 
_entity_src_gen.pdbx_gene_src_organelle 
_entity_src_gen.pdbx_gene_src_cell 
_entity_src_gen.pdbx_gene_src_cellular_location 
_entity_src_gen.host_org_common_name 
_entity_src_gen.pdbx_host_org_scientific_name 
_entity_src_gen.pdbx_host_org_ncbi_taxonomy_id 
_entity_src_gen.host_org_genus 
_entity_src_gen.pdbx_host_org_gene 
_entity_src_gen.pdbx_host_org_organ 
_entity_src_gen.host_org_species 
_entity_src_gen.pdbx_host_org_tissue 
_entity_src_gen.pdbx_host_org_tissue_fraction 
_entity_src_gen.pdbx_host_org_strain 
_entity_src_gen.pdbx_host_org_variant 
_entity_src_gen.pdbx_host_org_cell_line 
_entity_src_gen.pdbx_host_org_atcc 
_entity_src_gen.pdbx_host_org_culture_collection 
_entity_src_gen.pdbx_host_org_cell 
_entity_src_gen.pdbx_host_org_organelle 
_entity_src_gen.pdbx_host_org_cellular_location 
_entity_src_gen.pdbx_host_org_vector_type 
_entity_src_gen.pdbx_host_org_vector 
_entity_src_gen.host_org_details 
_entity_src_gen.expression_system_id 
_entity_src_gen.plasmid_name 
_entity_src_gen.plasmid_details 
_entity_src_gen.pdbx_description 
1 1 sample ? ? ? human Homo ? ? ? ? ? ? ? 'Homo sapiens' 9606 ? ? ? ? ? ? ? ? 'Escherichia coli' 562 Escherichia ? ? ? ? ? 
BL21-Star ? ? ? ? ? ? ? plasmid ? ? ? pET11 ? ? 
2 1 sample ? ? ? human Homo ? ? ? ? ? ? ? 'Homo sapiens' 9606 ? ? ? ? ? ? ? ? 'Escherichia coli' 562 Escherichia ? ? ? ? ? 
BL21-Star ? ? ? ? ? ? ? plasmid ? ? ? pET24 ? ? 
# 
loop_
_chem_comp.id 
_chem_comp.type 
_chem_comp.mon_nstd_flag 
_chem_comp.name 
_chem_comp.pdbx_synonyms 
_chem_comp.formula 
_chem_comp.formula_weight 
ALA 'L-peptide linking' y ALANINE             ? 'C3 H7 N O2'     89.093  
ARG 'L-peptide linking' y ARGININE            ? 'C6 H15 N4 O2 1' 175.209 
ASN 'L-peptide linking' y ASPARAGINE          ? 'C4 H8 N2 O3'    132.118 
ASP 'L-peptide linking' y 'ASPARTIC ACID'     ? 'C4 H7 N O4'     133.103 
CYS 'L-peptide linking' y CYSTEINE            ? 'C3 H7 N O2 S'   121.158 
GLN 'L-peptide linking' y GLUTAMINE           ? 'C5 H10 N2 O3'   146.144 
GLU 'L-peptide linking' y 'GLUTAMIC ACID'     ? 'C5 H9 N O4'     147.129 
GLY 'peptide linking'   y GLYCINE             ? 'C2 H5 N O2'     75.067  
HIS 'L-peptide linking' y HISTIDINE           ? 'C6 H10 N3 O2 1' 156.162 
ILE 'L-peptide linking' y ISOLEUCINE          ? 'C6 H13 N O2'    131.173 
LEU 'L-peptide linking' y LEUCINE             ? 'C6 H13 N O2'    131.173 
LYS 'L-peptide linking' y LYSINE              ? 'C6 H15 N2 O2 1' 147.195 
MET 'L-peptide linking' y METHIONINE          ? 'C5 H11 N O2 S'  149.211 
PHE 'L-peptide linking' y PHENYLALANINE       ? 'C9 H11 N O2'    165.189 
PRO 'L-peptide linking' y PROLINE             ? 'C5 H9 N O2'     115.130 
SER 'L-peptide linking' y SERINE              ? 'C3 H7 N O3'     105.093 
THR 'L-peptide linking' y THREONINE           ? 'C4 H9 N O3'     119.119 
TYR 'L-peptide linking' y TYROSINE            ? 'C9 H11 N O3'    181.189 
VAL 'L-peptide linking' y VALINE              ? 'C5 H11 N O2'    117.146 
YT3 non-polymer         . 'YTTRIUM (III) ION' ? 'Y 3'            88.906  
# 
loop_
_pdbx_poly_seq_scheme.asym_id 
_pdbx_poly_seq_scheme.entity_id 
_pdbx_poly_seq_scheme.seq_id 
_pdbx_poly_seq_scheme.mon_id 
_pdbx_poly_seq_scheme.ndb_seq_num 
_pdbx_poly_seq_scheme.pdb_seq_num 
_pdbx_poly_seq_scheme.auth_seq_num 
_pdbx_poly_seq_scheme.pdb_mon_id 
_pdbx_poly_seq_scheme.auth_mon_id 
_pdbx_poly_seq_scheme.pdb_strand_id 
_pdbx_poly_seq_scheme.pdb_ins_code 
_pdbx_poly_seq_scheme.hetero 
A 1 1   MET 1   1   ?   ?   ?   A . n 
A 1 2   GLY 2   2   ?   ?   ?   A . n 
A 1 3   SER 3   3   ?   ?   ?   A . n 
A 1 4   ARG 4   4   ?   ?   ?   A . n 
A 1 5   SER 5   5   ?   ?   ?   A . n 
A 1 6   SER 6   6   ?   ?   ?   A . n 
A 1 7   HIS 7   7   ?   ?   ?   A . n 
A 1 8   ALA 8   8   ?   ?   ?   A . n 
A 1 9   ALA 9   9   ?   ?   ?   A . n 
A 1 10  VAL 10  10  ?   ?   ?   A . n 
A 1 11  ILE 11  11  11  ILE ILE A . n 
A 1 12  PRO 12  12  12  PRO PRO A . n 
A 1 13  ASP 13  13  13  ASP ASP A . n 
A 1 14  GLY 14  14  14  GLY GLY A . n 
A 1 15  ASP 15  15  15  ASP ASP A . n 
A 1 16  SER 16  16  16  SER SER A . n 
A 1 17  ILE 17  17  17  ILE ILE A . n 
A 1 18  ARG 18  18  18  ARG ARG A . n 
A 1 19  ARG 19  19  19  ARG ARG A . n 
A 1 20  GLU 20  20  20  GLU GLU A . n 
A 1 21  THR 21  21  21  THR THR A . n 
A 1 22  GLY 22  22  22  GLY GLY A . n 
A 1 23  PHE 23  23  23  PHE PHE A . n 
A 1 24  SER 24  24  24  SER SER A . n 
A 1 25  GLN 25  25  25  GLN GLN A . n 
A 1 26  ALA 26  26  26  ALA ALA A . n 
A 1 27  SER 27  27  27  SER SER A . n 
A 1 28  LEU 28  28  28  LEU LEU A . n 
A 1 29  LEU 29  29  29  LEU LEU A . n 
A 1 30  ARG 30  30  30  ARG ARG A . n 
A 1 31  LEU 31  31  31  LEU LEU A . n 
A 1 32  HIS 32  32  32  HIS HIS A . n 
A 1 33  HIS 33  33  33  HIS HIS A . n 
A 1 34  ARG 34  34  34  ARG ARG A . n 
A 1 35  PHE 35  35  35  PHE PHE A . n 
A 1 36  ARG 36  36  36  ARG ARG A . n 
A 1 37  ALA 37  37  37  ALA ALA A . n 
A 1 38  LEU 38  38  38  LEU LEU A . n 
A 1 39  ASP 39  39  39  ASP ASP A . n 
A 1 40  ARG 40  40  40  ARG ARG A . n 
A 1 41  ASN 41  41  41  ASN ASN A . n 
A 1 42  LYS 42  42  42  LYS LYS A . n 
A 1 43  LYS 43  43  43  LYS LYS A . n 
A 1 44  GLY 44  44  44  GLY GLY A . n 
A 1 45  TYR 45  45  45  TYR TYR A . n 
A 1 46  LEU 46  46  46  LEU LEU A . n 
A 1 47  SER 47  47  47  SER SER A . n 
A 1 48  ARG 48  48  48  ARG ARG A . n 
A 1 49  MET 49  49  49  MET MET A . n 
A 1 50  ASP 50  50  50  ASP ASP A . n 
A 1 51  LEU 51  51  51  LEU LEU A . n 
A 1 52  GLN 52  52  52  GLN GLN A . n 
A 1 53  GLN 53  53  53  GLN GLN A . n 
A 1 54  ILE 54  54  54  ILE ILE A . n 
A 1 55  GLY 55  55  55  GLY GLY A . n 
A 1 56  ALA 56  56  56  ALA ALA A . n 
A 1 57  LEU 57  57  57  LEU LEU A . n 
A 1 58  ALA 58  58  58  ALA ALA A . n 
A 1 59  VAL 59  59  59  VAL VAL A . n 
A 1 60  ASN 60  60  60  ASN ASN A . n 
A 1 61  PRO 61  61  61  PRO PRO A . n 
A 1 62  LEU 62  62  62  LEU LEU A . n 
A 1 63  GLY 63  63  63  GLY GLY A . n 
A 1 64  ASP 64  64  64  ASP ASP A . n 
A 1 65  ARG 65  65  65  ARG ARG A . n 
A 1 66  ILE 66  66  66  ILE ILE A . n 
A 1 67  ILE 67  67  67  ILE ILE A . n 
A 1 68  GLU 68  68  68  GLU GLU A . n 
A 1 69  SER 69  69  69  SER SER A . n 
A 1 70  PHE 70  70  70  PHE PHE A . n 
A 1 71  PHE 71  71  71  PHE PHE A . n 
A 1 72  PRO 72  72  72  PRO PRO A . n 
A 1 73  ASP 73  73  73  ASP ASP A . n 
A 1 74  GLY 74  74  74  GLY GLY A . n 
A 1 75  SER 75  75  75  SER SER A . n 
A 1 76  GLN 76  76  76  GLN GLN A . n 
A 1 77  ARG 77  77  77  ARG ARG A . n 
A 1 78  VAL 78  78  78  VAL VAL A . n 
A 1 79  ASP 79  79  79  ASP ASP A . n 
A 1 80  PHE 80  80  80  PHE PHE A . n 
A 1 81  PRO 81  81  81  PRO PRO A . n 
A 1 82  GLY 82  82  82  GLY GLY A . n 
A 1 83  PHE 83  83  83  PHE PHE A . n 
A 1 84  VAL 84  84  84  VAL VAL A . n 
A 1 85  ARG 85  85  85  ARG ARG A . n 
A 1 86  VAL 86  86  86  VAL VAL A . n 
A 1 87  LEU 87  87  87  LEU LEU A . n 
A 1 88  ALA 88  88  88  ALA ALA A . n 
A 1 89  HIS 89  89  89  HIS HIS A . n 
A 1 90  PHE 90  90  90  PHE PHE A . n 
A 1 91  ARG 91  91  91  ARG ARG A . n 
A 1 92  PRO 92  92  92  PRO PRO A . n 
A 1 93  VAL 93  93  93  VAL VAL A . n 
A 1 94  GLU 94  94  94  GLU GLU A . n 
A 1 95  ASP 95  95  95  ASP ASP A . n 
A 1 96  GLU 96  96  96  GLU GLU A . n 
A 1 97  ASP 97  97  97  ASP ASP A . n 
A 1 98  THR 98  98  98  THR THR A . n 
A 1 99  GLU 99  99  99  GLU GLU A . n 
A 1 100 THR 100 100 ?   ?   ?   A . n 
A 1 101 GLN 101 101 ?   ?   ?   A . n 
A 1 102 ASP 102 102 ?   ?   ?   A . n 
A 1 103 PRO 103 103 ?   ?   ?   A . n 
A 1 104 LYS 104 104 ?   ?   ?   A . n 
A 1 105 LYS 105 105 105 LYS LYS A . n 
A 1 106 PRO 106 106 106 PRO PRO A . n 
A 1 107 GLU 107 107 107 GLU GLU A . n 
A 1 108 PRO 108 108 108 PRO PRO A . n 
A 1 109 LEU 109 109 109 LEU LEU A . n 
A 1 110 ASN 110 110 110 ASN ASN A . n 
A 1 111 SER 111 111 111 SER SER A . n 
A 1 112 ARG 112 112 112 ARG ARG A . n 
A 1 113 ARG 113 113 113 ARG ARG A . n 
A 1 114 ASN 114 114 114 ASN ASN A . n 
A 1 115 LYS 115 115 115 LYS LYS A . n 
A 1 116 LEU 116 116 116 LEU LEU A . n 
A 1 117 HIS 117 117 117 HIS HIS A . n 
A 1 118 TYR 118 118 118 TYR TYR A . n 
A 1 119 ALA 119 119 119 ALA ALA A . n 
A 1 120 PHE 120 120 120 PHE PHE A . n 
A 1 121 GLN 121 121 121 GLN GLN A . n 
A 1 122 LEU 122 122 122 LEU LEU A . n 
A 1 123 TYR 123 123 123 TYR TYR A . n 
A 1 124 ASP 124 124 124 ASP ASP A . n 
A 1 125 LEU 125 125 125 LEU LEU A . n 
A 1 126 ASP 126 126 126 ASP ASP A . n 
A 1 127 ARG 127 127 127 ARG ARG A . n 
A 1 128 ASP 128 128 128 ASP ASP A . n 
A 1 129 GLY 129 129 129 GLY GLY A . n 
A 1 130 LYS 130 130 130 LYS LYS A . n 
A 1 131 ILE 131 131 131 ILE ILE A . n 
A 1 132 SER 132 132 132 SER SER A . n 
A 1 133 ARG 133 133 133 ARG ARG A . n 
A 1 134 HIS 134 134 134 HIS HIS A . n 
A 1 135 GLU 135 135 135 GLU GLU A . n 
A 1 136 MET 136 136 136 MET MET A . n 
A 1 137 LEU 137 137 137 LEU LEU A . n 
A 1 138 GLN 138 138 138 GLN GLN A . n 
A 1 139 VAL 139 139 139 VAL VAL A . n 
A 1 140 LEU 140 140 140 LEU LEU A . n 
A 1 141 ARG 141 141 141 ARG ARG A . n 
A 1 142 LEU 142 142 142 LEU LEU A . n 
A 1 143 MET 143 143 143 MET MET A . n 
A 1 144 VAL 144 144 144 VAL VAL A . n 
A 1 145 GLY 145 145 145 GLY GLY A . n 
A 1 146 VAL 146 146 146 VAL VAL A . n 
A 1 147 GLN 147 147 147 GLN GLN A . n 
A 1 148 VAL 148 148 148 VAL VAL A . n 
A 1 149 THR 149 149 149 THR THR A . n 
A 1 150 GLU 150 150 150 GLU GLU A . n 
A 1 151 GLU 151 151 151 GLU GLU A . n 
A 1 152 GLN 152 152 152 GLN GLN A . n 
A 1 153 LEU 153 153 153 LEU LEU A . n 
A 1 154 GLU 154 154 154 GLU GLU A . n 
A 1 155 ASN 155 155 155 ASN ASN A . n 
A 1 156 ILE 156 156 156 ILE ILE A . n 
A 1 157 ALA 157 157 157 ALA ALA A . n 
A 1 158 ASP 158 158 158 ASP ASP A . n 
A 1 159 ARG 159 159 159 ARG ARG A . n 
A 1 160 THR 160 160 160 THR THR A . n 
A 1 161 VAL 161 161 161 VAL VAL A . n 
A 1 162 GLN 162 162 162 GLN GLN A . n 
A 1 163 GLU 163 163 163 GLU GLU A . n 
A 1 164 ALA 164 164 164 ALA ALA A . n 
A 1 165 ASP 165 165 165 ASP ASP A . n 
A 1 166 GLU 166 166 166 GLU GLU A . n 
A 1 167 ASP 167 167 167 ASP ASP A . n 
A 1 168 GLY 168 168 168 GLY GLY A . n 
A 1 169 ASP 169 169 169 ASP ASP A . n 
A 1 170 GLY 170 170 170 GLY GLY A . n 
A 1 171 ALA 171 171 171 ALA ALA A . n 
A 1 172 VAL 172 172 172 VAL VAL A . n 
A 1 173 SER 173 173 173 SER SER A . n 
A 1 174 PHE 174 174 174 PHE PHE A . n 
A 1 175 VAL 175 175 175 VAL VAL A . n 
A 1 176 GLU 176 176 176 GLU GLU A . n 
A 1 177 PHE 177 177 177 PHE PHE A . n 
A 1 178 THR 178 178 178 THR THR A . n 
A 1 179 LYS 179 179 179 LYS LYS A . n 
A 1 180 SER 180 180 180 SER SER A . n 
A 1 181 LEU 181 181 181 LEU LEU A . n 
A 1 182 GLU 182 182 182 GLU GLU A . n 
A 1 183 LYS 183 183 183 LYS LYS A . n 
A 1 184 MET 184 184 184 MET MET A . n 
A 1 185 ASP 185 185 185 ASP ASP A . n 
A 1 186 VAL 186 186 186 VAL VAL A . n 
A 1 187 GLU 187 187 187 GLU GLU A . n 
A 1 188 GLN 188 188 188 GLN GLN A . n 
A 1 189 LYS 189 189 189 LYS LYS A . n 
A 1 190 MET 190 190 190 MET MET A . n 
A 1 191 SER 191 191 191 SER SER A . n 
A 1 192 ILE 192 192 192 ILE ILE A . n 
A 1 193 ARG 193 193 193 ARG ARG A . n 
A 1 194 ILE 194 194 194 ILE ILE A . n 
A 1 195 LEU 195 195 195 LEU LEU A . n 
A 1 196 LYS 196 196 196 LYS LYS A . n 
A 1 197 HIS 197 197 ?   ?   ?   A . n 
A 1 198 HIS 198 198 ?   ?   ?   A . n 
A 1 199 HIS 199 199 ?   ?   ?   A . n 
A 1 200 HIS 200 200 ?   ?   ?   A . n 
A 1 201 HIS 201 201 ?   ?   ?   A . n 
A 1 202 HIS 202 202 ?   ?   ?   A . n 
B 2 1   VAL 1   503 ?   ?   ?   B . n 
B 2 2   ASP 2   504 ?   ?   ?   B . n 
B 2 3   LEU 3   505 ?   ?   ?   B . n 
B 2 4   LEU 4   506 ?   ?   ?   B . n 
B 2 5   ALA 5   507 ?   ?   ?   B . n 
B 2 6   VAL 6   508 ?   ?   ?   B . n 
B 2 7   LYS 7   509 ?   ?   ?   B . n 
B 2 8   LYS 8   510 ?   ?   ?   B . n 
B 2 9   LYS 9   511 ?   ?   ?   B . n 
B 2 10  GLN 10  512 ?   ?   ?   B . n 
B 2 11  GLU 11  513 ?   ?   ?   B . n 
B 2 12  THR 12  514 ?   ?   ?   B . n 
B 2 13  LYS 13  515 ?   ?   ?   B . n 
B 2 14  ARG 14  516 516 ARG ARG B . n 
B 2 15  SER 15  517 517 SER SER B . n 
B 2 16  ILE 16  518 518 ILE ILE B . n 
B 2 17  ASN 17  519 519 ASN ASN B . n 
B 2 18  GLU 18  520 520 GLU GLU B . n 
B 2 19  GLU 19  521 521 GLU GLU B . n 
B 2 20  ILE 20  522 522 ILE ILE B . n 
B 2 21  HIS 21  523 523 HIS HIS B . n 
B 2 22  THR 22  524 524 THR THR B . n 
B 2 23  GLN 23  525 525 GLN GLN B . n 
B 2 24  PHE 24  526 526 PHE PHE B . n 
B 2 25  LEU 25  527 527 LEU LEU B . n 
B 2 26  ASP 26  528 528 ASP ASP B . n 
B 2 27  HIS 27  529 529 HIS HIS B . n 
B 2 28  LEU 28  530 530 LEU LEU B . n 
B 2 29  LEU 29  531 531 LEU LEU B . n 
B 2 30  THR 30  532 532 THR THR B . n 
B 2 31  GLY 31  533 533 GLY GLY B . n 
B 2 32  ILE 32  534 534 ILE ILE B . n 
B 2 33  GLU 33  535 535 GLU GLU B . n 
B 2 34  ASP 34  536 536 ASP ASP B . n 
B 2 35  ILE 35  537 537 ILE ILE B . n 
B 2 36  CYS 36  538 538 CYS CYS B . n 
B 2 37  GLY 37  539 539 GLY GLY B . n 
B 2 38  HIS 38  540 540 HIS HIS B . n 
B 2 39  TYR 39  541 ?   ?   ?   B . n 
B 2 40  GLY 40  542 ?   ?   ?   B . n 
B 2 41  HIS 41  543 ?   ?   ?   B . n 
B 2 42  HIS 42  544 ?   ?   ?   B . n 
B 2 43  HIS 43  545 ?   ?   ?   B . n 
# 
loop_
_pdbx_nonpoly_scheme.asym_id 
_pdbx_nonpoly_scheme.entity_id 
_pdbx_nonpoly_scheme.mon_id 
_pdbx_nonpoly_scheme.ndb_seq_num 
_pdbx_nonpoly_scheme.pdb_seq_num 
_pdbx_nonpoly_scheme.auth_seq_num 
_pdbx_nonpoly_scheme.pdb_mon_id 
_pdbx_nonpoly_scheme.auth_mon_id 
_pdbx_nonpoly_scheme.pdb_strand_id 
_pdbx_nonpoly_scheme.pdb_ins_code 
C 3 YT3 1 1201 1201 YT3 YT3 A . 
D 3 YT3 1 1202 1202 YT3 YT3 A . 
# 
loop_
_software.name 
_software.classification 
_software.version 
_software.citation_id 
_software.pdbx_ordinal 
HKL-2000  'data collection' . ? 1 
SCALEPACK 'data scaling'    . ? 2 
SOLVE     phasing           . ? 3 
CNS       refinement        . ? 4 
HKL-2000  'data reduction'  . ? 5 
# 
_cell.entry_id           2BEC 
_cell.length_a           49.262 
_cell.length_b           49.262 
_cell.length_c           102.587 
_cell.angle_alpha        90.00 
_cell.angle_beta         90.00 
_cell.angle_gamma        90.00 
_cell.Z_PDB              4 
_cell.pdbx_unique_axis   ? 
_cell.length_a_esd       ? 
_cell.length_b_esd       ? 
_cell.length_c_esd       ? 
_cell.angle_alpha_esd    ? 
_cell.angle_beta_esd     ? 
_cell.angle_gamma_esd    ? 
# 
_symmetry.entry_id                         2BEC 
_symmetry.space_group_name_H-M             'P 43' 
_symmetry.pdbx_full_space_group_name_H-M   ? 
_symmetry.cell_setting                     ? 
_symmetry.Int_Tables_number                78 
_symmetry.space_group_name_Hall            ? 
# 
_exptl.entry_id          2BEC 
_exptl.method            'X-RAY DIFFRACTION' 
_exptl.crystals_number   1 
# 
_exptl_crystal.id                    1 
_exptl_crystal.density_meas          ? 
_exptl_crystal.density_Matthews      2.20 
_exptl_crystal.density_percent_sol   43.99 
_exptl_crystal.description           ? 
_exptl_crystal.F_000                 ? 
_exptl_crystal.preparation           ? 
# 
_exptl_crystal_grow.crystal_id      1 
_exptl_crystal_grow.method          'VAPOR DIFFUSION, SITTING DROP' 
_exptl_crystal_grow.temp            293 
_exptl_crystal_grow.temp_details    ? 
_exptl_crystal_grow.pH              5.5 
_exptl_crystal_grow.pdbx_details    
'25% PEG 3350, 0.2M ammonium acetate, 0.1M Bis-Tris, 0.01M yttrium chloride, pH 5.5, VAPOR DIFFUSION, SITTING DROP, temperature 293K' 
_exptl_crystal_grow.pdbx_pH_range   . 
# 
loop_
_diffrn.id 
_diffrn.ambient_temp 
_diffrn.ambient_temp_details 
_diffrn.crystal_id 
1 90 ? 1 
2 ?  ? 1 
# 
loop_
_diffrn_detector.diffrn_id 
_diffrn_detector.detector 
_diffrn_detector.type 
_diffrn_detector.pdbx_collection_date 
_diffrn_detector.details 
1 CCD 'ADSC QUANTUM 315' 2005-07-11 ? 
2 CCD 'ADSC QUANTUM 210' 2004-12-20 ? 
# 
loop_
_diffrn_radiation.diffrn_id 
_diffrn_radiation.wavelength_id 
_diffrn_radiation.pdbx_monochromatic_or_laue_m_l 
_diffrn_radiation.monochromator 
_diffrn_radiation.pdbx_diffrn_protocol 
_diffrn_radiation.pdbx_scattering_type 
1 1 M 'rotated-inclined double-crystal monochromator' 'SINGLE WAVELENGTH' x-ray 
2 2 M ?                                               MAD                 x-ray 
# 
loop_
_diffrn_radiation_wavelength.id 
_diffrn_radiation_wavelength.wavelength 
_diffrn_radiation_wavelength.wt 
1 1.0000 1.0 
2 0.7270 1.0 
3 0.7266 1.0 
# 
loop_
_diffrn_source.diffrn_id 
_diffrn_source.source 
_diffrn_source.type 
_diffrn_source.pdbx_synchrotron_site 
_diffrn_source.pdbx_synchrotron_beamline 
_diffrn_source.pdbx_wavelength 
_diffrn_source.pdbx_wavelength_list 
1 SYNCHROTRON 'SPRING-8 BEAMLINE BL41XU' SPring-8 BL41XU ? 1.0000                   
2 SYNCHROTRON 'SPRING-8 BEAMLINE BL44B2' SPring-8 BL44B2 ? '0.7270, 0.7266, 1.0000' 
# 
_reflns.entry_id                     2BEC 
_reflns.observed_criterion_sigma_I   0 
_reflns.observed_criterion_sigma_F   0 
_reflns.d_resolution_low             50 
_reflns.d_resolution_high            2.7 
_reflns.number_obs                   6807 
_reflns.number_all                   6996 
_reflns.percent_possible_obs         97.3 
_reflns.pdbx_Rmerge_I_obs            ? 
_reflns.pdbx_Rsym_value              ? 
_reflns.pdbx_netI_over_sigmaI        ? 
_reflns.B_iso_Wilson_estimate        ? 
_reflns.pdbx_redundancy              ? 
_reflns.R_free_details               ? 
_reflns.limit_h_max                  ? 
_reflns.limit_h_min                  ? 
_reflns.limit_k_max                  ? 
_reflns.limit_k_min                  ? 
_reflns.limit_l_max                  ? 
_reflns.limit_l_min                  ? 
_reflns.observed_criterion_F_max     ? 
_reflns.observed_criterion_F_min     ? 
_reflns.pdbx_chi_squared             ? 
_reflns.pdbx_scaling_rejects         ? 
_reflns.pdbx_diffrn_id               1,2 
_reflns.pdbx_ordinal                 1 
# 
_reflns_shell.d_res_high             2.7 
_reflns_shell.d_res_low              2.8 
_reflns_shell.percent_possible_all   83.1 
_reflns_shell.Rmerge_I_obs           ? 
_reflns_shell.pdbx_Rsym_value        ? 
_reflns_shell.meanI_over_sigI_obs    ? 
_reflns_shell.pdbx_redundancy        ? 
_reflns_shell.percent_possible_obs   ? 
_reflns_shell.number_unique_all      ? 
_reflns_shell.number_measured_all    ? 
_reflns_shell.number_measured_obs    ? 
_reflns_shell.number_unique_obs      ? 
_reflns_shell.pdbx_chi_squared       ? 
_reflns_shell.pdbx_diffrn_id         ? 
_reflns_shell.pdbx_ordinal           1 
# 
_refine.entry_id                                 2BEC 
_refine.ls_number_reflns_obs                     6653 
_refine.ls_number_reflns_all                     6746 
_refine.pdbx_ls_sigma_I                          ? 
_refine.pdbx_ls_sigma_F                          0 
_refine.pdbx_data_cutoff_high_absF               ? 
_refine.pdbx_data_cutoff_low_absF                ? 
_refine.pdbx_data_cutoff_high_rms_absF           ? 
_refine.ls_d_res_low                             50 
_refine.ls_d_res_high                            2.7 
_refine.ls_percent_reflns_obs                    ? 
_refine.ls_R_factor_obs                          0.22 
_refine.ls_R_factor_all                          0.22 
_refine.ls_R_factor_R_work                       0.218 
_refine.ls_R_factor_R_free                       0.287 
_refine.ls_R_factor_R_free_error                 ? 
_refine.ls_R_factor_R_free_error_details         ? 
_refine.ls_percent_reflns_R_free                 ? 
_refine.ls_number_reflns_R_free                  350 
_refine.ls_number_parameters                     ? 
_refine.ls_number_restraints                     ? 
_refine.occupancy_min                            ? 
_refine.occupancy_max                            ? 
_refine.correlation_coeff_Fo_to_Fc               ? 
_refine.correlation_coeff_Fo_to_Fc_free          ? 
_refine.B_iso_mean                               ? 
_refine.aniso_B[1][1]                            ? 
_refine.aniso_B[2][2]                            ? 
_refine.aniso_B[3][3]                            ? 
_refine.aniso_B[1][2]                            ? 
_refine.aniso_B[1][3]                            ? 
_refine.aniso_B[2][3]                            ? 
_refine.solvent_model_details                    ? 
_refine.solvent_model_param_ksol                 ? 
_refine.solvent_model_param_bsol                 ? 
_refine.pdbx_solvent_vdw_probe_radii             ? 
_refine.pdbx_solvent_ion_probe_radii             ? 
_refine.pdbx_solvent_shrinkage_radii             ? 
_refine.pdbx_ls_cross_valid_method               ? 
_refine.details                                  ? 
_refine.pdbx_starting_model                      ? 
_refine.pdbx_method_to_determine_struct          MAD 
_refine.pdbx_isotropic_thermal_model             ? 
_refine.pdbx_stereochemistry_target_values       'Engh & Huber' 
_refine.pdbx_stereochem_target_val_spec_case     ? 
_refine.pdbx_R_Free_selection_details            random 
_refine.pdbx_overall_ESU_R                       ? 
_refine.pdbx_overall_ESU_R_Free                  ? 
_refine.overall_SU_ML                            ? 
_refine.overall_SU_B                             ? 
_refine.ls_redundancy_reflns_obs                 ? 
_refine.B_iso_min                                ? 
_refine.B_iso_max                                ? 
_refine.overall_SU_R_Cruickshank_DPI             ? 
_refine.overall_SU_R_free                        ? 
_refine.ls_wR_factor_R_free                      ? 
_refine.ls_wR_factor_R_work                      ? 
_refine.overall_FOM_free_R_set                   ? 
_refine.overall_FOM_work_R_set                   ? 
_refine.pdbx_refine_id                           'X-RAY DIFFRACTION' 
_refine.pdbx_diffrn_id                           1 
_refine.pdbx_TLS_residual_ADP_flag               ? 
_refine.pdbx_overall_phase_error                 ? 
_refine.pdbx_overall_SU_R_free_Cruickshank_DPI   ? 
_refine.pdbx_overall_SU_R_Blow_DPI               ? 
_refine.pdbx_overall_SU_R_free_Blow_DPI          ? 
# 
_refine_hist.pdbx_refine_id                   'X-RAY DIFFRACTION' 
_refine_hist.cycle_id                         LAST 
_refine_hist.pdbx_number_atoms_protein        1672 
_refine_hist.pdbx_number_atoms_nucleic_acid   0 
_refine_hist.pdbx_number_atoms_ligand         2 
_refine_hist.number_atoms_solvent             0 
_refine_hist.number_atoms_total               1674 
_refine_hist.d_res_high                       2.7 
_refine_hist.d_res_low                        50 
# 
loop_
_refine_ls_restr.type 
_refine_ls_restr.dev_ideal 
_refine_ls_restr.dev_ideal_target 
_refine_ls_restr.weight 
_refine_ls_restr.number 
_refine_ls_restr.pdbx_refine_id 
_refine_ls_restr.pdbx_restraint_function 
c_bond_d    0.004751 ? ? ? 'X-RAY DIFFRACTION' ? 
c_angle_deg 1.00095  ? ? ? 'X-RAY DIFFRACTION' ? 
# 
_refine_ls_shell.pdbx_total_number_of_bins_used   ? 
_refine_ls_shell.d_res_high                       2.7 
_refine_ls_shell.d_res_low                        2.8 
_refine_ls_shell.number_reflns_R_work             ? 
_refine_ls_shell.R_factor_R_work                  0.385 
_refine_ls_shell.percent_reflns_obs               ? 
_refine_ls_shell.R_factor_R_free                  0.514 
_refine_ls_shell.R_factor_R_free_error            ? 
_refine_ls_shell.percent_reflns_R_free            ? 
_refine_ls_shell.number_reflns_R_free             ? 
_refine_ls_shell.number_reflns_obs                ? 
_refine_ls_shell.redundancy_reflns_obs            ? 
_refine_ls_shell.number_reflns_all                ? 
_refine_ls_shell.R_factor_all                     ? 
_refine_ls_shell.pdbx_refine_id                   'X-RAY DIFFRACTION' 
# 
_struct.entry_id                  2BEC 
_struct.title                     
'Crystal structure of CHP2 in complex with its binding region in NHE1 and insights into the mechanism of pH regulation' 
_struct.pdbx_model_details        ? 
_struct.pdbx_CASP_flag            ? 
_struct.pdbx_model_type_details   ? 
# 
_struct_keywords.entry_id        2BEC 
_struct_keywords.pdbx_keywords   'METAL BINDING PROTEIN/TRANSPORT PROTEIN' 
_struct_keywords.text            
'Calcineurin-homologous protein, Calcium-binding protein, NHE1 regulating protein, METAL BINDING PROTEIN-TRANSPORT PROTEIN COMPLEX' 
# 
loop_
_struct_asym.id 
_struct_asym.pdbx_blank_PDB_chainid_flag 
_struct_asym.pdbx_modified 
_struct_asym.entity_id 
_struct_asym.details 
A N N 1 ? 
B N N 2 ? 
C N N 3 ? 
D N N 3 ? 
# 
loop_
_struct_ref.id 
_struct_ref.db_name 
_struct_ref.db_code 
_struct_ref.pdbx_db_accession 
_struct_ref.entity_id 
_struct_ref.pdbx_align_begin 
_struct_ref.pdbx_db_isoform 
_struct_ref.pdbx_seq_one_letter_code 
1 UNP CHP2_HUMAN  O43745 1 1   ? ? 
2 UNP SL9A1_HUMAN P19634 2 503 ? ? 
# 
loop_
_struct_ref_seq.align_id 
_struct_ref_seq.ref_id 
_struct_ref_seq.pdbx_PDB_id_code 
_struct_ref_seq.pdbx_strand_id 
_struct_ref_seq.seq_align_beg 
_struct_ref_seq.pdbx_seq_align_beg_ins_code 
_struct_ref_seq.seq_align_end 
_struct_ref_seq.pdbx_seq_align_end_ins_code 
_struct_ref_seq.pdbx_db_accession 
_struct_ref_seq.db_align_beg 
_struct_ref_seq.pdbx_db_align_beg_ins_code 
_struct_ref_seq.db_align_end 
_struct_ref_seq.pdbx_db_align_end_ins_code 
_struct_ref_seq.pdbx_auth_seq_align_beg 
_struct_ref_seq.pdbx_auth_seq_align_end 
1 1 2BEC A 1 ? 196 ? O43745 1   ? 195 ? 1   196 
2 2 2BEC B 1 ? 43  ? P19634 503 ? 545 ? 503 545 
# 
loop_
_struct_ref_seq_dif.align_id 
_struct_ref_seq_dif.pdbx_pdb_id_code 
_struct_ref_seq_dif.mon_id 
_struct_ref_seq_dif.pdbx_pdb_strand_id 
_struct_ref_seq_dif.seq_num 
_struct_ref_seq_dif.pdbx_pdb_ins_code 
_struct_ref_seq_dif.pdbx_seq_db_name 
_struct_ref_seq_dif.pdbx_seq_db_accession_code 
_struct_ref_seq_dif.db_mon_id 
_struct_ref_seq_dif.pdbx_seq_db_seq_num 
_struct_ref_seq_dif.details 
_struct_ref_seq_dif.pdbx_auth_seq_num 
_struct_ref_seq_dif.pdbx_ordinal 
1 2BEC HIS A 197 ? UNP O43745 ? ? 'expression tag' 197 1 
1 2BEC HIS A 198 ? UNP O43745 ? ? 'expression tag' 198 2 
1 2BEC HIS A 199 ? UNP O43745 ? ? 'expression tag' 199 3 
1 2BEC HIS A 200 ? UNP O43745 ? ? 'expression tag' 200 4 
1 2BEC HIS A 201 ? UNP O43745 ? ? 'expression tag' 201 5 
1 2BEC HIS A 202 ? UNP O43745 ? ? 'expression tag' 202 6 
# 
_pdbx_struct_assembly.id                   1 
_pdbx_struct_assembly.details              author_and_software_defined_assembly 
_pdbx_struct_assembly.method_details       PISA 
_pdbx_struct_assembly.oligomeric_details   dimeric 
_pdbx_struct_assembly.oligomeric_count     2 
# 
loop_
_pdbx_struct_assembly_prop.biol_id 
_pdbx_struct_assembly_prop.type 
_pdbx_struct_assembly_prop.value 
_pdbx_struct_assembly_prop.details 
1 'ABSA (A^2)' 3320  ? 
1 MORE         -40   ? 
1 'SSA (A^2)'  10970 ? 
# 
_pdbx_struct_assembly_gen.assembly_id       1 
_pdbx_struct_assembly_gen.oper_expression   1 
_pdbx_struct_assembly_gen.asym_id_list      A,B,C,D 
# 
_pdbx_struct_oper_list.id                   1 
_pdbx_struct_oper_list.type                 'identity operation' 
_pdbx_struct_oper_list.name                 1_555 
_pdbx_struct_oper_list.symmetry_operation   x,y,z 
_pdbx_struct_oper_list.matrix[1][1]         1.0000000000 
_pdbx_struct_oper_list.matrix[1][2]         0.0000000000 
_pdbx_struct_oper_list.matrix[1][3]         0.0000000000 
_pdbx_struct_oper_list.vector[1]            0.0000000000 
_pdbx_struct_oper_list.matrix[2][1]         0.0000000000 
_pdbx_struct_oper_list.matrix[2][2]         1.0000000000 
_pdbx_struct_oper_list.matrix[2][3]         0.0000000000 
_pdbx_struct_oper_list.vector[2]            0.0000000000 
_pdbx_struct_oper_list.matrix[3][1]         0.0000000000 
_pdbx_struct_oper_list.matrix[3][2]         0.0000000000 
_pdbx_struct_oper_list.matrix[3][3]         1.0000000000 
_pdbx_struct_oper_list.vector[3]            0.0000000000 
# 
_struct_biol.id                    1 
_struct_biol.details               'Asymmetric unit contains one physiological unit' 
_struct_biol.pdbx_parent_biol_id   ? 
# 
loop_
_struct_conf.conf_type_id 
_struct_conf.id 
_struct_conf.pdbx_PDB_helix_id 
_struct_conf.beg_label_comp_id 
_struct_conf.beg_label_asym_id 
_struct_conf.beg_label_seq_id 
_struct_conf.pdbx_beg_PDB_ins_code 
_struct_conf.end_label_comp_id 
_struct_conf.end_label_asym_id 
_struct_conf.end_label_seq_id 
_struct_conf.pdbx_end_PDB_ins_code 
_struct_conf.beg_auth_comp_id 
_struct_conf.beg_auth_asym_id 
_struct_conf.beg_auth_seq_id 
_struct_conf.end_auth_comp_id 
_struct_conf.end_auth_asym_id 
_struct_conf.end_auth_seq_id 
_struct_conf.pdbx_PDB_helix_class 
_struct_conf.details 
_struct_conf.pdbx_PDB_helix_length 
HELX_P HELX_P1  1  SER A 16  ? GLY A 22  ? SER A 16  GLY A 22  1 ? 7  
HELX_P HELX_P2  2  SER A 24  ? ASP A 39  ? SER A 24  ASP A 39  1 ? 16 
HELX_P HELX_P3  3  SER A 47  ? GLN A 53  ? SER A 47  GLN A 53  1 ? 7  
HELX_P HELX_P4  4  ILE A 54  ? ASN A 60  ? ILE A 54  ASN A 60  1 ? 7  
HELX_P HELX_P5  5  LEU A 62  ? SER A 69  ? LEU A 62  SER A 69  1 ? 8  
HELX_P HELX_P6  6  ASP A 79  ? ALA A 88  ? ASP A 79  ALA A 88  1 ? 10 
HELX_P HELX_P7  7  HIS A 89  ? ARG A 91  ? HIS A 89  ARG A 91  5 ? 3  
HELX_P HELX_P8  8  GLU A 94  ? GLU A 99  ? GLU A 94  GLU A 99  1 ? 6  
HELX_P HELX_P9  9  SER A 111 ? ASP A 124 ? SER A 111 ASP A 124 1 ? 14 
HELX_P HELX_P10 10 SER A 132 ? MET A 143 ? SER A 132 MET A 143 1 ? 12 
HELX_P HELX_P11 11 THR A 149 ? ASP A 165 ? THR A 149 ASP A 165 1 ? 17 
HELX_P HELX_P12 12 PHE A 174 ? SER A 180 ? PHE A 174 SER A 180 1 ? 7  
HELX_P HELX_P13 13 ASP A 185 ? MET A 190 ? ASP A 185 MET A 190 1 ? 6  
HELX_P HELX_P14 14 SER B 15  ? GLY B 37  ? SER B 517 GLY B 539 1 ? 23 
# 
_struct_conf_type.id          HELX_P 
_struct_conf_type.criteria    ? 
_struct_conf_type.reference   ? 
# 
loop_
_struct_conn.id 
_struct_conn.conn_type_id 
_struct_conn.pdbx_leaving_atom_flag 
_struct_conn.pdbx_PDB_id 
_struct_conn.ptnr1_label_asym_id 
_struct_conn.ptnr1_label_comp_id 
_struct_conn.ptnr1_label_seq_id 
_struct_conn.ptnr1_label_atom_id 
_struct_conn.pdbx_ptnr1_label_alt_id 
_struct_conn.pdbx_ptnr1_PDB_ins_code 
_struct_conn.pdbx_ptnr1_standard_comp_id 
_struct_conn.ptnr1_symmetry 
_struct_conn.ptnr2_label_asym_id 
_struct_conn.ptnr2_label_comp_id 
_struct_conn.ptnr2_label_seq_id 
_struct_conn.ptnr2_label_atom_id 
_struct_conn.pdbx_ptnr2_label_alt_id 
_struct_conn.pdbx_ptnr2_PDB_ins_code 
_struct_conn.ptnr1_auth_asym_id 
_struct_conn.ptnr1_auth_comp_id 
_struct_conn.ptnr1_auth_seq_id 
_struct_conn.ptnr2_auth_asym_id 
_struct_conn.ptnr2_auth_comp_id 
_struct_conn.ptnr2_auth_seq_id 
_struct_conn.ptnr2_symmetry 
_struct_conn.pdbx_ptnr3_label_atom_id 
_struct_conn.pdbx_ptnr3_label_seq_id 
_struct_conn.pdbx_ptnr3_label_comp_id 
_struct_conn.pdbx_ptnr3_label_asym_id 
_struct_conn.pdbx_ptnr3_label_alt_id 
_struct_conn.pdbx_ptnr3_PDB_ins_code 
_struct_conn.details 
_struct_conn.pdbx_dist_value 
_struct_conn.pdbx_value_order 
_struct_conn.pdbx_role 
metalc1  metalc ? ? A ASP 124 OD2 ? ? ? 1_555 D YT3 . Y ? ? A ASP 124 A YT3 1202 1_555 ? ? ? ? ? ? ? 2.215 ? ? 
metalc2  metalc ? ? A ASP 126 OD1 ? ? ? 1_555 D YT3 . Y ? ? A ASP 126 A YT3 1202 1_555 ? ? ? ? ? ? ? 2.389 ? ? 
metalc3  metalc ? ? A ASP 128 OD2 ? ? ? 1_555 D YT3 . Y ? ? A ASP 128 A YT3 1202 1_555 ? ? ? ? ? ? ? 2.343 ? ? 
metalc4  metalc ? ? A LYS 130 O   ? ? ? 1_555 D YT3 . Y ? ? A LYS 130 A YT3 1202 1_555 ? ? ? ? ? ? ? 2.309 ? ? 
metalc5  metalc ? ? A GLU 135 OE1 ? ? ? 1_555 D YT3 . Y ? ? A GLU 135 A YT3 1202 1_555 ? ? ? ? ? ? ? 2.130 ? ? 
metalc6  metalc ? ? A GLU 135 OE2 ? ? ? 1_555 D YT3 . Y ? ? A GLU 135 A YT3 1202 1_555 ? ? ? ? ? ? ? 2.395 ? ? 
metalc7  metalc ? ? A ASP 165 OD1 ? ? ? 1_555 C YT3 . Y ? ? A ASP 165 A YT3 1201 1_555 ? ? ? ? ? ? ? 2.682 ? ? 
metalc8  metalc ? ? A ASP 167 OD1 ? ? ? 1_555 C YT3 . Y ? ? A ASP 167 A YT3 1201 1_555 ? ? ? ? ? ? ? 2.178 ? ? 
metalc9  metalc ? ? A ASP 169 OD2 ? ? ? 1_555 C YT3 . Y ? ? A ASP 169 A YT3 1201 1_555 ? ? ? ? ? ? ? 2.284 ? ? 
metalc10 metalc ? ? A ALA 171 O   ? ? ? 1_555 C YT3 . Y ? ? A ALA 171 A YT3 1201 1_555 ? ? ? ? ? ? ? 2.327 ? ? 
metalc11 metalc ? ? A GLU 176 OE1 ? ? ? 1_555 C YT3 . Y ? ? A GLU 176 A YT3 1201 1_555 ? ? ? ? ? ? ? 2.463 ? ? 
# 
_struct_conn_type.id          metalc 
_struct_conn_type.criteria    ? 
_struct_conn_type.reference   ? 
# 
loop_
_pdbx_struct_conn_angle.id 
_pdbx_struct_conn_angle.ptnr1_label_atom_id 
_pdbx_struct_conn_angle.ptnr1_label_alt_id 
_pdbx_struct_conn_angle.ptnr1_label_asym_id 
_pdbx_struct_conn_angle.ptnr1_label_comp_id 
_pdbx_struct_conn_angle.ptnr1_label_seq_id 
_pdbx_struct_conn_angle.ptnr1_auth_atom_id 
_pdbx_struct_conn_angle.ptnr1_auth_asym_id 
_pdbx_struct_conn_angle.ptnr1_auth_comp_id 
_pdbx_struct_conn_angle.ptnr1_auth_seq_id 
_pdbx_struct_conn_angle.ptnr1_PDB_ins_code 
_pdbx_struct_conn_angle.ptnr1_symmetry 
_pdbx_struct_conn_angle.ptnr2_label_atom_id 
_pdbx_struct_conn_angle.ptnr2_label_alt_id 
_pdbx_struct_conn_angle.ptnr2_label_asym_id 
_pdbx_struct_conn_angle.ptnr2_label_comp_id 
_pdbx_struct_conn_angle.ptnr2_label_seq_id 
_pdbx_struct_conn_angle.ptnr2_auth_atom_id 
_pdbx_struct_conn_angle.ptnr2_auth_asym_id 
_pdbx_struct_conn_angle.ptnr2_auth_comp_id 
_pdbx_struct_conn_angle.ptnr2_auth_seq_id 
_pdbx_struct_conn_angle.ptnr2_PDB_ins_code 
_pdbx_struct_conn_angle.ptnr2_symmetry 
_pdbx_struct_conn_angle.ptnr3_label_atom_id 
_pdbx_struct_conn_angle.ptnr3_label_alt_id 
_pdbx_struct_conn_angle.ptnr3_label_asym_id 
_pdbx_struct_conn_angle.ptnr3_label_comp_id 
_pdbx_struct_conn_angle.ptnr3_label_seq_id 
_pdbx_struct_conn_angle.ptnr3_auth_atom_id 
_pdbx_struct_conn_angle.ptnr3_auth_asym_id 
_pdbx_struct_conn_angle.ptnr3_auth_comp_id 
_pdbx_struct_conn_angle.ptnr3_auth_seq_id 
_pdbx_struct_conn_angle.ptnr3_PDB_ins_code 
_pdbx_struct_conn_angle.ptnr3_symmetry 
_pdbx_struct_conn_angle.value 
_pdbx_struct_conn_angle.value_esd 
1  OD2 ? A ASP 124 ? A ASP 124 ? 1_555 Y ? D YT3 . ? A YT3 1202 ? 1_555 OD1 ? A ASP 126 ? A ASP 126 ? 1_555 65.6  ? 
2  OD2 ? A ASP 124 ? A ASP 124 ? 1_555 Y ? D YT3 . ? A YT3 1202 ? 1_555 OD2 ? A ASP 128 ? A ASP 128 ? 1_555 75.2  ? 
3  OD1 ? A ASP 126 ? A ASP 126 ? 1_555 Y ? D YT3 . ? A YT3 1202 ? 1_555 OD2 ? A ASP 128 ? A ASP 128 ? 1_555 80.1  ? 
4  OD2 ? A ASP 124 ? A ASP 124 ? 1_555 Y ? D YT3 . ? A YT3 1202 ? 1_555 O   ? A LYS 130 ? A LYS 130 ? 1_555 85.4  ? 
5  OD1 ? A ASP 126 ? A ASP 126 ? 1_555 Y ? D YT3 . ? A YT3 1202 ? 1_555 O   ? A LYS 130 ? A LYS 130 ? 1_555 142.8 ? 
6  OD2 ? A ASP 128 ? A ASP 128 ? 1_555 Y ? D YT3 . ? A YT3 1202 ? 1_555 O   ? A LYS 130 ? A LYS 130 ? 1_555 69.9  ? 
7  OD2 ? A ASP 124 ? A ASP 124 ? 1_555 Y ? D YT3 . ? A YT3 1202 ? 1_555 OE1 ? A GLU 135 ? A GLU 135 ? 1_555 80.7  ? 
8  OD1 ? A ASP 126 ? A ASP 126 ? 1_555 Y ? D YT3 . ? A YT3 1202 ? 1_555 OE1 ? A GLU 135 ? A GLU 135 ? 1_555 77.9  ? 
9  OD2 ? A ASP 128 ? A ASP 128 ? 1_555 Y ? D YT3 . ? A YT3 1202 ? 1_555 OE1 ? A GLU 135 ? A GLU 135 ? 1_555 152.4 ? 
10 O   ? A LYS 130 ? A LYS 130 ? 1_555 Y ? D YT3 . ? A YT3 1202 ? 1_555 OE1 ? A GLU 135 ? A GLU 135 ? 1_555 121.6 ? 
11 OD2 ? A ASP 124 ? A ASP 124 ? 1_555 Y ? D YT3 . ? A YT3 1202 ? 1_555 OE2 ? A GLU 135 ? A GLU 135 ? 1_555 101.6 ? 
12 OD1 ? A ASP 126 ? A ASP 126 ? 1_555 Y ? D YT3 . ? A YT3 1202 ? 1_555 OE2 ? A GLU 135 ? A GLU 135 ? 1_555 135.8 ? 
13 OD2 ? A ASP 128 ? A ASP 128 ? 1_555 Y ? D YT3 . ? A YT3 1202 ? 1_555 OE2 ? A GLU 135 ? A GLU 135 ? 1_555 140.1 ? 
14 O   ? A LYS 130 ? A LYS 130 ? 1_555 Y ? D YT3 . ? A YT3 1202 ? 1_555 OE2 ? A GLU 135 ? A GLU 135 ? 1_555 70.2  ? 
15 OE1 ? A GLU 135 ? A GLU 135 ? 1_555 Y ? D YT3 . ? A YT3 1202 ? 1_555 OE2 ? A GLU 135 ? A GLU 135 ? 1_555 58.0  ? 
16 OD1 ? A ASP 165 ? A ASP 165 ? 1_555 Y ? C YT3 . ? A YT3 1201 ? 1_555 OD1 ? A ASP 167 ? A ASP 167 ? 1_555 82.3  ? 
17 OD1 ? A ASP 165 ? A ASP 165 ? 1_555 Y ? C YT3 . ? A YT3 1201 ? 1_555 OD2 ? A ASP 169 ? A ASP 169 ? 1_555 78.0  ? 
18 OD1 ? A ASP 167 ? A ASP 167 ? 1_555 Y ? C YT3 . ? A YT3 1201 ? 1_555 OD2 ? A ASP 169 ? A ASP 169 ? 1_555 86.6  ? 
19 OD1 ? A ASP 165 ? A ASP 165 ? 1_555 Y ? C YT3 . ? A YT3 1201 ? 1_555 O   ? A ALA 171 ? A ALA 171 ? 1_555 69.9  ? 
20 OD1 ? A ASP 167 ? A ASP 167 ? 1_555 Y ? C YT3 . ? A YT3 1201 ? 1_555 O   ? A ALA 171 ? A ALA 171 ? 1_555 147.4 ? 
21 OD2 ? A ASP 169 ? A ASP 169 ? 1_555 Y ? C YT3 . ? A YT3 1201 ? 1_555 O   ? A ALA 171 ? A ALA 171 ? 1_555 71.6  ? 
22 OD1 ? A ASP 165 ? A ASP 165 ? 1_555 Y ? C YT3 . ? A YT3 1201 ? 1_555 OE1 ? A GLU 176 ? A GLU 176 ? 1_555 104.5 ? 
23 OD1 ? A ASP 167 ? A ASP 167 ? 1_555 Y ? C YT3 . ? A YT3 1201 ? 1_555 OE1 ? A GLU 176 ? A GLU 176 ? 1_555 65.5  ? 
24 OD2 ? A ASP 169 ? A ASP 169 ? 1_555 Y ? C YT3 . ? A YT3 1201 ? 1_555 OE1 ? A GLU 176 ? A GLU 176 ? 1_555 151.0 ? 
25 O   ? A ALA 171 ? A ALA 171 ? 1_555 Y ? C YT3 . ? A YT3 1201 ? 1_555 OE1 ? A GLU 176 ? A GLU 176 ? 1_555 136.9 ? 
# 
_struct_sheet.id               A 
_struct_sheet.type             ? 
_struct_sheet.number_strands   2 
_struct_sheet.details          ? 
# 
_struct_sheet_order.sheet_id     A 
_struct_sheet_order.range_id_1   1 
_struct_sheet_order.range_id_2   2 
_struct_sheet_order.offset       ? 
_struct_sheet_order.sense        anti-parallel 
# 
loop_
_struct_sheet_range.sheet_id 
_struct_sheet_range.id 
_struct_sheet_range.beg_label_comp_id 
_struct_sheet_range.beg_label_asym_id 
_struct_sheet_range.beg_label_seq_id 
_struct_sheet_range.pdbx_beg_PDB_ins_code 
_struct_sheet_range.end_label_comp_id 
_struct_sheet_range.end_label_asym_id 
_struct_sheet_range.end_label_seq_id 
_struct_sheet_range.pdbx_end_PDB_ins_code 
_struct_sheet_range.beg_auth_comp_id 
_struct_sheet_range.beg_auth_asym_id 
_struct_sheet_range.beg_auth_seq_id 
_struct_sheet_range.end_auth_comp_id 
_struct_sheet_range.end_auth_asym_id 
_struct_sheet_range.end_auth_seq_id 
A 1 LYS A 130 ? ILE A 131 ? LYS A 130 ILE A 131 
A 2 VAL A 172 ? SER A 173 ? VAL A 172 SER A 173 
# 
_pdbx_struct_sheet_hbond.sheet_id                A 
_pdbx_struct_sheet_hbond.range_id_1              1 
_pdbx_struct_sheet_hbond.range_id_2              2 
_pdbx_struct_sheet_hbond.range_1_label_atom_id   N 
_pdbx_struct_sheet_hbond.range_1_label_comp_id   ILE 
_pdbx_struct_sheet_hbond.range_1_label_asym_id   A 
_pdbx_struct_sheet_hbond.range_1_label_seq_id    131 
_pdbx_struct_sheet_hbond.range_1_PDB_ins_code    ? 
_pdbx_struct_sheet_hbond.range_1_auth_atom_id    N 
_pdbx_struct_sheet_hbond.range_1_auth_comp_id    ILE 
_pdbx_struct_sheet_hbond.range_1_auth_asym_id    A 
_pdbx_struct_sheet_hbond.range_1_auth_seq_id     131 
_pdbx_struct_sheet_hbond.range_2_label_atom_id   O 
_pdbx_struct_sheet_hbond.range_2_label_comp_id   VAL 
_pdbx_struct_sheet_hbond.range_2_label_asym_id   A 
_pdbx_struct_sheet_hbond.range_2_label_seq_id    172 
_pdbx_struct_sheet_hbond.range_2_PDB_ins_code    ? 
_pdbx_struct_sheet_hbond.range_2_auth_atom_id    O 
_pdbx_struct_sheet_hbond.range_2_auth_comp_id    VAL 
_pdbx_struct_sheet_hbond.range_2_auth_asym_id    A 
_pdbx_struct_sheet_hbond.range_2_auth_seq_id     172 
# 
loop_
_struct_site.id 
_struct_site.pdbx_evidence_code 
_struct_site.pdbx_auth_asym_id 
_struct_site.pdbx_auth_comp_id 
_struct_site.pdbx_auth_seq_id 
_struct_site.pdbx_auth_ins_code 
_struct_site.pdbx_num_residues 
_struct_site.details 
AC1 Software A YT3 1201 ? 5 'BINDING SITE FOR RESIDUE YT3 A 1201' 
AC2 Software A YT3 1202 ? 6 'BINDING SITE FOR RESIDUE YT3 A 1202' 
# 
loop_
_struct_site_gen.id 
_struct_site_gen.site_id 
_struct_site_gen.pdbx_num_res 
_struct_site_gen.label_comp_id 
_struct_site_gen.label_asym_id 
_struct_site_gen.label_seq_id 
_struct_site_gen.pdbx_auth_ins_code 
_struct_site_gen.auth_comp_id 
_struct_site_gen.auth_asym_id 
_struct_site_gen.auth_seq_id 
_struct_site_gen.label_atom_id 
_struct_site_gen.label_alt_id 
_struct_site_gen.symmetry 
_struct_site_gen.details 
1  AC1 5 ASP A 165 ? ASP A 165 . ? 1_555 ? 
2  AC1 5 ASP A 167 ? ASP A 167 . ? 1_555 ? 
3  AC1 5 ASP A 169 ? ASP A 169 . ? 1_555 ? 
4  AC1 5 ALA A 171 ? ALA A 171 . ? 1_555 ? 
5  AC1 5 GLU A 176 ? GLU A 176 . ? 1_555 ? 
6  AC2 6 ASP A 95  ? ASP A 95  . ? 3_654 ? 
7  AC2 6 ASP A 124 ? ASP A 124 . ? 1_555 ? 
8  AC2 6 ASP A 126 ? ASP A 126 . ? 1_555 ? 
9  AC2 6 ASP A 128 ? ASP A 128 . ? 1_555 ? 
10 AC2 6 LYS A 130 ? LYS A 130 . ? 1_555 ? 
11 AC2 6 GLU A 135 ? GLU A 135 . ? 1_555 ? 
# 
loop_
_pdbx_validate_torsion.id 
_pdbx_validate_torsion.PDB_model_num 
_pdbx_validate_torsion.auth_comp_id 
_pdbx_validate_torsion.auth_asym_id 
_pdbx_validate_torsion.auth_seq_id 
_pdbx_validate_torsion.PDB_ins_code 
_pdbx_validate_torsion.label_alt_id 
_pdbx_validate_torsion.phi 
_pdbx_validate_torsion.psi 
1 1 GLN A 25  ? ? -38.56  -71.24  
2 1 ARG A 40  ? ? -90.02  -71.92  
3 1 LYS A 42  ? ? 67.98   71.85   
4 1 ILE A 54  ? ? -64.78  97.98   
5 1 PRO A 72  ? ? -56.87  -171.48 
6 1 ASP A 73  ? ? -15.19  -65.45  
7 1 SER A 75  ? ? -47.90  161.90  
8 1 MET A 143 ? ? -119.41 66.03   
9 1 ARG A 193 ? ? -64.16  -70.37  
# 
loop_
_pdbx_unobs_or_zero_occ_residues.id 
_pdbx_unobs_or_zero_occ_residues.PDB_model_num 
_pdbx_unobs_or_zero_occ_residues.polymer_flag 
_pdbx_unobs_or_zero_occ_residues.occupancy_flag 
_pdbx_unobs_or_zero_occ_residues.auth_asym_id 
_pdbx_unobs_or_zero_occ_residues.auth_comp_id 
_pdbx_unobs_or_zero_occ_residues.auth_seq_id 
_pdbx_unobs_or_zero_occ_residues.PDB_ins_code 
_pdbx_unobs_or_zero_occ_residues.label_asym_id 
_pdbx_unobs_or_zero_occ_residues.label_comp_id 
_pdbx_unobs_or_zero_occ_residues.label_seq_id 
1  1 Y 1 A MET 1   ? A MET 1   
2  1 Y 1 A GLY 2   ? A GLY 2   
3  1 Y 1 A SER 3   ? A SER 3   
4  1 Y 1 A ARG 4   ? A ARG 4   
5  1 Y 1 A SER 5   ? A SER 5   
6  1 Y 1 A SER 6   ? A SER 6   
7  1 Y 1 A HIS 7   ? A HIS 7   
8  1 Y 1 A ALA 8   ? A ALA 8   
9  1 Y 1 A ALA 9   ? A ALA 9   
10 1 Y 1 A VAL 10  ? A VAL 10  
11 1 Y 1 A THR 100 ? A THR 100 
12 1 Y 1 A GLN 101 ? A GLN 101 
13 1 Y 1 A ASP 102 ? A ASP 102 
14 1 Y 1 A PRO 103 ? A PRO 103 
15 1 Y 1 A LYS 104 ? A LYS 104 
16 1 Y 1 A HIS 197 ? A HIS 197 
17 1 Y 1 A HIS 198 ? A HIS 198 
18 1 Y 1 A HIS 199 ? A HIS 199 
19 1 Y 1 A HIS 200 ? A HIS 200 
20 1 Y 1 A HIS 201 ? A HIS 201 
21 1 Y 1 A HIS 202 ? A HIS 202 
22 1 Y 1 B VAL 503 ? B VAL 1   
23 1 Y 1 B ASP 504 ? B ASP 2   
24 1 Y 1 B LEU 505 ? B LEU 3   
25 1 Y 1 B LEU 506 ? B LEU 4   
26 1 Y 1 B ALA 507 ? B ALA 5   
27 1 Y 1 B VAL 508 ? B VAL 6   
28 1 Y 1 B LYS 509 ? B LYS 7   
29 1 Y 1 B LYS 510 ? B LYS 8   
30 1 Y 1 B LYS 511 ? B LYS 9   
31 1 Y 1 B GLN 512 ? B GLN 10  
32 1 Y 1 B GLU 513 ? B GLU 11  
33 1 Y 1 B THR 514 ? B THR 12  
34 1 Y 1 B LYS 515 ? B LYS 13  
35 1 Y 1 B TYR 541 ? B TYR 39  
36 1 Y 1 B GLY 542 ? B GLY 40  
37 1 Y 1 B HIS 543 ? B HIS 41  
38 1 Y 1 B HIS 544 ? B HIS 42  
39 1 Y 1 B HIS 545 ? B HIS 43  
# 
loop_
_chem_comp_atom.comp_id 
_chem_comp_atom.atom_id 
_chem_comp_atom.type_symbol 
_chem_comp_atom.pdbx_aromatic_flag 
_chem_comp_atom.pdbx_stereo_config 
_chem_comp_atom.pdbx_ordinal 
ALA N    N N N 1   
ALA CA   C N S 2   
ALA C    C N N 3   
ALA O    O N N 4   
ALA CB   C N N 5   
ALA OXT  O N N 6   
ALA H    H N N 7   
ALA H2   H N N 8   
ALA HA   H N N 9   
ALA HB1  H N N 10  
ALA HB2  H N N 11  
ALA HB3  H N N 12  
ALA HXT  H N N 13  
ARG N    N N N 14  
ARG CA   C N S 15  
ARG C    C N N 16  
ARG O    O N N 17  
ARG CB   C N N 18  
ARG CG   C N N 19  
ARG CD   C N N 20  
ARG NE   N N N 21  
ARG CZ   C N N 22  
ARG NH1  N N N 23  
ARG NH2  N N N 24  
ARG OXT  O N N 25  
ARG H    H N N 26  
ARG H2   H N N 27  
ARG HA   H N N 28  
ARG HB2  H N N 29  
ARG HB3  H N N 30  
ARG HG2  H N N 31  
ARG HG3  H N N 32  
ARG HD2  H N N 33  
ARG HD3  H N N 34  
ARG HE   H N N 35  
ARG HH11 H N N 36  
ARG HH12 H N N 37  
ARG HH21 H N N 38  
ARG HH22 H N N 39  
ARG HXT  H N N 40  
ASN N    N N N 41  
ASN CA   C N S 42  
ASN C    C N N 43  
ASN O    O N N 44  
ASN CB   C N N 45  
ASN CG   C N N 46  
ASN OD1  O N N 47  
ASN ND2  N N N 48  
ASN OXT  O N N 49  
ASN H    H N N 50  
ASN H2   H N N 51  
ASN HA   H N N 52  
ASN HB2  H N N 53  
ASN HB3  H N N 54  
ASN HD21 H N N 55  
ASN HD22 H N N 56  
ASN HXT  H N N 57  
ASP N    N N N 58  
ASP CA   C N S 59  
ASP C    C N N 60  
ASP O    O N N 61  
ASP CB   C N N 62  
ASP CG   C N N 63  
ASP OD1  O N N 64  
ASP OD2  O N N 65  
ASP OXT  O N N 66  
ASP H    H N N 67  
ASP H2   H N N 68  
ASP HA   H N N 69  
ASP HB2  H N N 70  
ASP HB3  H N N 71  
ASP HD2  H N N 72  
ASP HXT  H N N 73  
CYS N    N N N 74  
CYS CA   C N R 75  
CYS C    C N N 76  
CYS O    O N N 77  
CYS CB   C N N 78  
CYS SG   S N N 79  
CYS OXT  O N N 80  
CYS H    H N N 81  
CYS H2   H N N 82  
CYS HA   H N N 83  
CYS HB2  H N N 84  
CYS HB3  H N N 85  
CYS HG   H N N 86  
CYS HXT  H N N 87  
GLN N    N N N 88  
GLN CA   C N S 89  
GLN C    C N N 90  
GLN O    O N N 91  
GLN CB   C N N 92  
GLN CG   C N N 93  
GLN CD   C N N 94  
GLN OE1  O N N 95  
GLN NE2  N N N 96  
GLN OXT  O N N 97  
GLN H    H N N 98  
GLN H2   H N N 99  
GLN HA   H N N 100 
GLN HB2  H N N 101 
GLN HB3  H N N 102 
GLN HG2  H N N 103 
GLN HG3  H N N 104 
GLN HE21 H N N 105 
GLN HE22 H N N 106 
GLN HXT  H N N 107 
GLU N    N N N 108 
GLU CA   C N S 109 
GLU C    C N N 110 
GLU O    O N N 111 
GLU CB   C N N 112 
GLU CG   C N N 113 
GLU CD   C N N 114 
GLU OE1  O N N 115 
GLU OE2  O N N 116 
GLU OXT  O N N 117 
GLU H    H N N 118 
GLU H2   H N N 119 
GLU HA   H N N 120 
GLU HB2  H N N 121 
GLU HB3  H N N 122 
GLU HG2  H N N 123 
GLU HG3  H N N 124 
GLU HE2  H N N 125 
GLU HXT  H N N 126 
GLY N    N N N 127 
GLY CA   C N N 128 
GLY C    C N N 129 
GLY O    O N N 130 
GLY OXT  O N N 131 
GLY H    H N N 132 
GLY H2   H N N 133 
GLY HA2  H N N 134 
GLY HA3  H N N 135 
GLY HXT  H N N 136 
HIS N    N N N 137 
HIS CA   C N S 138 
HIS C    C N N 139 
HIS O    O N N 140 
HIS CB   C N N 141 
HIS CG   C Y N 142 
HIS ND1  N Y N 143 
HIS CD2  C Y N 144 
HIS CE1  C Y N 145 
HIS NE2  N Y N 146 
HIS OXT  O N N 147 
HIS H    H N N 148 
HIS H2   H N N 149 
HIS HA   H N N 150 
HIS HB2  H N N 151 
HIS HB3  H N N 152 
HIS HD1  H N N 153 
HIS HD2  H N N 154 
HIS HE1  H N N 155 
HIS HE2  H N N 156 
HIS HXT  H N N 157 
ILE N    N N N 158 
ILE CA   C N S 159 
ILE C    C N N 160 
ILE O    O N N 161 
ILE CB   C N S 162 
ILE CG1  C N N 163 
ILE CG2  C N N 164 
ILE CD1  C N N 165 
ILE OXT  O N N 166 
ILE H    H N N 167 
ILE H2   H N N 168 
ILE HA   H N N 169 
ILE HB   H N N 170 
ILE HG12 H N N 171 
ILE HG13 H N N 172 
ILE HG21 H N N 173 
ILE HG22 H N N 174 
ILE HG23 H N N 175 
ILE HD11 H N N 176 
ILE HD12 H N N 177 
ILE HD13 H N N 178 
ILE HXT  H N N 179 
LEU N    N N N 180 
LEU CA   C N S 181 
LEU C    C N N 182 
LEU O    O N N 183 
LEU CB   C N N 184 
LEU CG   C N N 185 
LEU CD1  C N N 186 
LEU CD2  C N N 187 
LEU OXT  O N N 188 
LEU H    H N N 189 
LEU H2   H N N 190 
LEU HA   H N N 191 
LEU HB2  H N N 192 
LEU HB3  H N N 193 
LEU HG   H N N 194 
LEU HD11 H N N 195 
LEU HD12 H N N 196 
LEU HD13 H N N 197 
LEU HD21 H N N 198 
LEU HD22 H N N 199 
LEU HD23 H N N 200 
LEU HXT  H N N 201 
LYS N    N N N 202 
LYS CA   C N S 203 
LYS C    C N N 204 
LYS O    O N N 205 
LYS CB   C N N 206 
LYS CG   C N N 207 
LYS CD   C N N 208 
LYS CE   C N N 209 
LYS NZ   N N N 210 
LYS OXT  O N N 211 
LYS H    H N N 212 
LYS H2   H N N 213 
LYS HA   H N N 214 
LYS HB2  H N N 215 
LYS HB3  H N N 216 
LYS HG2  H N N 217 
LYS HG3  H N N 218 
LYS HD2  H N N 219 
LYS HD3  H N N 220 
LYS HE2  H N N 221 
LYS HE3  H N N 222 
LYS HZ1  H N N 223 
LYS HZ2  H N N 224 
LYS HZ3  H N N 225 
LYS HXT  H N N 226 
MET N    N N N 227 
MET CA   C N S 228 
MET C    C N N 229 
MET O    O N N 230 
MET CB   C N N 231 
MET CG   C N N 232 
MET SD   S N N 233 
MET CE   C N N 234 
MET OXT  O N N 235 
MET H    H N N 236 
MET H2   H N N 237 
MET HA   H N N 238 
MET HB2  H N N 239 
MET HB3  H N N 240 
MET HG2  H N N 241 
MET HG3  H N N 242 
MET HE1  H N N 243 
MET HE2  H N N 244 
MET HE3  H N N 245 
MET HXT  H N N 246 
PHE N    N N N 247 
PHE CA   C N S 248 
PHE C    C N N 249 
PHE O    O N N 250 
PHE CB   C N N 251 
PHE CG   C Y N 252 
PHE CD1  C Y N 253 
PHE CD2  C Y N 254 
PHE CE1  C Y N 255 
PHE CE2  C Y N 256 
PHE CZ   C Y N 257 
PHE OXT  O N N 258 
PHE H    H N N 259 
PHE H2   H N N 260 
PHE HA   H N N 261 
PHE HB2  H N N 262 
PHE HB3  H N N 263 
PHE HD1  H N N 264 
PHE HD2  H N N 265 
PHE HE1  H N N 266 
PHE HE2  H N N 267 
PHE HZ   H N N 268 
PHE HXT  H N N 269 
PRO N    N N N 270 
PRO CA   C N S 271 
PRO C    C N N 272 
PRO O    O N N 273 
PRO CB   C N N 274 
PRO CG   C N N 275 
PRO CD   C N N 276 
PRO OXT  O N N 277 
PRO H    H N N 278 
PRO HA   H N N 279 
PRO HB2  H N N 280 
PRO HB3  H N N 281 
PRO HG2  H N N 282 
PRO HG3  H N N 283 
PRO HD2  H N N 284 
PRO HD3  H N N 285 
PRO HXT  H N N 286 
SER N    N N N 287 
SER CA   C N S 288 
SER C    C N N 289 
SER O    O N N 290 
SER CB   C N N 291 
SER OG   O N N 292 
SER OXT  O N N 293 
SER H    H N N 294 
SER H2   H N N 295 
SER HA   H N N 296 
SER HB2  H N N 297 
SER HB3  H N N 298 
SER HG   H N N 299 
SER HXT  H N N 300 
THR N    N N N 301 
THR CA   C N S 302 
THR C    C N N 303 
THR O    O N N 304 
THR CB   C N R 305 
THR OG1  O N N 306 
THR CG2  C N N 307 
THR OXT  O N N 308 
THR H    H N N 309 
THR H2   H N N 310 
THR HA   H N N 311 
THR HB   H N N 312 
THR HG1  H N N 313 
THR HG21 H N N 314 
THR HG22 H N N 315 
THR HG23 H N N 316 
THR HXT  H N N 317 
TYR N    N N N 318 
TYR CA   C N S 319 
TYR C    C N N 320 
TYR O    O N N 321 
TYR CB   C N N 322 
TYR CG   C Y N 323 
TYR CD1  C Y N 324 
TYR CD2  C Y N 325 
TYR CE1  C Y N 326 
TYR CE2  C Y N 327 
TYR CZ   C Y N 328 
TYR OH   O N N 329 
TYR OXT  O N N 330 
TYR H    H N N 331 
TYR H2   H N N 332 
TYR HA   H N N 333 
TYR HB2  H N N 334 
TYR HB3  H N N 335 
TYR HD1  H N N 336 
TYR HD2  H N N 337 
TYR HE1  H N N 338 
TYR HE2  H N N 339 
TYR HH   H N N 340 
TYR HXT  H N N 341 
VAL N    N N N 342 
VAL CA   C N S 343 
VAL C    C N N 344 
VAL O    O N N 345 
VAL CB   C N N 346 
VAL CG1  C N N 347 
VAL CG2  C N N 348 
VAL OXT  O N N 349 
VAL H    H N N 350 
VAL H2   H N N 351 
VAL HA   H N N 352 
VAL HB   H N N 353 
VAL HG11 H N N 354 
VAL HG12 H N N 355 
VAL HG13 H N N 356 
VAL HG21 H N N 357 
VAL HG22 H N N 358 
VAL HG23 H N N 359 
VAL HXT  H N N 360 
YT3 Y    Y N N 361 
# 
loop_
_chem_comp_bond.comp_id 
_chem_comp_bond.atom_id_1 
_chem_comp_bond.atom_id_2 
_chem_comp_bond.value_order 
_chem_comp_bond.pdbx_aromatic_flag 
_chem_comp_bond.pdbx_stereo_config 
_chem_comp_bond.pdbx_ordinal 
ALA N   CA   sing N N 1   
ALA N   H    sing N N 2   
ALA N   H2   sing N N 3   
ALA CA  C    sing N N 4   
ALA CA  CB   sing N N 5   
ALA CA  HA   sing N N 6   
ALA C   O    doub N N 7   
ALA C   OXT  sing N N 8   
ALA CB  HB1  sing N N 9   
ALA CB  HB2  sing N N 10  
ALA CB  HB3  sing N N 11  
ALA OXT HXT  sing N N 12  
ARG N   CA   sing N N 13  
ARG N   H    sing N N 14  
ARG N   H2   sing N N 15  
ARG CA  C    sing N N 16  
ARG CA  CB   sing N N 17  
ARG CA  HA   sing N N 18  
ARG C   O    doub N N 19  
ARG C   OXT  sing N N 20  
ARG CB  CG   sing N N 21  
ARG CB  HB2  sing N N 22  
ARG CB  HB3  sing N N 23  
ARG CG  CD   sing N N 24  
ARG CG  HG2  sing N N 25  
ARG CG  HG3  sing N N 26  
ARG CD  NE   sing N N 27  
ARG CD  HD2  sing N N 28  
ARG CD  HD3  sing N N 29  
ARG NE  CZ   sing N N 30  
ARG NE  HE   sing N N 31  
ARG CZ  NH1  sing N N 32  
ARG CZ  NH2  doub N N 33  
ARG NH1 HH11 sing N N 34  
ARG NH1 HH12 sing N N 35  
ARG NH2 HH21 sing N N 36  
ARG NH2 HH22 sing N N 37  
ARG OXT HXT  sing N N 38  
ASN N   CA   sing N N 39  
ASN N   H    sing N N 40  
ASN N   H2   sing N N 41  
ASN CA  C    sing N N 42  
ASN CA  CB   sing N N 43  
ASN CA  HA   sing N N 44  
ASN C   O    doub N N 45  
ASN C   OXT  sing N N 46  
ASN CB  CG   sing N N 47  
ASN CB  HB2  sing N N 48  
ASN CB  HB3  sing N N 49  
ASN CG  OD1  doub N N 50  
ASN CG  ND2  sing N N 51  
ASN ND2 HD21 sing N N 52  
ASN ND2 HD22 sing N N 53  
ASN OXT HXT  sing N N 54  
ASP N   CA   sing N N 55  
ASP N   H    sing N N 56  
ASP N   H2   sing N N 57  
ASP CA  C    sing N N 58  
ASP CA  CB   sing N N 59  
ASP CA  HA   sing N N 60  
ASP C   O    doub N N 61  
ASP C   OXT  sing N N 62  
ASP CB  CG   sing N N 63  
ASP CB  HB2  sing N N 64  
ASP CB  HB3  sing N N 65  
ASP CG  OD1  doub N N 66  
ASP CG  OD2  sing N N 67  
ASP OD2 HD2  sing N N 68  
ASP OXT HXT  sing N N 69  
CYS N   CA   sing N N 70  
CYS N   H    sing N N 71  
CYS N   H2   sing N N 72  
CYS CA  C    sing N N 73  
CYS CA  CB   sing N N 74  
CYS CA  HA   sing N N 75  
CYS C   O    doub N N 76  
CYS C   OXT  sing N N 77  
CYS CB  SG   sing N N 78  
CYS CB  HB2  sing N N 79  
CYS CB  HB3  sing N N 80  
CYS SG  HG   sing N N 81  
CYS OXT HXT  sing N N 82  
GLN N   CA   sing N N 83  
GLN N   H    sing N N 84  
GLN N   H2   sing N N 85  
GLN CA  C    sing N N 86  
GLN CA  CB   sing N N 87  
GLN CA  HA   sing N N 88  
GLN C   O    doub N N 89  
GLN C   OXT  sing N N 90  
GLN CB  CG   sing N N 91  
GLN CB  HB2  sing N N 92  
GLN CB  HB3  sing N N 93  
GLN CG  CD   sing N N 94  
GLN CG  HG2  sing N N 95  
GLN CG  HG3  sing N N 96  
GLN CD  OE1  doub N N 97  
GLN CD  NE2  sing N N 98  
GLN NE2 HE21 sing N N 99  
GLN NE2 HE22 sing N N 100 
GLN OXT HXT  sing N N 101 
GLU N   CA   sing N N 102 
GLU N   H    sing N N 103 
GLU N   H2   sing N N 104 
GLU CA  C    sing N N 105 
GLU CA  CB   sing N N 106 
GLU CA  HA   sing N N 107 
GLU C   O    doub N N 108 
GLU C   OXT  sing N N 109 
GLU CB  CG   sing N N 110 
GLU CB  HB2  sing N N 111 
GLU CB  HB3  sing N N 112 
GLU CG  CD   sing N N 113 
GLU CG  HG2  sing N N 114 
GLU CG  HG3  sing N N 115 
GLU CD  OE1  doub N N 116 
GLU CD  OE2  sing N N 117 
GLU OE2 HE2  sing N N 118 
GLU OXT HXT  sing N N 119 
GLY N   CA   sing N N 120 
GLY N   H    sing N N 121 
GLY N   H2   sing N N 122 
GLY CA  C    sing N N 123 
GLY CA  HA2  sing N N 124 
GLY CA  HA3  sing N N 125 
GLY C   O    doub N N 126 
GLY C   OXT  sing N N 127 
GLY OXT HXT  sing N N 128 
HIS N   CA   sing N N 129 
HIS N   H    sing N N 130 
HIS N   H2   sing N N 131 
HIS CA  C    sing N N 132 
HIS CA  CB   sing N N 133 
HIS CA  HA   sing N N 134 
HIS C   O    doub N N 135 
HIS C   OXT  sing N N 136 
HIS CB  CG   sing N N 137 
HIS CB  HB2  sing N N 138 
HIS CB  HB3  sing N N 139 
HIS CG  ND1  sing Y N 140 
HIS CG  CD2  doub Y N 141 
HIS ND1 CE1  doub Y N 142 
HIS ND1 HD1  sing N N 143 
HIS CD2 NE2  sing Y N 144 
HIS CD2 HD2  sing N N 145 
HIS CE1 NE2  sing Y N 146 
HIS CE1 HE1  sing N N 147 
HIS NE2 HE2  sing N N 148 
HIS OXT HXT  sing N N 149 
ILE N   CA   sing N N 150 
ILE N   H    sing N N 151 
ILE N   H2   sing N N 152 
ILE CA  C    sing N N 153 
ILE CA  CB   sing N N 154 
ILE CA  HA   sing N N 155 
ILE C   O    doub N N 156 
ILE C   OXT  sing N N 157 
ILE CB  CG1  sing N N 158 
ILE CB  CG2  sing N N 159 
ILE CB  HB   sing N N 160 
ILE CG1 CD1  sing N N 161 
ILE CG1 HG12 sing N N 162 
ILE CG1 HG13 sing N N 163 
ILE CG2 HG21 sing N N 164 
ILE CG2 HG22 sing N N 165 
ILE CG2 HG23 sing N N 166 
ILE CD1 HD11 sing N N 167 
ILE CD1 HD12 sing N N 168 
ILE CD1 HD13 sing N N 169 
ILE OXT HXT  sing N N 170 
LEU N   CA   sing N N 171 
LEU N   H    sing N N 172 
LEU N   H2   sing N N 173 
LEU CA  C    sing N N 174 
LEU CA  CB   sing N N 175 
LEU CA  HA   sing N N 176 
LEU C   O    doub N N 177 
LEU C   OXT  sing N N 178 
LEU CB  CG   sing N N 179 
LEU CB  HB2  sing N N 180 
LEU CB  HB3  sing N N 181 
LEU CG  CD1  sing N N 182 
LEU CG  CD2  sing N N 183 
LEU CG  HG   sing N N 184 
LEU CD1 HD11 sing N N 185 
LEU CD1 HD12 sing N N 186 
LEU CD1 HD13 sing N N 187 
LEU CD2 HD21 sing N N 188 
LEU CD2 HD22 sing N N 189 
LEU CD2 HD23 sing N N 190 
LEU OXT HXT  sing N N 191 
LYS N   CA   sing N N 192 
LYS N   H    sing N N 193 
LYS N   H2   sing N N 194 
LYS CA  C    sing N N 195 
LYS CA  CB   sing N N 196 
LYS CA  HA   sing N N 197 
LYS C   O    doub N N 198 
LYS C   OXT  sing N N 199 
LYS CB  CG   sing N N 200 
LYS CB  HB2  sing N N 201 
LYS CB  HB3  sing N N 202 
LYS CG  CD   sing N N 203 
LYS CG  HG2  sing N N 204 
LYS CG  HG3  sing N N 205 
LYS CD  CE   sing N N 206 
LYS CD  HD2  sing N N 207 
LYS CD  HD3  sing N N 208 
LYS CE  NZ   sing N N 209 
LYS CE  HE2  sing N N 210 
LYS CE  HE3  sing N N 211 
LYS NZ  HZ1  sing N N 212 
LYS NZ  HZ2  sing N N 213 
LYS NZ  HZ3  sing N N 214 
LYS OXT HXT  sing N N 215 
MET N   CA   sing N N 216 
MET N   H    sing N N 217 
MET N   H2   sing N N 218 
MET CA  C    sing N N 219 
MET CA  CB   sing N N 220 
MET CA  HA   sing N N 221 
MET C   O    doub N N 222 
MET C   OXT  sing N N 223 
MET CB  CG   sing N N 224 
MET CB  HB2  sing N N 225 
MET CB  HB3  sing N N 226 
MET CG  SD   sing N N 227 
MET CG  HG2  sing N N 228 
MET CG  HG3  sing N N 229 
MET SD  CE   sing N N 230 
MET CE  HE1  sing N N 231 
MET CE  HE2  sing N N 232 
MET CE  HE3  sing N N 233 
MET OXT HXT  sing N N 234 
PHE N   CA   sing N N 235 
PHE N   H    sing N N 236 
PHE N   H2   sing N N 237 
PHE CA  C    sing N N 238 
PHE CA  CB   sing N N 239 
PHE CA  HA   sing N N 240 
PHE C   O    doub N N 241 
PHE C   OXT  sing N N 242 
PHE CB  CG   sing N N 243 
PHE CB  HB2  sing N N 244 
PHE CB  HB3  sing N N 245 
PHE CG  CD1  doub Y N 246 
PHE CG  CD2  sing Y N 247 
PHE CD1 CE1  sing Y N 248 
PHE CD1 HD1  sing N N 249 
PHE CD2 CE2  doub Y N 250 
PHE CD2 HD2  sing N N 251 
PHE CE1 CZ   doub Y N 252 
PHE CE1 HE1  sing N N 253 
PHE CE2 CZ   sing Y N 254 
PHE CE2 HE2  sing N N 255 
PHE CZ  HZ   sing N N 256 
PHE OXT HXT  sing N N 257 
PRO N   CA   sing N N 258 
PRO N   CD   sing N N 259 
PRO N   H    sing N N 260 
PRO CA  C    sing N N 261 
PRO CA  CB   sing N N 262 
PRO CA  HA   sing N N 263 
PRO C   O    doub N N 264 
PRO C   OXT  sing N N 265 
PRO CB  CG   sing N N 266 
PRO CB  HB2  sing N N 267 
PRO CB  HB3  sing N N 268 
PRO CG  CD   sing N N 269 
PRO CG  HG2  sing N N 270 
PRO CG  HG3  sing N N 271 
PRO CD  HD2  sing N N 272 
PRO CD  HD3  sing N N 273 
PRO OXT HXT  sing N N 274 
SER N   CA   sing N N 275 
SER N   H    sing N N 276 
SER N   H2   sing N N 277 
SER CA  C    sing N N 278 
SER CA  CB   sing N N 279 
SER CA  HA   sing N N 280 
SER C   O    doub N N 281 
SER C   OXT  sing N N 282 
SER CB  OG   sing N N 283 
SER CB  HB2  sing N N 284 
SER CB  HB3  sing N N 285 
SER OG  HG   sing N N 286 
SER OXT HXT  sing N N 287 
THR N   CA   sing N N 288 
THR N   H    sing N N 289 
THR N   H2   sing N N 290 
THR CA  C    sing N N 291 
THR CA  CB   sing N N 292 
THR CA  HA   sing N N 293 
THR C   O    doub N N 294 
THR C   OXT  sing N N 295 
THR CB  OG1  sing N N 296 
THR CB  CG2  sing N N 297 
THR CB  HB   sing N N 298 
THR OG1 HG1  sing N N 299 
THR CG2 HG21 sing N N 300 
THR CG2 HG22 sing N N 301 
THR CG2 HG23 sing N N 302 
THR OXT HXT  sing N N 303 
TYR N   CA   sing N N 304 
TYR N   H    sing N N 305 
TYR N   H2   sing N N 306 
TYR CA  C    sing N N 307 
TYR CA  CB   sing N N 308 
TYR CA  HA   sing N N 309 
TYR C   O    doub N N 310 
TYR C   OXT  sing N N 311 
TYR CB  CG   sing N N 312 
TYR CB  HB2  sing N N 313 
TYR CB  HB3  sing N N 314 
TYR CG  CD1  doub Y N 315 
TYR CG  CD2  sing Y N 316 
TYR CD1 CE1  sing Y N 317 
TYR CD1 HD1  sing N N 318 
TYR CD2 CE2  doub Y N 319 
TYR CD2 HD2  sing N N 320 
TYR CE1 CZ   doub Y N 321 
TYR CE1 HE1  sing N N 322 
TYR CE2 CZ   sing Y N 323 
TYR CE2 HE2  sing N N 324 
TYR CZ  OH   sing N N 325 
TYR OH  HH   sing N N 326 
TYR OXT HXT  sing N N 327 
VAL N   CA   sing N N 328 
VAL N   H    sing N N 329 
VAL N   H2   sing N N 330 
VAL CA  C    sing N N 331 
VAL CA  CB   sing N N 332 
VAL CA  HA   sing N N 333 
VAL C   O    doub N N 334 
VAL C   OXT  sing N N 335 
VAL CB  CG1  sing N N 336 
VAL CB  CG2  sing N N 337 
VAL CB  HB   sing N N 338 
VAL CG1 HG11 sing N N 339 
VAL CG1 HG12 sing N N 340 
VAL CG1 HG13 sing N N 341 
VAL CG2 HG21 sing N N 342 
VAL CG2 HG22 sing N N 343 
VAL CG2 HG23 sing N N 344 
VAL OXT HXT  sing N N 345 
# 
_atom_sites.entry_id                    2BEC 
_atom_sites.fract_transf_matrix[1][1]   -0.00458511 
_atom_sites.fract_transf_matrix[1][2]   0.01975600 
_atom_sites.fract_transf_matrix[1][3]   0.00087587 
_atom_sites.fract_transf_matrix[2][1]   -0.01006184 
_atom_sites.fract_transf_matrix[2][2]   -0.00155662 
_atom_sites.fract_transf_matrix[2][3]   -0.01756207 
_atom_sites.fract_transf_matrix[3][1]   -0.00817501 
_atom_sites.fract_transf_matrix[3][2]   -0.00211327 
_atom_sites.fract_transf_matrix[3][3]   0.00487102 
_atom_sites.fract_transf_vector[1]      0.515881 
_atom_sites.fract_transf_vector[2]      0.318022 
_atom_sites.fract_transf_vector[3]      0.454306 
# 
loop_
_atom_type.symbol 
C 
N 
O 
S 
Y 
# 
loop_
_atom_site.group_PDB 
_atom_site.id 
_atom_site.type_symbol 
_atom_site.label_atom_id 
_atom_site.label_alt_id 
_atom_site.label_comp_id 
_atom_site.label_asym_id 
_atom_site.label_entity_id 
_atom_site.label_seq_id 
_atom_site.pdbx_PDB_ins_code 
_atom_site.Cartn_x 
_atom_site.Cartn_y 
_atom_site.Cartn_z 
_atom_site.occupancy 
_atom_site.B_iso_or_equiv 
_atom_site.pdbx_formal_charge 
_atom_site.auth_seq_id 
_atom_site.auth_comp_id 
_atom_site.auth_asym_id 
_atom_site.auth_atom_id 
_atom_site.pdbx_PDB_model_num 
ATOM   1    N N   . ILE A 1 11  ? 17.012  -19.902 8.450   1.00 103.96 ? 11   ILE A N   1 
ATOM   2    C CA  . ILE A 1 11  ? 17.647  -19.363 9.688   1.00 107.51 ? 11   ILE A CA  1 
ATOM   3    C C   . ILE A 1 11  ? 18.178  -17.935 9.473   1.00 110.94 ? 11   ILE A C   1 
ATOM   4    O O   . ILE A 1 11  ? 19.388  -17.704 9.501   1.00 119.95 ? 11   ILE A O   1 
ATOM   5    C CB  . ILE A 1 11  ? 18.817  -20.281 10.153  1.00 103.09 ? 11   ILE A CB  1 
ATOM   6    C CG1 . ILE A 1 11  ? 18.294  -21.687 10.468  1.00 103.25 ? 11   ILE A CG1 1 
ATOM   7    C CG2 . ILE A 1 11  ? 19.484  -19.707 11.396  1.00 109.67 ? 11   ILE A CG2 1 
ATOM   8    C CD1 . ILE A 1 11  ? 19.356  -22.636 11.018  1.00 86.41  ? 11   ILE A CD1 1 
ATOM   9    N N   . PRO A 1 12  ? 17.278  -16.962 9.227   1.00 108.58 ? 12   PRO A N   1 
ATOM   10   C CA  . PRO A 1 12  ? 17.697  -15.571 9.017   1.00 103.32 ? 12   PRO A CA  1 
ATOM   11   C C   . PRO A 1 12  ? 17.551  -14.764 10.307  1.00 103.57 ? 12   PRO A C   1 
ATOM   12   O O   . PRO A 1 12  ? 17.247  -15.324 11.362  1.00 107.43 ? 12   PRO A O   1 
ATOM   13   C CB  . PRO A 1 12  ? 16.733  -15.093 7.948   1.00 102.79 ? 12   PRO A CB  1 
ATOM   14   C CG  . PRO A 1 12  ? 15.455  -15.730 8.403   1.00 97.22  ? 12   PRO A CG  1 
ATOM   15   C CD  . PRO A 1 12  ? 15.898  -17.156 8.740   1.00 106.60 ? 12   PRO A CD  1 
ATOM   16   N N   . ASP A 1 13  ? 17.752  -13.452 10.217  1.00 100.31 ? 13   ASP A N   1 
ATOM   17   C CA  . ASP A 1 13  ? 17.631  -12.573 11.381  1.00 102.64 ? 13   ASP A CA  1 
ATOM   18   C C   . ASP A 1 13  ? 16.165  -12.455 11.816  1.00 105.59 ? 13   ASP A C   1 
ATOM   19   O O   . ASP A 1 13  ? 15.799  -11.561 12.580  1.00 101.91 ? 13   ASP A O   1 
ATOM   20   C CB  . ASP A 1 13  ? 18.175  -11.180 11.048  1.00 101.13 ? 13   ASP A CB  1 
ATOM   21   C CG  . ASP A 1 13  ? 18.491  -10.359 12.290  1.00 104.25 ? 13   ASP A CG  1 
ATOM   22   O OD1 . ASP A 1 13  ? 17.599  -10.185 13.148  1.00 103.37 ? 13   ASP A OD1 1 
ATOM   23   O OD2 . ASP A 1 13  ? 19.640  -9.883  12.404  1.00 105.43 ? 13   ASP A OD2 1 
ATOM   24   N N   . GLY A 1 14  ? 15.332  -13.370 11.329  1.00 107.77 ? 14   GLY A N   1 
ATOM   25   C CA  . GLY A 1 14  ? 13.917  -13.349 11.657  1.00 106.00 ? 14   GLY A CA  1 
ATOM   26   C C   . GLY A 1 14  ? 13.563  -13.534 13.120  1.00 105.07 ? 14   GLY A C   1 
ATOM   27   O O   . GLY A 1 14  ? 12.779  -14.415 13.462  1.00 109.12 ? 14   GLY A O   1 
ATOM   28   N N   . ASP A 1 15  ? 14.139  -12.710 13.985  1.00 103.10 ? 15   ASP A N   1 
ATOM   29   C CA  . ASP A 1 15  ? 13.854  -12.783 15.411  1.00 105.36 ? 15   ASP A CA  1 
ATOM   30   C C   . ASP A 1 15  ? 13.224  -11.463 15.797  1.00 101.28 ? 15   ASP A C   1 
ATOM   31   O O   . ASP A 1 15  ? 12.074  -11.411 16.232  1.00 99.53  ? 15   ASP A O   1 
ATOM   32   C CB  . ASP A 1 15  ? 15.139  -13.002 16.208  1.00 113.02 ? 15   ASP A CB  1 
ATOM   33   C CG  . ASP A 1 15  ? 15.727  -14.381 15.996  1.00 120.73 ? 15   ASP A CG  1 
ATOM   34   O OD1 . ASP A 1 15  ? 15.074  -15.370 16.395  1.00 123.50 ? 15   ASP A OD1 1 
ATOM   35   O OD2 . ASP A 1 15  ? 16.836  -14.477 15.429  1.00 119.45 ? 15   ASP A OD2 1 
ATOM   36   N N   . SER A 1 16  ? 13.988  -10.392 15.627  1.00 97.18  ? 16   SER A N   1 
ATOM   37   C CA  . SER A 1 16  ? 13.504  -9.059  15.934  1.00 95.66  ? 16   SER A CA  1 
ATOM   38   C C   . SER A 1 16  ? 12.606  -8.644  14.777  1.00 92.07  ? 16   SER A C   1 
ATOM   39   O O   . SER A 1 16  ? 11.854  -7.673  14.869  1.00 91.70  ? 16   SER A O   1 
ATOM   40   C CB  . SER A 1 16  ? 14.677  -8.089  16.069  1.00 101.51 ? 16   SER A CB  1 
ATOM   41   O OG  . SER A 1 16  ? 14.229  -6.805  16.463  1.00 112.13 ? 16   SER A OG  1 
ATOM   42   N N   . ILE A 1 17  ? 12.698  -9.396  13.683  1.00 83.84  ? 17   ILE A N   1 
ATOM   43   C CA  . ILE A 1 17  ? 11.892  -9.146  12.495  1.00 77.88  ? 17   ILE A CA  1 
ATOM   44   C C   . ILE A 1 17  ? 10.486  -9.647  12.766  1.00 80.99  ? 17   ILE A C   1 
ATOM   45   O O   . ILE A 1 17  ? 9.507   -8.918  12.593  1.00 77.58  ? 17   ILE A O   1 
ATOM   46   C CB  . ILE A 1 17  ? 12.456  -9.890  11.273  1.00 72.46  ? 17   ILE A CB  1 
ATOM   47   C CG1 . ILE A 1 17  ? 13.861  -9.373  10.965  1.00 76.45  ? 17   ILE A CG1 1 
ATOM   48   C CG2 . ILE A 1 17  ? 11.529  -9.722  10.081  1.00 58.10  ? 17   ILE A CG2 1 
ATOM   49   C CD1 . ILE A 1 17  ? 13.953  -7.865  10.868  1.00 84.88  ? 17   ILE A CD1 1 
ATOM   50   N N   . ARG A 1 18  ? 10.393  -10.901 13.194  1.00 86.22  ? 18   ARG A N   1 
ATOM   51   C CA  . ARG A 1 18  ? 9.111   -11.504 13.518  1.00 87.70  ? 18   ARG A CA  1 
ATOM   52   C C   . ARG A 1 18  ? 8.503   -10.681 14.653  1.00 86.62  ? 18   ARG A C   1 
ATOM   53   O O   . ARG A 1 18  ? 7.312   -10.781 14.950  1.00 87.27  ? 18   ARG A O   1 
ATOM   54   C CB  . ARG A 1 18  ? 9.311   -12.956 13.965  1.00 87.14  ? 18   ARG A CB  1 
ATOM   55   C CG  . ARG A 1 18  ? 8.024   -13.674 14.330  1.00 99.96  ? 18   ARG A CG  1 
ATOM   56   C CD  . ARG A 1 18  ? 8.232   -15.153 14.658  1.00 109.68 ? 18   ARG A CD  1 
ATOM   57   N NE  . ARG A 1 18  ? 8.879   -15.895 13.576  1.00 112.18 ? 18   ARG A NE  1 
ATOM   58   C CZ  . ARG A 1 18  ? 10.179  -16.171 13.534  1.00 112.49 ? 18   ARG A CZ  1 
ATOM   59   N NH1 . ARG A 1 18  ? 10.976  -15.771 14.516  1.00 109.84 ? 18   ARG A NH1 1 
ATOM   60   N NH2 . ARG A 1 18  ? 10.685  -16.848 12.511  1.00 105.25 ? 18   ARG A NH2 1 
ATOM   61   N N   . ARG A 1 19  ? 9.340   -9.851  15.267  1.00 80.32  ? 19   ARG A N   1 
ATOM   62   C CA  . ARG A 1 19  ? 8.928   -9.002  16.375  1.00 82.52  ? 19   ARG A CA  1 
ATOM   63   C C   . ARG A 1 19  ? 8.285   -7.706  15.915  1.00 79.14  ? 19   ARG A C   1 
ATOM   64   O O   . ARG A 1 19  ? 7.246   -7.304  16.437  1.00 80.74  ? 19   ARG A O   1 
ATOM   65   C CB  . ARG A 1 19  ? 10.134  -8.673  17.255  1.00 94.34  ? 19   ARG A CB  1 
ATOM   66   C CG  . ARG A 1 19  ? 9.789   -7.958  18.558  1.00 96.93  ? 19   ARG A CG  1 
ATOM   67   C CD  . ARG A 1 19  ? 11.033  -7.766  19.416  1.00 98.47  ? 19   ARG A CD  1 
ATOM   68   N NE  . ARG A 1 19  ? 11.885  -8.954  19.411  1.00 106.87 ? 19   ARG A NE  1 
ATOM   69   C CZ  . ARG A 1 19  ? 11.486  -10.174 19.765  1.00 106.52 ? 19   ARG A CZ  1 
ATOM   70   N NH1 . ARG A 1 19  ? 10.238  -10.386 20.162  1.00 103.86 ? 19   ARG A NH1 1 
ATOM   71   N NH2 . ARG A 1 19  ? 12.338  -11.190 19.709  1.00 99.52  ? 19   ARG A NH2 1 
ATOM   72   N N   . GLU A 1 20  ? 8.906   -7.050  14.940  1.00 79.69  ? 20   GLU A N   1 
ATOM   73   C CA  . GLU A 1 20  ? 8.384   -5.784  14.442  1.00 76.49  ? 20   GLU A CA  1 
ATOM   74   C C   . GLU A 1 20  ? 7.232   -5.942  13.460  1.00 71.57  ? 20   GLU A C   1 
ATOM   75   O O   . GLU A 1 20  ? 6.478   -4.995  13.238  1.00 78.04  ? 20   GLU A O   1 
ATOM   76   C CB  . GLU A 1 20  ? 9.495   -4.961  13.775  1.00 81.60  ? 20   GLU A CB  1 
ATOM   77   C CG  . GLU A 1 20  ? 9.932   -5.458  12.402  1.00 92.63  ? 20   GLU A CG  1 
ATOM   78   C CD  . GLU A 1 20  ? 10.716  -4.409  11.620  1.00 101.58 ? 20   GLU A CD  1 
ATOM   79   O OE1 . GLU A 1 20  ? 11.143  -4.701  10.481  1.00 95.53  ? 20   GLU A OE1 1 
ATOM   80   O OE2 . GLU A 1 20  ? 10.900  -3.288  12.144  1.00 105.36 ? 20   GLU A OE2 1 
ATOM   81   N N   . THR A 1 21  ? 7.087   -7.127  12.873  1.00 52.35  ? 21   THR A N   1 
ATOM   82   C CA  . THR A 1 21  ? 6.014   -7.335  11.910  1.00 60.51  ? 21   THR A CA  1 
ATOM   83   C C   . THR A 1 21  ? 4.894   -8.248  12.400  1.00 66.89  ? 21   THR A C   1 
ATOM   84   O O   . THR A 1 21  ? 3.836   -8.332  11.774  1.00 57.63  ? 21   THR A O   1 
ATOM   85   C CB  . THR A 1 21  ? 6.559   -7.897  10.583  1.00 63.60  ? 21   THR A CB  1 
ATOM   86   O OG1 . THR A 1 21  ? 7.048   -9.229  10.783  1.00 45.59  ? 21   THR A OG1 1 
ATOM   87   C CG2 . THR A 1 21  ? 7.684   -7.013  10.062  1.00 55.87  ? 21   THR A CG2 1 
ATOM   88   N N   . GLY A 1 22  ? 5.127   -8.927  13.517  1.00 68.81  ? 22   GLY A N   1 
ATOM   89   C CA  . GLY A 1 22  ? 4.119   -9.820  14.055  1.00 66.54  ? 22   GLY A CA  1 
ATOM   90   C C   . GLY A 1 22  ? 3.853   -11.017 13.159  1.00 68.76  ? 22   GLY A C   1 
ATOM   91   O O   . GLY A 1 22  ? 2.834   -11.695 13.302  1.00 68.75  ? 22   GLY A O   1 
ATOM   92   N N   . PHE A 1 23  ? 4.765   -11.277 12.227  1.00 66.78  ? 23   PHE A N   1 
ATOM   93   C CA  . PHE A 1 23  ? 4.610   -12.407 11.320  1.00 71.11  ? 23   PHE A CA  1 
ATOM   94   C C   . PHE A 1 23  ? 4.892   -13.730 12.022  1.00 72.96  ? 23   PHE A C   1 
ATOM   95   O O   . PHE A 1 23  ? 5.797   -13.824 12.844  1.00 66.29  ? 23   PHE A O   1 
ATOM   96   C CB  . PHE A 1 23  ? 5.547   -12.263 10.119  1.00 59.84  ? 23   PHE A CB  1 
ATOM   97   C CG  . PHE A 1 23  ? 4.976   -11.449 9.001   1.00 63.29  ? 23   PHE A CG  1 
ATOM   98   C CD1 . PHE A 1 23  ? 3.780   -11.822 8.396   1.00 55.43  ? 23   PHE A CD1 1 
ATOM   99   C CD2 . PHE A 1 23  ? 5.641   -10.322 8.531   1.00 62.43  ? 23   PHE A CD2 1 
ATOM   100  C CE1 . PHE A 1 23  ? 3.257   -11.085 7.336   1.00 49.78  ? 23   PHE A CE1 1 
ATOM   101  C CE2 . PHE A 1 23  ? 5.124   -9.579  7.472   1.00 50.01  ? 23   PHE A CE2 1 
ATOM   102  C CZ  . PHE A 1 23  ? 3.932   -9.961  6.874   1.00 51.30  ? 23   PHE A CZ  1 
ATOM   103  N N   . SER A 1 24  ? 4.108   -14.750 11.694  1.00 75.44  ? 24   SER A N   1 
ATOM   104  C CA  . SER A 1 24  ? 4.293   -16.063 12.290  1.00 82.08  ? 24   SER A CA  1 
ATOM   105  C C   . SER A 1 24  ? 5.507   -16.723 11.643  1.00 92.03  ? 24   SER A C   1 
ATOM   106  O O   . SER A 1 24  ? 5.831   -16.440 10.490  1.00 95.09  ? 24   SER A O   1 
ATOM   107  C CB  . SER A 1 24  ? 3.054   -16.924 12.061  1.00 85.49  ? 24   SER A CB  1 
ATOM   108  O OG  . SER A 1 24  ? 2.839   -17.136 10.678  1.00 96.83  ? 24   SER A OG  1 
ATOM   109  N N   . GLN A 1 25  ? 6.175   -17.598 12.388  1.00 95.60  ? 25   GLN A N   1 
ATOM   110  C CA  . GLN A 1 25  ? 7.354   -18.291 11.881  1.00 92.35  ? 25   GLN A CA  1 
ATOM   111  C C   . GLN A 1 25  ? 7.225   -18.690 10.413  1.00 86.10  ? 25   GLN A C   1 
ATOM   112  O O   . GLN A 1 25  ? 7.878   -18.112 9.547   1.00 90.88  ? 25   GLN A O   1 
ATOM   113  C CB  . GLN A 1 25  ? 7.637   -19.535 12.729  1.00 100.05 ? 25   GLN A CB  1 
ATOM   114  C CG  . GLN A 1 25  ? 8.782   -20.400 12.214  1.00 106.45 ? 25   GLN A CG  1 
ATOM   115  C CD  . GLN A 1 25  ? 10.049  -19.604 11.949  1.00 109.24 ? 25   GLN A CD  1 
ATOM   116  O OE1 . GLN A 1 25  ? 10.116  -18.813 11.009  1.00 108.97 ? 25   GLN A OE1 1 
ATOM   117  N NE2 . GLN A 1 25  ? 11.059  -19.808 12.785  1.00 115.69 ? 25   GLN A NE2 1 
ATOM   118  N N   . ALA A 1 26  ? 6.380   -19.676 10.140  1.00 79.61  ? 26   ALA A N   1 
ATOM   119  C CA  . ALA A 1 26  ? 6.183   -20.155 8.778   1.00 82.69  ? 26   ALA A CA  1 
ATOM   120  C C   . ALA A 1 26  ? 5.869   -19.032 7.796   1.00 87.96  ? 26   ALA A C   1 
ATOM   121  O O   . ALA A 1 26  ? 6.080   -19.178 6.590   1.00 91.88  ? 26   ALA A O   1 
ATOM   122  C CB  . ALA A 1 26  ? 5.072   -21.195 8.748   1.00 85.00  ? 26   ALA A CB  1 
ATOM   123  N N   . SER A 1 27  ? 5.361   -17.913 8.307   1.00 84.50  ? 27   SER A N   1 
ATOM   124  C CA  . SER A 1 27  ? 5.034   -16.785 7.444   1.00 73.99  ? 27   SER A CA  1 
ATOM   125  C C   . SER A 1 27  ? 6.285   -16.158 6.848   1.00 66.40  ? 27   SER A C   1 
ATOM   126  O O   . SER A 1 27  ? 6.388   -16.032 5.627   1.00 58.40  ? 27   SER A O   1 
ATOM   127  C CB  . SER A 1 27  ? 4.237   -15.727 8.211   1.00 81.12  ? 27   SER A CB  1 
ATOM   128  O OG  . SER A 1 27  ? 2.884   -16.115 8.362   1.00 73.43  ? 27   SER A OG  1 
ATOM   129  N N   . LEU A 1 28  ? 7.230   -15.765 7.703   1.00 57.45  ? 28   LEU A N   1 
ATOM   130  C CA  . LEU A 1 28  ? 8.473   -15.160 7.227   1.00 56.07  ? 28   LEU A CA  1 
ATOM   131  C C   . LEU A 1 28  ? 9.203   -16.154 6.348   1.00 61.18  ? 28   LEU A C   1 
ATOM   132  O O   . LEU A 1 28  ? 9.959   -15.772 5.462   1.00 68.49  ? 28   LEU A O   1 
ATOM   133  C CB  . LEU A 1 28  ? 9.396   -14.775 8.384   1.00 55.15  ? 28   LEU A CB  1 
ATOM   134  C CG  . LEU A 1 28  ? 8.936   -13.745 9.412   1.00 72.43  ? 28   LEU A CG  1 
ATOM   135  C CD1 . LEU A 1 28  ? 8.121   -14.441 10.496  1.00 73.27  ? 28   LEU A CD1 1 
ATOM   136  C CD2 . LEU A 1 28  ? 10.156  -13.060 10.025  1.00 66.97  ? 28   LEU A CD2 1 
ATOM   137  N N   . LEU A 1 29  ? 8.986   -17.438 6.609   1.00 63.81  ? 29   LEU A N   1 
ATOM   138  C CA  . LEU A 1 29  ? 9.631   -18.474 5.825   1.00 64.21  ? 29   LEU A CA  1 
ATOM   139  C C   . LEU A 1 29  ? 9.123   -18.403 4.393   1.00 66.49  ? 29   LEU A C   1 
ATOM   140  O O   . LEU A 1 29  ? 9.915   -18.339 3.450   1.00 69.91  ? 29   LEU A O   1 
ATOM   141  C CB  . LEU A 1 29  ? 9.347   -19.853 6.425   1.00 71.36  ? 29   LEU A CB  1 
ATOM   142  C CG  . LEU A 1 29  ? 9.903   -20.084 7.835   1.00 76.50  ? 29   LEU A CG  1 
ATOM   143  C CD1 . LEU A 1 29  ? 9.566   -21.495 8.290   1.00 68.34  ? 29   LEU A CD1 1 
ATOM   144  C CD2 . LEU A 1 29  ? 11.410  -19.864 7.846   1.00 69.26  ? 29   LEU A CD2 1 
ATOM   145  N N   . ARG A 1 30  ? 7.803   -18.405 4.230   1.00 64.89  ? 30   ARG A N   1 
ATOM   146  C CA  . ARG A 1 30  ? 7.224   -18.329 2.898   1.00 63.74  ? 30   ARG A CA  1 
ATOM   147  C C   . ARG A 1 30  ? 7.669   -17.022 2.254   1.00 65.29  ? 30   ARG A C   1 
ATOM   148  O O   . ARG A 1 30  ? 7.705   -16.901 1.030   1.00 61.90  ? 30   ARG A O   1 
ATOM   149  C CB  . ARG A 1 30  ? 5.694   -18.364 2.951   1.00 75.61  ? 30   ARG A CB  1 
ATOM   150  C CG  . ARG A 1 30  ? 5.079   -18.517 1.566   1.00 82.77  ? 30   ARG A CG  1 
ATOM   151  C CD  . ARG A 1 30  ? 3.667   -17.970 1.455   1.00 79.49  ? 30   ARG A CD  1 
ATOM   152  N NE  . ARG A 1 30  ? 3.180   -18.087 0.078   1.00 96.39  ? 30   ARG A NE  1 
ATOM   153  C CZ  . ARG A 1 30  ? 2.003   -17.641 -0.355  1.00 96.23  ? 30   ARG A CZ  1 
ATOM   154  N NH1 . ARG A 1 30  ? 1.167   -17.033 0.477   1.00 99.19  ? 30   ARG A NH1 1 
ATOM   155  N NH2 . ARG A 1 30  ? 1.660   -17.811 -1.625  1.00 87.75  ? 30   ARG A NH2 1 
ATOM   156  N N   . LEU A 1 31  ? 8.006   -16.047 3.092   1.00 63.40  ? 31   LEU A N   1 
ATOM   157  C CA  . LEU A 1 31  ? 8.448   -14.746 2.614   1.00 67.76  ? 31   LEU A CA  1 
ATOM   158  C C   . LEU A 1 31  ? 9.906   -14.785 2.214   1.00 66.15  ? 31   LEU A C   1 
ATOM   159  O O   . LEU A 1 31  ? 10.248  -14.475 1.077   1.00 71.50  ? 31   LEU A O   1 
ATOM   160  C CB  . LEU A 1 31  ? 8.244   -13.677 3.689   1.00 66.94  ? 31   LEU A CB  1 
ATOM   161  C CG  . LEU A 1 31  ? 6.785   -13.414 4.064   1.00 70.16  ? 31   LEU A CG  1 
ATOM   162  C CD1 . LEU A 1 31  ? 6.708   -12.287 5.082   1.00 63.90  ? 31   LEU A CD1 1 
ATOM   163  C CD2 . LEU A 1 31  ? 5.993   -13.070 2.809   1.00 46.78  ? 31   LEU A CD2 1 
ATOM   164  N N   . HIS A 1 32  ? 10.765  -15.163 3.156   1.00 71.82  ? 32   HIS A N   1 
ATOM   165  C CA  . HIS A 1 32  ? 12.195  -15.247 2.888   1.00 76.68  ? 32   HIS A CA  1 
ATOM   166  C C   . HIS A 1 32  ? 12.410  -16.083 1.636   1.00 73.09  ? 32   HIS A C   1 
ATOM   167  O O   . HIS A 1 32  ? 13.234  -15.755 0.784   1.00 70.54  ? 32   HIS A O   1 
ATOM   168  C CB  . HIS A 1 32  ? 12.926  -15.884 4.066   1.00 78.30  ? 32   HIS A CB  1 
ATOM   169  C CG  . HIS A 1 32  ? 14.410  -15.952 3.884   1.00 93.69  ? 32   HIS A CG  1 
ATOM   170  N ND1 . HIS A 1 32  ? 15.183  -14.833 3.664   1.00 94.74  ? 32   HIS A ND1 1 
ATOM   171  C CD2 . HIS A 1 32  ? 15.261  -17.005 3.877   1.00 98.15  ? 32   HIS A CD2 1 
ATOM   172  C CE1 . HIS A 1 32  ? 16.447  -15.193 3.529   1.00 96.28  ? 32   HIS A CE1 1 
ATOM   173  N NE2 . HIS A 1 32  ? 16.521  -16.506 3.654   1.00 99.73  ? 32   HIS A NE2 1 
ATOM   174  N N   . HIS A 1 33  ? 11.651  -17.165 1.536   1.00 66.55  ? 33   HIS A N   1 
ATOM   175  C CA  . HIS A 1 33  ? 11.730  -18.043 0.386   1.00 76.71  ? 33   HIS A CA  1 
ATOM   176  C C   . HIS A 1 33  ? 11.365  -17.198 -0.836  1.00 72.21  ? 33   HIS A C   1 
ATOM   177  O O   . HIS A 1 33  ? 12.096  -17.158 -1.825  1.00 60.69  ? 33   HIS A O   1 
ATOM   178  C CB  . HIS A 1 33  ? 10.740  -19.200 0.560   1.00 93.29  ? 33   HIS A CB  1 
ATOM   179  C CG  . HIS A 1 33  ? 11.041  -20.391 -0.294  1.00 112.49 ? 33   HIS A CG  1 
ATOM   180  N ND1 . HIS A 1 33  ? 10.933  -20.370 -1.667  1.00 119.98 ? 33   HIS A ND1 1 
ATOM   181  C CD2 . HIS A 1 33  ? 11.461  -21.637 0.033   1.00 116.95 ? 33   HIS A CD2 1 
ATOM   182  C CE1 . HIS A 1 33  ? 11.273  -21.553 -2.151  1.00 123.10 ? 33   HIS A CE1 1 
ATOM   183  N NE2 . HIS A 1 33  ? 11.597  -22.339 -1.140  1.00 123.09 ? 33   HIS A NE2 1 
ATOM   184  N N   . ARG A 1 34  ? 10.233  -16.508 -0.744  1.00 76.59  ? 34   ARG A N   1 
ATOM   185  C CA  . ARG A 1 34  ? 9.747   -15.646 -1.817  1.00 72.75  ? 34   ARG A CA  1 
ATOM   186  C C   . ARG A 1 34  ? 10.731  -14.523 -2.132  1.00 67.55  ? 34   ARG A C   1 
ATOM   187  O O   . ARG A 1 34  ? 10.946  -14.181 -3.293  1.00 55.70  ? 34   ARG A O   1 
ATOM   188  C CB  . ARG A 1 34  ? 8.392   -15.052 -1.427  1.00 71.69  ? 34   ARG A CB  1 
ATOM   189  C CG  . ARG A 1 34  ? 7.889   -13.957 -2.347  1.00 65.18  ? 34   ARG A CG  1 
ATOM   190  C CD  . ARG A 1 34  ? 7.756   -14.437 -3.775  1.00 62.48  ? 34   ARG A CD  1 
ATOM   191  N NE  . ARG A 1 34  ? 7.064   -13.454 -4.601  1.00 73.27  ? 34   ARG A NE  1 
ATOM   192  C CZ  . ARG A 1 34  ? 6.960   -13.527 -5.923  1.00 77.81  ? 34   ARG A CZ  1 
ATOM   193  N NH1 . ARG A 1 34  ? 7.506   -14.539 -6.580  1.00 81.29  ? 34   ARG A NH1 1 
ATOM   194  N NH2 . ARG A 1 34  ? 6.305   -12.587 -6.590  1.00 85.16  ? 34   ARG A NH2 1 
ATOM   195  N N   . PHE A 1 35  ? 11.314  -13.947 -1.086  1.00 61.25  ? 35   PHE A N   1 
ATOM   196  C CA  . PHE A 1 35  ? 12.284  -12.871 -1.230  1.00 61.89  ? 35   PHE A CA  1 
ATOM   197  C C   . PHE A 1 35  ? 13.544  -13.421 -1.876  1.00 70.88  ? 35   PHE A C   1 
ATOM   198  O O   . PHE A 1 35  ? 14.199  -12.743 -2.669  1.00 71.70  ? 35   PHE A O   1 
ATOM   199  C CB  . PHE A 1 35  ? 12.603  -12.289 0.145   1.00 57.90  ? 35   PHE A CB  1 
ATOM   200  C CG  . PHE A 1 35  ? 13.808  -11.383 0.174   1.00 67.38  ? 35   PHE A CG  1 
ATOM   201  C CD1 . PHE A 1 35  ? 15.098  -11.910 0.154   1.00 60.31  ? 35   PHE A CD1 1 
ATOM   202  C CD2 . PHE A 1 35  ? 13.651  -10.006 0.303   1.00 59.32  ? 35   PHE A CD2 1 
ATOM   203  C CE1 . PHE A 1 35  ? 16.209  -11.077 0.270   1.00 70.54  ? 35   PHE A CE1 1 
ATOM   204  C CE2 . PHE A 1 35  ? 14.757  -9.166  0.420   1.00 69.27  ? 35   PHE A CE2 1 
ATOM   205  C CZ  . PHE A 1 35  ? 16.037  -9.702  0.407   1.00 70.46  ? 35   PHE A CZ  1 
ATOM   206  N N   . ARG A 1 36  ? 13.877  -14.655 -1.519  1.00 77.70  ? 36   ARG A N   1 
ATOM   207  C CA  . ARG A 1 36  ? 15.053  -15.317 -2.057  1.00 73.17  ? 36   ARG A CA  1 
ATOM   208  C C   . ARG A 1 36  ? 14.895  -15.413 -3.570  1.00 68.83  ? 36   ARG A C   1 
ATOM   209  O O   . ARG A 1 36  ? 15.822  -15.110 -4.319  1.00 67.43  ? 36   ARG A O   1 
ATOM   210  C CB  . ARG A 1 36  ? 15.189  -16.712 -1.441  1.00 85.86  ? 36   ARG A CB  1 
ATOM   211  C CG  . ARG A 1 36  ? 16.519  -17.393 -1.705  1.00 105.08 ? 36   ARG A CG  1 
ATOM   212  C CD  . ARG A 1 36  ? 16.602  -18.732 -0.988  1.00 115.29 ? 36   ARG A CD  1 
ATOM   213  N NE  . ARG A 1 36  ? 16.433  -18.589 0.456   1.00 127.27 ? 36   ARG A NE  1 
ATOM   214  C CZ  . ARG A 1 36  ? 16.539  -19.592 1.322   1.00 134.24 ? 36   ARG A CZ  1 
ATOM   215  N NH1 . ARG A 1 36  ? 16.815  -20.816 0.892   1.00 133.94 ? 36   ARG A NH1 1 
ATOM   216  N NH2 . ARG A 1 36  ? 16.374  -19.374 2.620   1.00 135.04 ? 36   ARG A NH2 1 
ATOM   217  N N   . ALA A 1 37  ? 13.705  -15.818 -4.008  1.00 57.56  ? 37   ALA A N   1 
ATOM   218  C CA  . ALA A 1 37  ? 13.395  -15.958 -5.428  1.00 61.47  ? 37   ALA A CA  1 
ATOM   219  C C   . ALA A 1 37  ? 13.443  -14.632 -6.188  1.00 74.36  ? 37   ALA A C   1 
ATOM   220  O O   . ALA A 1 37  ? 13.776  -14.600 -7.375  1.00 77.95  ? 37   ALA A O   1 
ATOM   221  C CB  . ALA A 1 37  ? 12.021  -16.592 -5.597  1.00 52.91  ? 37   ALA A CB  1 
ATOM   222  N N   . LEU A 1 38  ? 13.101  -13.541 -5.508  1.00 77.70  ? 38   LEU A N   1 
ATOM   223  C CA  . LEU A 1 38  ? 13.108  -12.221 -6.132  1.00 82.43  ? 38   LEU A CA  1 
ATOM   224  C C   . LEU A 1 38  ? 14.542  -11.710 -6.288  1.00 93.07  ? 38   LEU A C   1 
ATOM   225  O O   . LEU A 1 38  ? 14.854  -10.961 -7.220  1.00 80.81  ? 38   LEU A O   1 
ATOM   226  C CB  . LEU A 1 38  ? 12.281  -11.243 -5.288  1.00 80.18  ? 38   LEU A CB  1 
ATOM   227  C CG  . LEU A 1 38  ? 10.828  -11.651 -5.002  1.00 75.89  ? 38   LEU A CG  1 
ATOM   228  C CD1 . LEU A 1 38  ? 10.179  -10.616 -4.109  1.00 72.64  ? 38   LEU A CD1 1 
ATOM   229  C CD2 . LEU A 1 38  ? 10.047  -11.790 -6.296  1.00 58.15  ? 38   LEU A CD2 1 
ATOM   230  N N   . ASP A 1 39  ? 15.407  -12.132 -5.370  1.00 102.76 ? 39   ASP A N   1 
ATOM   231  C CA  . ASP A 1 39  ? 16.818  -11.751 -5.375  1.00 113.80 ? 39   ASP A CA  1 
ATOM   232  C C   . ASP A 1 39  ? 17.509  -12.482 -6.533  1.00 121.61 ? 39   ASP A C   1 
ATOM   233  O O   . ASP A 1 39  ? 17.547  -13.713 -6.561  1.00 125.73 ? 39   ASP A O   1 
ATOM   234  C CB  . ASP A 1 39  ? 17.452  -12.155 -4.037  1.00 117.66 ? 39   ASP A CB  1 
ATOM   235  C CG  . ASP A 1 39  ? 18.756  -11.426 -3.754  1.00 121.85 ? 39   ASP A CG  1 
ATOM   236  O OD1 . ASP A 1 39  ? 19.342  -11.666 -2.675  1.00 116.02 ? 39   ASP A OD1 1 
ATOM   237  O OD2 . ASP A 1 39  ? 19.192  -10.614 -4.599  1.00 125.75 ? 39   ASP A OD2 1 
ATOM   238  N N   . ARG A 1 40  ? 18.052  -11.726 -7.486  1.00 126.51 ? 40   ARG A N   1 
ATOM   239  C CA  . ARG A 1 40  ? 18.717  -12.318 -8.649  1.00 127.47 ? 40   ARG A CA  1 
ATOM   240  C C   . ARG A 1 40  ? 20.215  -12.567 -8.446  1.00 128.54 ? 40   ARG A C   1 
ATOM   241  O O   . ARG A 1 40  ? 20.652  -13.714 -8.327  1.00 125.63 ? 40   ARG A O   1 
ATOM   242  C CB  . ARG A 1 40  ? 18.525  -11.424 -9.878  1.00 123.91 ? 40   ARG A CB  1 
ATOM   243  C CG  . ARG A 1 40  ? 18.093  -12.168 -11.137 1.00 117.48 ? 40   ARG A CG  1 
ATOM   244  C CD  . ARG A 1 40  ? 16.578  -12.184 -11.268 1.00 101.72 ? 40   ARG A CD  1 
ATOM   245  N NE  . ARG A 1 40  ? 16.035  -10.827 -11.272 1.00 102.69 ? 40   ARG A NE  1 
ATOM   246  C CZ  . ARG A 1 40  ? 16.351  -9.891  -12.165 1.00 97.39  ? 40   ARG A CZ  1 
ATOM   247  N NH1 . ARG A 1 40  ? 17.209  -10.156 -13.140 1.00 93.43  ? 40   ARG A NH1 1 
ATOM   248  N NH2 . ARG A 1 40  ? 15.820  -8.679  -12.074 1.00 89.17  ? 40   ARG A NH2 1 
ATOM   249  N N   . ASN A 1 41  ? 20.997  -11.492 -8.423  1.00 130.29 ? 41   ASN A N   1 
ATOM   250  C CA  . ASN A 1 41  ? 22.442  -11.601 -8.244  1.00 127.45 ? 41   ASN A CA  1 
ATOM   251  C C   . ASN A 1 41  ? 22.779  -12.197 -6.884  1.00 123.83 ? 41   ASN A C   1 
ATOM   252  O O   . ASN A 1 41  ? 23.879  -12.708 -6.672  1.00 124.94 ? 41   ASN A O   1 
ATOM   253  C CB  . ASN A 1 41  ? 23.097  -10.227 -8.397  1.00 129.08 ? 41   ASN A CB  1 
ATOM   254  C CG  . ASN A 1 41  ? 22.910  -9.647  -9.788  1.00 129.52 ? 41   ASN A CG  1 
ATOM   255  O OD1 . ASN A 1 41  ? 21.790  -9.358  -10.208 1.00 128.60 ? 41   ASN A OD1 1 
ATOM   256  N ND2 . ASN A 1 41  ? 24.011  -9.484  -10.513 1.00 128.32 ? 41   ASN A ND2 1 
ATOM   257  N N   . LYS A 1 42  ? 21.819  -12.120 -5.967  1.00 119.74 ? 42   LYS A N   1 
ATOM   258  C CA  . LYS A 1 42  ? 21.965  -12.667 -4.621  1.00 113.57 ? 42   LYS A CA  1 
ATOM   259  C C   . LYS A 1 42  ? 22.991  -11.922 -3.772  1.00 112.39 ? 42   LYS A C   1 
ATOM   260  O O   . LYS A 1 42  ? 24.074  -12.442 -3.497  1.00 112.90 ? 42   LYS A O   1 
ATOM   261  C CB  . LYS A 1 42  ? 22.349  -14.148 -4.698  1.00 106.23 ? 42   LYS A CB  1 
ATOM   262  C CG  . LYS A 1 42  ? 21.630  -14.924 -5.794  1.00 102.15 ? 42   LYS A CG  1 
ATOM   263  C CD  . LYS A 1 42  ? 20.130  -15.028 -5.556  1.00 103.57 ? 42   LYS A CD  1 
ATOM   264  C CE  . LYS A 1 42  ? 19.809  -15.948 -4.384  1.00 111.30 ? 42   LYS A CE  1 
ATOM   265  N NZ  . LYS A 1 42  ? 18.349  -16.229 -4.271  1.00 105.74 ? 42   LYS A NZ  1 
ATOM   266  N N   . LYS A 1 43  ? 22.646  -10.707 -3.355  1.00 108.41 ? 43   LYS A N   1 
ATOM   267  C CA  . LYS A 1 43  ? 23.538  -9.902  -2.526  1.00 109.11 ? 43   LYS A CA  1 
ATOM   268  C C   . LYS A 1 43  ? 22.805  -9.528  -1.239  1.00 108.59 ? 43   LYS A C   1 
ATOM   269  O O   . LYS A 1 43  ? 23.243  -8.652  -0.488  1.00 106.15 ? 43   LYS A O   1 
ATOM   270  C CB  . LYS A 1 43  ? 23.953  -8.633  -3.275  1.00 111.57 ? 43   LYS A CB  1 
ATOM   271  C CG  . LYS A 1 43  ? 25.162  -7.899  -2.700  1.00 107.43 ? 43   LYS A CG  1 
ATOM   272  C CD  . LYS A 1 43  ? 26.467  -8.598  -3.062  1.00 100.02 ? 43   LYS A CD  1 
ATOM   273  C CE  . LYS A 1 43  ? 26.590  -8.795  -4.569  1.00 100.05 ? 43   LYS A CE  1 
ATOM   274  N NZ  . LYS A 1 43  ? 26.382  -7.525  -5.319  1.00 103.87 ? 43   LYS A NZ  1 
ATOM   275  N N   . GLY A 1 44  ? 21.684  -10.205 -0.997  1.00 108.73 ? 44   GLY A N   1 
ATOM   276  C CA  . GLY A 1 44  ? 20.889  -9.946  0.192   1.00 101.56 ? 44   GLY A CA  1 
ATOM   277  C C   . GLY A 1 44  ? 20.166  -8.619  0.094   1.00 95.57  ? 44   GLY A C   1 
ATOM   278  O O   . GLY A 1 44  ? 20.176  -7.825  1.035   1.00 89.48  ? 44   GLY A O   1 
ATOM   279  N N   . TYR A 1 45  ? 19.533  -8.380  -1.050  1.00 94.38  ? 45   TYR A N   1 
ATOM   280  C CA  . TYR A 1 45  ? 18.814  -7.134  -1.273  1.00 94.89  ? 45   TYR A CA  1 
ATOM   281  C C   . TYR A 1 45  ? 18.031  -7.206  -2.578  1.00 90.96  ? 45   TYR A C   1 
ATOM   282  O O   . TYR A 1 45  ? 18.245  -8.102  -3.395  1.00 89.29  ? 45   TYR A O   1 
ATOM   283  C CB  . TYR A 1 45  ? 19.813  -5.971  -1.342  1.00 99.66  ? 45   TYR A CB  1 
ATOM   284  C CG  . TYR A 1 45  ? 20.588  -5.900  -2.646  1.00 109.74 ? 45   TYR A CG  1 
ATOM   285  C CD1 . TYR A 1 45  ? 20.983  -7.060  -3.316  1.00 112.76 ? 45   TYR A CD1 1 
ATOM   286  C CD2 . TYR A 1 45  ? 20.926  -4.671  -3.209  1.00 113.54 ? 45   TYR A CD2 1 
ATOM   287  C CE1 . TYR A 1 45  ? 21.688  -6.996  -4.516  1.00 114.58 ? 45   TYR A CE1 1 
ATOM   288  C CE2 . TYR A 1 45  ? 21.636  -4.598  -4.408  1.00 115.86 ? 45   TYR A CE2 1 
ATOM   289  C CZ  . TYR A 1 45  ? 22.012  -5.764  -5.053  1.00 115.44 ? 45   TYR A CZ  1 
ATOM   290  O OH  . TYR A 1 45  ? 22.716  -5.699  -6.232  1.00 119.54 ? 45   TYR A OH  1 
ATOM   291  N N   . LEU A 1 46  ? 17.119  -6.259  -2.762  1.00 84.89  ? 46   LEU A N   1 
ATOM   292  C CA  . LEU A 1 46  ? 16.317  -6.186  -3.975  1.00 75.58  ? 46   LEU A CA  1 
ATOM   293  C C   . LEU A 1 46  ? 16.419  -4.776  -4.538  1.00 76.73  ? 46   LEU A C   1 
ATOM   294  O O   . LEU A 1 46  ? 16.693  -3.822  -3.807  1.00 67.35  ? 46   LEU A O   1 
ATOM   295  C CB  . LEU A 1 46  ? 14.849  -6.517  -3.680  1.00 73.69  ? 46   LEU A CB  1 
ATOM   296  C CG  . LEU A 1 46  ? 14.407  -7.983  -3.715  1.00 77.63  ? 46   LEU A CG  1 
ATOM   297  C CD1 . LEU A 1 46  ? 15.251  -8.818  -2.771  1.00 83.82  ? 46   LEU A CD1 1 
ATOM   298  C CD2 . LEU A 1 46  ? 12.940  -8.072  -3.340  1.00 75.53  ? 46   LEU A CD2 1 
ATOM   299  N N   . SER A 1 47  ? 16.213  -4.649  -5.842  1.00 74.35  ? 47   SER A N   1 
ATOM   300  C CA  . SER A 1 47  ? 16.263  -3.353  -6.500  1.00 79.98  ? 47   SER A CA  1 
ATOM   301  C C   . SER A 1 47  ? 14.965  -3.174  -7.265  1.00 78.99  ? 47   SER A C   1 
ATOM   302  O O   . SER A 1 47  ? 14.239  -4.146  -7.485  1.00 73.86  ? 47   SER A O   1 
ATOM   303  C CB  . SER A 1 47  ? 17.444  -3.292  -7.473  1.00 77.86  ? 47   SER A CB  1 
ATOM   304  O OG  . SER A 1 47  ? 18.680  -3.372  -6.787  1.00 79.43  ? 47   SER A OG  1 
ATOM   305  N N   . ARG A 1 48  ? 14.656  -1.942  -7.658  1.00 71.47  ? 48   ARG A N   1 
ATOM   306  C CA  . ARG A 1 48  ? 13.442  -1.720  -8.423  1.00 74.19  ? 48   ARG A CA  1 
ATOM   307  C C   . ARG A 1 48  ? 13.495  -2.786  -9.509  1.00 80.77  ? 48   ARG A C   1 
ATOM   308  O O   . ARG A 1 48  ? 12.494  -3.418  -9.835  1.00 80.73  ? 48   ARG A O   1 
ATOM   309  C CB  . ARG A 1 48  ? 13.431  -0.320  -9.050  1.00 72.74  ? 48   ARG A CB  1 
ATOM   310  C CG  . ARG A 1 48  ? 13.295  0.826   -8.046  1.00 60.73  ? 48   ARG A CG  1 
ATOM   311  C CD  . ARG A 1 48  ? 14.617  1.143   -7.360  1.00 72.76  ? 48   ARG A CD  1 
ATOM   312  N NE  . ARG A 1 48  ? 14.491  2.175   -6.329  1.00 73.31  ? 48   ARG A NE  1 
ATOM   313  C CZ  . ARG A 1 48  ? 13.913  3.358   -6.513  1.00 74.57  ? 48   ARG A CZ  1 
ATOM   314  N NH1 . ARG A 1 48  ? 13.398  3.664   -7.692  1.00 88.42  ? 48   ARG A NH1 1 
ATOM   315  N NH2 . ARG A 1 48  ? 13.852  4.240   -5.522  1.00 63.98  ? 48   ARG A NH2 1 
ATOM   316  N N   . MET A 1 49  ? 14.699  -2.996  -10.032 1.00 91.25  ? 49   MET A N   1 
ATOM   317  C CA  . MET A 1 49  ? 14.948  -3.988  -11.070 1.00 96.43  ? 49   MET A CA  1 
ATOM   318  C C   . MET A 1 49  ? 14.331  -5.330  -10.709 1.00 91.65  ? 49   MET A C   1 
ATOM   319  O O   . MET A 1 49  ? 13.486  -5.856  -11.432 1.00 87.05  ? 49   MET A O   1 
ATOM   320  C CB  . MET A 1 49  ? 16.456  -4.175  -11.264 1.00 110.22 ? 49   MET A CB  1 
ATOM   321  C CG  . MET A 1 49  ? 17.166  -2.999  -11.908 1.00 121.75 ? 49   MET A CG  1 
ATOM   322  S SD  . MET A 1 49  ? 16.609  -2.739  -13.603 1.00 141.58 ? 49   MET A SD  1 
ATOM   323  C CE  . MET A 1 49  ? 17.459  -4.076  -14.450 1.00 137.35 ? 49   MET A CE  1 
ATOM   324  N N   . ASP A 1 50  ? 14.769  -5.871  -9.577  1.00 92.23  ? 50   ASP A N   1 
ATOM   325  C CA  . ASP A 1 50  ? 14.306  -7.164  -9.089  1.00 87.10  ? 50   ASP A CA  1 
ATOM   326  C C   . ASP A 1 50  ? 12.795  -7.260  -8.933  1.00 81.70  ? 50   ASP A C   1 
ATOM   327  O O   . ASP A 1 50  ? 12.187  -8.234  -9.373  1.00 84.85  ? 50   ASP A O   1 
ATOM   328  C CB  . ASP A 1 50  ? 14.977  -7.482  -7.751  1.00 96.09  ? 50   ASP A CB  1 
ATOM   329  C CG  . ASP A 1 50  ? 16.489  -7.521  -7.852  1.00 102.23 ? 50   ASP A CG  1 
ATOM   330  O OD1 . ASP A 1 50  ? 17.015  -8.386  -8.585  1.00 107.18 ? 50   ASP A OD1 1 
ATOM   331  O OD2 . ASP A 1 50  ? 17.149  -6.684  -7.202  1.00 102.11 ? 50   ASP A OD2 1 
ATOM   332  N N   . LEU A 1 51  ? 12.194  -6.251  -8.308  1.00 80.21  ? 51   LEU A N   1 
ATOM   333  C CA  . LEU A 1 51  ? 10.750  -6.238  -8.083  1.00 71.98  ? 51   LEU A CA  1 
ATOM   334  C C   . LEU A 1 51  ? 9.913   -5.986  -9.330  1.00 77.69  ? 51   LEU A C   1 
ATOM   335  O O   . LEU A 1 51  ? 8.769   -6.430  -9.416  1.00 83.20  ? 51   LEU A O   1 
ATOM   336  C CB  . LEU A 1 51  ? 10.397  -5.205  -7.014  1.00 53.79  ? 51   LEU A CB  1 
ATOM   337  C CG  . LEU A 1 51  ? 10.860  -5.583  -5.607  1.00 60.32  ? 51   LEU A CG  1 
ATOM   338  C CD1 . LEU A 1 51  ? 10.530  -4.466  -4.629  1.00 55.14  ? 51   LEU A CD1 1 
ATOM   339  C CD2 . LEU A 1 51  ? 10.183  -6.885  -5.190  1.00 59.38  ? 51   LEU A CD2 1 
ATOM   340  N N   . GLN A 1 52  ? 10.478  -5.271  -10.296 1.00 80.91  ? 52   GLN A N   1 
ATOM   341  C CA  . GLN A 1 52  ? 9.758   -4.983  -11.526 1.00 79.81  ? 52   GLN A CA  1 
ATOM   342  C C   . GLN A 1 52  ? 9.643   -6.236  -12.390 1.00 74.45  ? 52   GLN A C   1 
ATOM   343  O O   . GLN A 1 52  ? 8.919   -6.252  -13.385 1.00 78.92  ? 52   GLN A O   1 
ATOM   344  C CB  . GLN A 1 52  ? 10.462  -3.853  -12.284 1.00 79.33  ? 52   GLN A CB  1 
ATOM   345  C CG  . GLN A 1 52  ? 10.446  -2.538  -11.511 1.00 84.49  ? 52   GLN A CG  1 
ATOM   346  C CD  . GLN A 1 52  ? 11.240  -1.432  -12.176 1.00 79.22  ? 52   GLN A CD  1 
ATOM   347  O OE1 . GLN A 1 52  ? 12.438  -1.573  -12.419 1.00 77.69  ? 52   GLN A OE1 1 
ATOM   348  N NE2 . GLN A 1 52  ? 10.576  -0.319  -12.461 1.00 77.17  ? 52   GLN A NE2 1 
ATOM   349  N N   . GLN A 1 53  ? 10.349  -7.290  -11.996 1.00 72.27  ? 53   GLN A N   1 
ATOM   350  C CA  . GLN A 1 53  ? 10.311  -8.550  -12.726 1.00 73.18  ? 53   GLN A CA  1 
ATOM   351  C C   . GLN A 1 53  ? 8.966   -9.221  -12.519 1.00 79.25  ? 53   GLN A C   1 
ATOM   352  O O   . GLN A 1 53  ? 8.554   -10.066 -13.313 1.00 89.90  ? 53   GLN A O   1 
ATOM   353  C CB  . GLN A 1 53  ? 11.426  -9.483  -12.255 1.00 70.81  ? 53   GLN A CB  1 
ATOM   354  C CG  . GLN A 1 53  ? 12.812  -8.956  -12.545 1.00 71.83  ? 53   GLN A CG  1 
ATOM   355  C CD  . GLN A 1 53  ? 12.921  -8.398  -13.946 1.00 75.26  ? 53   GLN A CD  1 
ATOM   356  O OE1 . GLN A 1 53  ? 12.596  -9.075  -14.923 1.00 84.01  ? 53   GLN A OE1 1 
ATOM   357  N NE2 . GLN A 1 53  ? 13.372  -7.153  -14.053 1.00 77.76  ? 53   GLN A NE2 1 
ATOM   358  N N   . ILE A 1 54  ? 8.290   -8.848  -11.437 1.00 78.21  ? 54   ILE A N   1 
ATOM   359  C CA  . ILE A 1 54  ? 6.979   -9.404  -11.137 1.00 72.96  ? 54   ILE A CA  1 
ATOM   360  C C   . ILE A 1 54  ? 6.049   -8.946  -12.255 1.00 75.51  ? 54   ILE A C   1 
ATOM   361  O O   . ILE A 1 54  ? 5.548   -7.820  -12.239 1.00 81.50  ? 54   ILE A O   1 
ATOM   362  C CB  . ILE A 1 54  ? 6.438   -8.884  -9.786  1.00 73.85  ? 54   ILE A CB  1 
ATOM   363  C CG1 . ILE A 1 54  ? 7.487   -9.071  -8.686  1.00 65.08  ? 54   ILE A CG1 1 
ATOM   364  C CG2 . ILE A 1 54  ? 5.161   -9.629  -9.418  1.00 65.95  ? 54   ILE A CG2 1 
ATOM   365  C CD1 . ILE A 1 54  ? 7.810   -10.511 -8.380  1.00 69.75  ? 54   ILE A CD1 1 
ATOM   366  N N   . GLY A 1 55  ? 5.835   -9.818  -13.232 1.00 77.16  ? 55   GLY A N   1 
ATOM   367  C CA  . GLY A 1 55  ? 4.982   -9.480  -14.355 1.00 71.21  ? 55   GLY A CA  1 
ATOM   368  C C   . GLY A 1 55  ? 3.639   -8.884  -13.985 1.00 68.44  ? 55   GLY A C   1 
ATOM   369  O O   . GLY A 1 55  ? 3.301   -7.787  -14.427 1.00 70.15  ? 55   GLY A O   1 
ATOM   370  N N   . ALA A 1 56  ? 2.872   -9.605  -13.172 1.00 74.31  ? 56   ALA A N   1 
ATOM   371  C CA  . ALA A 1 56  ? 1.545   -9.157  -12.751 1.00 77.15  ? 56   ALA A CA  1 
ATOM   372  C C   . ALA A 1 56  ? 1.538   -7.740  -12.196 1.00 73.61  ? 56   ALA A C   1 
ATOM   373  O O   . ALA A 1 56  ? 0.629   -6.957  -12.471 1.00 69.32  ? 56   ALA A O   1 
ATOM   374  C CB  . ALA A 1 56  ? 0.978   -10.121 -11.710 1.00 76.95  ? 56   ALA A CB  1 
ATOM   375  N N   . LEU A 1 57  ? 2.557   -7.417  -11.410 1.00 69.55  ? 57   LEU A N   1 
ATOM   376  C CA  . LEU A 1 57  ? 2.669   -6.103  -10.797 1.00 65.22  ? 57   LEU A CA  1 
ATOM   377  C C   . LEU A 1 57  ? 2.807   -4.997  -11.833 1.00 65.98  ? 57   LEU A C   1 
ATOM   378  O O   . LEU A 1 57  ? 2.215   -3.929  -11.694 1.00 68.43  ? 57   LEU A O   1 
ATOM   379  C CB  . LEU A 1 57  ? 3.869   -6.070  -9.858  1.00 57.99  ? 57   LEU A CB  1 
ATOM   380  C CG  . LEU A 1 57  ? 3.942   -4.846  -8.954  1.00 66.38  ? 57   LEU A CG  1 
ATOM   381  C CD1 . LEU A 1 57  ? 2.783   -4.866  -7.963  1.00 71.20  ? 57   LEU A CD1 1 
ATOM   382  C CD2 . LEU A 1 57  ? 5.260   -4.849  -8.223  1.00 62.11  ? 57   LEU A CD2 1 
ATOM   383  N N   . ALA A 1 58  ? 3.594   -5.259  -12.869 1.00 69.86  ? 58   ALA A N   1 
ATOM   384  C CA  . ALA A 1 58  ? 3.815   -4.283  -13.928 1.00 73.57  ? 58   ALA A CA  1 
ATOM   385  C C   . ALA A 1 58  ? 2.501   -3.751  -14.502 1.00 79.45  ? 58   ALA A C   1 
ATOM   386  O O   . ALA A 1 58  ? 2.336   -2.540  -14.657 1.00 92.14  ? 58   ALA A O   1 
ATOM   387  C CB  . ALA A 1 58  ? 4.656   -4.903  -15.030 1.00 76.81  ? 58   ALA A CB  1 
ATOM   388  N N   . VAL A 1 59  ? 1.571   -4.651  -14.814 1.00 79.62  ? 59   VAL A N   1 
ATOM   389  C CA  . VAL A 1 59  ? 0.274   -4.261  -15.371 1.00 73.52  ? 59   VAL A CA  1 
ATOM   390  C C   . VAL A 1 59  ? -0.625  -3.629  -14.303 1.00 70.35  ? 59   VAL A C   1 
ATOM   391  O O   . VAL A 1 59  ? -1.661  -3.031  -14.613 1.00 64.74  ? 59   VAL A O   1 
ATOM   392  C CB  . VAL A 1 59  ? -0.457  -5.483  -16.010 1.00 78.16  ? 59   VAL A CB  1 
ATOM   393  C CG1 . VAL A 1 59  ? -0.680  -6.571  -14.968 1.00 77.38  ? 59   VAL A CG1 1 
ATOM   394  C CG2 . VAL A 1 59  ? -1.788  -5.045  -16.619 1.00 80.71  ? 59   VAL A CG2 1 
ATOM   395  N N   . ASN A 1 60  ? -0.224  -3.769  -13.043 1.00 62.51  ? 60   ASN A N   1 
ATOM   396  C CA  . ASN A 1 60  ? -0.982  -3.200  -11.939 1.00 49.71  ? 60   ASN A CA  1 
ATOM   397  C C   . ASN A 1 60  ? -0.842  -1.683  -11.981 1.00 44.42  ? 60   ASN A C   1 
ATOM   398  O O   . ASN A 1 60  ? 0.253   -1.143  -11.875 1.00 39.70  ? 60   ASN A O   1 
ATOM   399  C CB  . ASN A 1 60  ? -0.460  -3.747  -10.609 1.00 51.44  ? 60   ASN A CB  1 
ATOM   400  C CG  . ASN A 1 60  ? -1.353  -3.385  -9.442  1.00 50.57  ? 60   ASN A CG  1 
ATOM   401  O OD1 . ASN A 1 60  ? -1.562  -4.196  -8.541  1.00 59.51  ? 60   ASN A OD1 1 
ATOM   402  N ND2 . ASN A 1 60  ? -1.878  -2.164  -9.446  1.00 26.91  ? 60   ASN A ND2 1 
ATOM   403  N N   . PRO A 1 61  ? -1.961  -0.972  -12.132 1.00 46.57  ? 61   PRO A N   1 
ATOM   404  C CA  . PRO A 1 61  ? -1.920  0.487   -12.187 1.00 47.81  ? 61   PRO A CA  1 
ATOM   405  C C   . PRO A 1 61  ? -1.171  1.167   -11.042 1.00 46.02  ? 61   PRO A C   1 
ATOM   406  O O   . PRO A 1 61  ? -0.789  2.330   -11.156 1.00 56.29  ? 61   PRO A O   1 
ATOM   407  C CB  . PRO A 1 61  ? -3.402  0.866   -12.236 1.00 45.06  ? 61   PRO A CB  1 
ATOM   408  C CG  . PRO A 1 61  ? -4.056  -0.245  -11.503 1.00 50.50  ? 61   PRO A CG  1 
ATOM   409  C CD  . PRO A 1 61  ? -3.350  -1.451  -12.053 1.00 48.41  ? 61   PRO A CD  1 
ATOM   410  N N   . LEU A 1 62  ? -0.951  0.447   -9.947  1.00 46.24  ? 62   LEU A N   1 
ATOM   411  C CA  . LEU A 1 62  ? -0.252  1.016   -8.801  1.00 44.51  ? 62   LEU A CA  1 
ATOM   412  C C   . LEU A 1 62  ? 1.098   0.342   -8.574  1.00 44.26  ? 62   LEU A C   1 
ATOM   413  O O   . LEU A 1 62  ? 1.844   0.702   -7.658  1.00 40.03  ? 62   LEU A O   1 
ATOM   414  C CB  . LEU A 1 62  ? -1.117  0.887   -7.546  1.00 49.00  ? 62   LEU A CB  1 
ATOM   415  C CG  . LEU A 1 62  ? -2.440  1.655   -7.565  1.00 44.95  ? 62   LEU A CG  1 
ATOM   416  C CD1 . LEU A 1 62  ? -3.342  1.185   -6.434  1.00 47.15  ? 62   LEU A CD1 1 
ATOM   417  C CD2 . LEU A 1 62  ? -2.152  3.139   -7.444  1.00 58.52  ? 62   LEU A CD2 1 
ATOM   418  N N   . GLY A 1 63  ? 1.404   -0.628  -9.424  1.00 35.45  ? 63   GLY A N   1 
ATOM   419  C CA  . GLY A 1 63  ? 2.657   -1.352  -9.319  1.00 44.73  ? 63   GLY A CA  1 
ATOM   420  C C   . GLY A 1 63  ? 3.880   -0.506  -9.014  1.00 46.68  ? 63   GLY A C   1 
ATOM   421  O O   . GLY A 1 63  ? 4.639   -0.826  -8.097  1.00 43.14  ? 63   GLY A O   1 
ATOM   422  N N   . ASP A 1 64  ? 4.078   0.568   -9.772  1.00 47.59  ? 64   ASP A N   1 
ATOM   423  C CA  . ASP A 1 64  ? 5.233   1.436   -9.553  1.00 52.33  ? 64   ASP A CA  1 
ATOM   424  C C   . ASP A 1 64  ? 5.220   2.114   -8.190  1.00 51.77  ? 64   ASP A C   1 
ATOM   425  O O   . ASP A 1 64  ? 6.261   2.227   -7.539  1.00 48.76  ? 64   ASP A O   1 
ATOM   426  C CB  . ASP A 1 64  ? 5.336   2.492   -10.655 1.00 66.36  ? 64   ASP A CB  1 
ATOM   427  C CG  . ASP A 1 64  ? 6.000   1.960   -11.912 1.00 90.26  ? 64   ASP A CG  1 
ATOM   428  O OD1 . ASP A 1 64  ? 7.078   1.335   -11.793 1.00 100.65 ? 64   ASP A OD1 1 
ATOM   429  O OD2 . ASP A 1 64  ? 5.452   2.171   -13.015 1.00 100.14 ? 64   ASP A OD2 1 
ATOM   430  N N   . ARG A 1 65  ? 4.048   2.566   -7.759  1.00 44.99  ? 65   ARG A N   1 
ATOM   431  C CA  . ARG A 1 65  ? 3.939   3.215   -6.461  1.00 33.08  ? 65   ARG A CA  1 
ATOM   432  C C   . ARG A 1 65  ? 4.162   2.170   -5.387  1.00 36.99  ? 65   ARG A C   1 
ATOM   433  O O   . ARG A 1 65  ? 4.777   2.446   -4.362  1.00 32.65  ? 65   ARG A O   1 
ATOM   434  C CB  . ARG A 1 65  ? 2.559   3.845   -6.289  1.00 43.48  ? 65   ARG A CB  1 
ATOM   435  C CG  . ARG A 1 65  ? 2.186   4.774   -7.427  1.00 47.61  ? 65   ARG A CG  1 
ATOM   436  C CD  . ARG A 1 65  ? 1.191   5.826   -7.002  1.00 42.36  ? 65   ARG A CD  1 
ATOM   437  N NE  . ARG A 1 65  ? 1.048   6.842   -8.036  1.00 44.91  ? 65   ARG A NE  1 
ATOM   438  C CZ  . ARG A 1 65  ? 0.510   8.039   -7.835  1.00 52.74  ? 65   ARG A CZ  1 
ATOM   439  N NH1 . ARG A 1 65  ? 0.061   8.371   -6.624  1.00 30.95  ? 65   ARG A NH1 1 
ATOM   440  N NH2 . ARG A 1 65  ? 0.426   8.899   -8.847  1.00 30.49  ? 65   ARG A NH2 1 
ATOM   441  N N   . ILE A 1 66  ? 3.654   0.965   -5.620  1.00 32.06  ? 66   ILE A N   1 
ATOM   442  C CA  . ILE A 1 66  ? 3.843   -0.103  -4.654  1.00 38.54  ? 66   ILE A CA  1 
ATOM   443  C C   . ILE A 1 66  ? 5.336   -0.405  -4.619  1.00 30.58  ? 66   ILE A C   1 
ATOM   444  O O   . ILE A 1 66  ? 5.934   -0.514  -3.555  1.00 31.43  ? 66   ILE A O   1 
ATOM   445  C CB  . ILE A 1 66  ? 3.079   -1.381  -5.046  1.00 38.51  ? 66   ILE A CB  1 
ATOM   446  C CG1 . ILE A 1 66  ? 1.595   -1.063  -5.217  1.00 36.12  ? 66   ILE A CG1 1 
ATOM   447  C CG2 . ILE A 1 66  ? 3.264   -2.432  -3.968  1.00 43.40  ? 66   ILE A CG2 1 
ATOM   448  C CD1 . ILE A 1 66  ? 0.758   -2.235  -5.694  1.00 41.29  ? 66   ILE A CD1 1 
ATOM   449  N N   . ILE A 1 67  ? 5.935   -0.535  -5.797  1.00 42.12  ? 67   ILE A N   1 
ATOM   450  C CA  . ILE A 1 67  ? 7.361   -0.807  -5.897  1.00 42.39  ? 67   ILE A CA  1 
ATOM   451  C C   . ILE A 1 67  ? 8.134   0.198   -5.059  1.00 43.92  ? 67   ILE A C   1 
ATOM   452  O O   . ILE A 1 67  ? 8.812   -0.159  -4.098  1.00 49.06  ? 67   ILE A O   1 
ATOM   453  C CB  . ILE A 1 67  ? 7.858   -0.679  -7.344  1.00 47.49  ? 67   ILE A CB  1 
ATOM   454  C CG1 . ILE A 1 67  ? 7.341   -1.848  -8.184  1.00 44.84  ? 67   ILE A CG1 1 
ATOM   455  C CG2 . ILE A 1 67  ? 9.382   -0.623  -7.361  1.00 46.41  ? 67   ILE A CG2 1 
ATOM   456  C CD1 . ILE A 1 67  ? 7.864   -3.192  -7.748  1.00 56.86  ? 67   ILE A CD1 1 
ATOM   457  N N   . GLU A 1 68  ? 8.010   1.465   -5.429  1.00 51.21  ? 68   GLU A N   1 
ATOM   458  C CA  . GLU A 1 68  ? 8.707   2.536   -4.738  1.00 51.90  ? 68   GLU A CA  1 
ATOM   459  C C   . GLU A 1 68  ? 8.494   2.562   -3.237  1.00 50.31  ? 68   GLU A C   1 
ATOM   460  O O   . GLU A 1 68  ? 9.362   3.024   -2.505  1.00 57.69  ? 68   GLU A O   1 
ATOM   461  C CB  . GLU A 1 68  ? 8.303   3.882   -5.334  1.00 62.31  ? 68   GLU A CB  1 
ATOM   462  C CG  . GLU A 1 68  ? 8.621   4.000   -6.816  1.00 90.55  ? 68   GLU A CG  1 
ATOM   463  C CD  . GLU A 1 68  ? 10.103  3.814   -7.112  1.00 105.84 ? 68   GLU A CD  1 
ATOM   464  O OE1 . GLU A 1 68  ? 10.455  3.660   -8.302  1.00 114.16 ? 68   GLU A OE1 1 
ATOM   465  O OE2 . GLU A 1 68  ? 10.915  3.828   -6.158  1.00 107.83 ? 68   GLU A OE2 1 
ATOM   466  N N   . SER A 1 69  ? 7.351   2.069   -2.769  1.00 47.28  ? 69   SER A N   1 
ATOM   467  C CA  . SER A 1 69  ? 7.078   2.083   -1.341  1.00 42.33  ? 69   SER A CA  1 
ATOM   468  C C   . SER A 1 69  ? 8.076   1.211   -0.588  1.00 52.27  ? 69   SER A C   1 
ATOM   469  O O   . SER A 1 69  ? 8.190   1.296   0.638   1.00 46.56  ? 69   SER A O   1 
ATOM   470  C CB  . SER A 1 69  ? 5.658   1.604   -1.064  1.00 31.95  ? 69   SER A CB  1 
ATOM   471  O OG  . SER A 1 69  ? 5.529   0.217   -1.299  1.00 54.93  ? 69   SER A OG  1 
ATOM   472  N N   . PHE A 1 70  ? 8.800   0.373   -1.323  1.00 51.15  ? 70   PHE A N   1 
ATOM   473  C CA  . PHE A 1 70  ? 9.791   -0.498  -0.706  1.00 58.05  ? 70   PHE A CA  1 
ATOM   474  C C   . PHE A 1 70  ? 11.135  0.206   -0.558  1.00 54.59  ? 70   PHE A C   1 
ATOM   475  O O   . PHE A 1 70  ? 12.109  -0.399  -0.123  1.00 55.25  ? 70   PHE A O   1 
ATOM   476  C CB  . PHE A 1 70  ? 9.990   -1.770  -1.534  1.00 56.51  ? 70   PHE A CB  1 
ATOM   477  C CG  . PHE A 1 70  ? 8.874   -2.766  -1.406  1.00 60.21  ? 70   PHE A CG  1 
ATOM   478  C CD1 . PHE A 1 70  ? 7.713   -2.637  -2.160  1.00 55.50  ? 70   PHE A CD1 1 
ATOM   479  C CD2 . PHE A 1 70  ? 8.993   -3.849  -0.540  1.00 56.44  ? 70   PHE A CD2 1 
ATOM   480  C CE1 . PHE A 1 70  ? 6.687   -3.579  -2.057  1.00 51.78  ? 70   PHE A CE1 1 
ATOM   481  C CE2 . PHE A 1 70  ? 7.975   -4.791  -0.429  1.00 37.33  ? 70   PHE A CE2 1 
ATOM   482  C CZ  . PHE A 1 70  ? 6.822   -4.656  -1.190  1.00 46.70  ? 70   PHE A CZ  1 
ATOM   483  N N   . PHE A 1 71  ? 11.185  1.483   -0.917  1.00 60.63  ? 71   PHE A N   1 
ATOM   484  C CA  . PHE A 1 71  ? 12.421  2.245   -0.833  1.00 70.31  ? 71   PHE A CA  1 
ATOM   485  C C   . PHE A 1 71  ? 12.216  3.552   -0.095  1.00 77.43  ? 71   PHE A C   1 
ATOM   486  O O   . PHE A 1 71  ? 11.534  4.451   -0.572  1.00 81.01  ? 71   PHE A O   1 
ATOM   487  C CB  . PHE A 1 71  ? 12.968  2.495   -2.240  1.00 54.57  ? 71   PHE A CB  1 
ATOM   488  C CG  . PHE A 1 71  ? 13.137  1.233   -3.034  1.00 49.88  ? 71   PHE A CG  1 
ATOM   489  C CD1 . PHE A 1 71  ? 12.042  0.620   -3.636  1.00 54.31  ? 71   PHE A CD1 1 
ATOM   490  C CD2 . PHE A 1 71  ? 14.374  0.611   -3.108  1.00 45.68  ? 71   PHE A CD2 1 
ATOM   491  C CE1 . PHE A 1 71  ? 12.180  -0.603  -4.295  1.00 51.27  ? 71   PHE A CE1 1 
ATOM   492  C CE2 . PHE A 1 71  ? 14.523  -0.610  -3.764  1.00 48.18  ? 71   PHE A CE2 1 
ATOM   493  C CZ  . PHE A 1 71  ? 13.424  -1.219  -4.358  1.00 52.81  ? 71   PHE A CZ  1 
ATOM   494  N N   . PRO A 1 72  ? 12.820  3.670   1.090   1.00 94.59  ? 72   PRO A N   1 
ATOM   495  C CA  . PRO A 1 72  ? 12.705  4.873   1.913   1.00 104.13 ? 72   PRO A CA  1 
ATOM   496  C C   . PRO A 1 72  ? 13.167  6.099   1.141   1.00 107.83 ? 72   PRO A C   1 
ATOM   497  O O   . PRO A 1 72  ? 13.421  6.028   -0.059  1.00 108.78 ? 72   PRO A O   1 
ATOM   498  C CB  . PRO A 1 72  ? 13.606  4.559   3.111   1.00 110.43 ? 72   PRO A CB  1 
ATOM   499  C CG  . PRO A 1 72  ? 13.598  3.033   3.156   1.00 110.25 ? 72   PRO A CG  1 
ATOM   500  C CD  . PRO A 1 72  ? 13.759  2.714   1.697   1.00 104.10 ? 72   PRO A CD  1 
ATOM   501  N N   . ASP A 1 73  ? 13.272  7.219   1.846   1.00 110.59 ? 73   ASP A N   1 
ATOM   502  C CA  . ASP A 1 73  ? 13.691  8.491   1.276   1.00 115.60 ? 73   ASP A CA  1 
ATOM   503  C C   . ASP A 1 73  ? 14.355  8.417   -0.103  1.00 113.05 ? 73   ASP A C   1 
ATOM   504  O O   . ASP A 1 73  ? 13.810  8.920   -1.089  1.00 111.15 ? 73   ASP A O   1 
ATOM   505  C CB  . ASP A 1 73  ? 14.625  9.190   2.260   1.00 124.64 ? 73   ASP A CB  1 
ATOM   506  C CG  . ASP A 1 73  ? 14.775  10.659  1.968   1.00 134.06 ? 73   ASP A CG  1 
ATOM   507  O OD1 . ASP A 1 73  ? 13.741  11.352  1.898   1.00 140.19 ? 73   ASP A OD1 1 
ATOM   508  O OD2 . ASP A 1 73  ? 15.920  11.125  1.811   1.00 137.07 ? 73   ASP A OD2 1 
ATOM   509  N N   . GLY A 1 74  ? 15.526  7.793   -0.179  1.00 106.26 ? 74   GLY A N   1 
ATOM   510  C CA  . GLY A 1 74  ? 16.211  7.709   -1.458  1.00 97.69  ? 74   GLY A CA  1 
ATOM   511  C C   . GLY A 1 74  ? 16.866  6.380   -1.795  1.00 96.76  ? 74   GLY A C   1 
ATOM   512  O O   . GLY A 1 74  ? 17.419  6.226   -2.883  1.00 97.83  ? 74   GLY A O   1 
ATOM   513  N N   . SER A 1 75  ? 16.804  5.417   -0.880  1.00 94.19  ? 75   SER A N   1 
ATOM   514  C CA  . SER A 1 75  ? 17.416  4.104   -1.092  1.00 87.54  ? 75   SER A CA  1 
ATOM   515  C C   . SER A 1 75  ? 17.088  3.481   -2.448  1.00 85.41  ? 75   SER A C   1 
ATOM   516  O O   . SER A 1 75  ? 16.139  3.883   -3.119  1.00 88.73  ? 75   SER A O   1 
ATOM   517  C CB  . SER A 1 75  ? 16.987  3.145   0.023   1.00 91.18  ? 75   SER A CB  1 
ATOM   518  O OG  . SER A 1 75  ? 17.460  1.830   -0.215  1.00 93.32  ? 75   SER A OG  1 
ATOM   519  N N   . GLN A 1 76  ? 17.887  2.497   -2.847  1.00 88.32  ? 76   GLN A N   1 
ATOM   520  C CA  . GLN A 1 76  ? 17.670  1.804   -4.111  1.00 91.11  ? 76   GLN A CA  1 
ATOM   521  C C   . GLN A 1 76  ? 17.786  0.293   -3.919  1.00 91.08  ? 76   GLN A C   1 
ATOM   522  O O   . GLN A 1 76  ? 17.926  -0.459  -4.886  1.00 88.33  ? 76   GLN A O   1 
ATOM   523  C CB  . GLN A 1 76  ? 18.666  2.285   -5.170  1.00 95.97  ? 76   GLN A CB  1 
ATOM   524  C CG  . GLN A 1 76  ? 18.438  3.722   -5.641  1.00 108.19 ? 76   GLN A CG  1 
ATOM   525  C CD  . GLN A 1 76  ? 19.420  4.152   -6.720  1.00 109.52 ? 76   GLN A CD  1 
ATOM   526  O OE1 . GLN A 1 76  ? 19.347  5.266   -7.231  1.00 112.35 ? 76   GLN A OE1 1 
ATOM   527  N NE2 . GLN A 1 76  ? 20.343  3.266   -7.068  1.00 106.62 ? 76   GLN A NE2 1 
ATOM   528  N N   . ARG A 1 77  ? 17.728  -0.138  -2.661  1.00 89.48  ? 77   ARG A N   1 
ATOM   529  C CA  . ARG A 1 77  ? 17.800  -1.554  -2.314  1.00 90.24  ? 77   ARG A CA  1 
ATOM   530  C C   . ARG A 1 77  ? 16.980  -1.854  -1.058  1.00 82.45  ? 77   ARG A C   1 
ATOM   531  O O   . ARG A 1 77  ? 16.910  -1.036  -0.136  1.00 77.32  ? 77   ARG A O   1 
ATOM   532  C CB  . ARG A 1 77  ? 19.254  -1.990  -2.108  1.00 102.83 ? 77   ARG A CB  1 
ATOM   533  C CG  . ARG A 1 77  ? 20.042  -1.188  -1.084  1.00 111.03 ? 77   ARG A CG  1 
ATOM   534  C CD  . ARG A 1 77  ? 21.450  -1.756  -0.948  1.00 118.22 ? 77   ARG A CD  1 
ATOM   535  N NE  . ARG A 1 77  ? 22.095  -1.912  -2.253  1.00 125.70 ? 77   ARG A NE  1 
ATOM   536  C CZ  . ARG A 1 77  ? 23.264  -2.517  -2.454  1.00 127.74 ? 77   ARG A CZ  1 
ATOM   537  N NH1 . ARG A 1 77  ? 23.938  -3.033  -1.435  1.00 126.16 ? 77   ARG A NH1 1 
ATOM   538  N NH2 . ARG A 1 77  ? 23.762  -2.604  -3.683  1.00 123.91 ? 77   ARG A NH2 1 
ATOM   539  N N   . VAL A 1 78  ? 16.360  -3.030  -1.026  1.00 77.66  ? 78   VAL A N   1 
ATOM   540  C CA  . VAL A 1 78  ? 15.528  -3.415  0.109   1.00 68.22  ? 78   VAL A CA  1 
ATOM   541  C C   . VAL A 1 78  ? 16.075  -4.614  0.870   1.00 71.79  ? 78   VAL A C   1 
ATOM   542  O O   . VAL A 1 78  ? 16.117  -5.733  0.357   1.00 68.57  ? 78   VAL A O   1 
ATOM   543  C CB  . VAL A 1 78  ? 14.097  -3.767  -0.339  1.00 63.92  ? 78   VAL A CB  1 
ATOM   544  C CG1 . VAL A 1 78  ? 13.197  -3.928  0.872   1.00 64.91  ? 78   VAL A CG1 1 
ATOM   545  C CG2 . VAL A 1 78  ? 13.563  -2.685  -1.242  1.00 63.43  ? 78   VAL A CG2 1 
ATOM   546  N N   . ASP A 1 79  ? 16.496  -4.379  2.102   1.00 67.72  ? 79   ASP A N   1 
ATOM   547  C CA  . ASP A 1 79  ? 16.989  -5.453  2.950   1.00 72.50  ? 79   ASP A CA  1 
ATOM   548  C C   . ASP A 1 79  ? 15.762  -6.329  3.188   1.00 71.13  ? 79   ASP A C   1 
ATOM   549  O O   . ASP A 1 79  ? 14.635  -5.849  3.059   1.00 71.63  ? 79   ASP A O   1 
ATOM   550  C CB  . ASP A 1 79  ? 17.492  -4.866  4.272   1.00 86.12  ? 79   ASP A CB  1 
ATOM   551  C CG  . ASP A 1 79  ? 16.520  -3.856  4.864   1.00 104.47 ? 79   ASP A CG  1 
ATOM   552  O OD1 . ASP A 1 79  ? 15.817  -3.181  4.082   1.00 107.91 ? 79   ASP A OD1 1 
ATOM   553  O OD2 . ASP A 1 79  ? 16.462  -3.720  6.103   1.00 111.28 ? 79   ASP A OD2 1 
ATOM   554  N N   . PHE A 1 80  ? 15.956  -7.605  3.513   1.00 71.69  ? 80   PHE A N   1 
ATOM   555  C CA  . PHE A 1 80  ? 14.804  -8.478  3.758   1.00 69.27  ? 80   PHE A CA  1 
ATOM   556  C C   . PHE A 1 80  ? 13.856  -7.879  4.816   1.00 71.24  ? 80   PHE A C   1 
ATOM   557  O O   . PHE A 1 80  ? 12.631  -7.924  4.663   1.00 67.97  ? 80   PHE A O   1 
ATOM   558  C CB  . PHE A 1 80  ? 15.233  -9.895  4.179   1.00 62.70  ? 80   PHE A CB  1 
ATOM   559  C CG  . PHE A 1 80  ? 14.069  -10.797 4.509   1.00 61.11  ? 80   PHE A CG  1 
ATOM   560  C CD1 . PHE A 1 80  ? 13.672  -10.991 5.832   1.00 53.36  ? 80   PHE A CD1 1 
ATOM   561  C CD2 . PHE A 1 80  ? 13.323  -11.399 3.495   1.00 55.52  ? 80   PHE A CD2 1 
ATOM   562  C CE1 . PHE A 1 80  ? 12.543  -11.773 6.140   1.00 54.58  ? 80   PHE A CE1 1 
ATOM   563  C CE2 . PHE A 1 80  ? 12.195  -12.180 3.793   1.00 54.97  ? 80   PHE A CE2 1 
ATOM   564  C CZ  . PHE A 1 80  ? 11.807  -12.365 5.119   1.00 54.61  ? 80   PHE A CZ  1 
ATOM   565  N N   . PRO A 1 81  ? 14.406  -7.311  5.903   1.00 70.12  ? 81   PRO A N   1 
ATOM   566  C CA  . PRO A 1 81  ? 13.540  -6.719  6.932   1.00 70.76  ? 81   PRO A CA  1 
ATOM   567  C C   . PRO A 1 81  ? 12.687  -5.561  6.412   1.00 67.11  ? 81   PRO A C   1 
ATOM   568  O O   . PRO A 1 81  ? 11.586  -5.317  6.908   1.00 72.26  ? 81   PRO A O   1 
ATOM   569  C CB  . PRO A 1 81  ? 14.531  -6.275  8.013   1.00 67.66  ? 81   PRO A CB  1 
ATOM   570  C CG  . PRO A 1 81  ? 15.824  -6.110  7.272   1.00 74.15  ? 81   PRO A CG  1 
ATOM   571  C CD  . PRO A 1 81  ? 15.812  -7.293  6.343   1.00 70.78  ? 81   PRO A CD  1 
ATOM   572  N N   . GLY A 1 82  ? 13.208  -4.844  5.421   1.00 58.36  ? 82   GLY A N   1 
ATOM   573  C CA  . GLY A 1 82  ? 12.466  -3.743  4.843   1.00 56.15  ? 82   GLY A CA  1 
ATOM   574  C C   . GLY A 1 82  ? 11.349  -4.288  3.970   1.00 55.12  ? 82   GLY A C   1 
ATOM   575  O O   . GLY A 1 82  ? 10.243  -3.750  3.929   1.00 51.51  ? 82   GLY A O   1 
ATOM   576  N N   . PHE A 1 83  ? 11.659  -5.370  3.271   1.00 46.78  ? 83   PHE A N   1 
ATOM   577  C CA  . PHE A 1 83  ? 10.723  -6.047  2.388   1.00 50.37  ? 83   PHE A CA  1 
ATOM   578  C C   . PHE A 1 83  ? 9.496   -6.462  3.193   1.00 51.49  ? 83   PHE A C   1 
ATOM   579  O O   . PHE A 1 83  ? 8.354   -6.329  2.746   1.00 52.64  ? 83   PHE A O   1 
ATOM   580  C CB  . PHE A 1 83  ? 11.411  -7.280  1.791   1.00 36.81  ? 83   PHE A CB  1 
ATOM   581  C CG  . PHE A 1 83  ? 10.528  -8.118  0.911   1.00 39.18  ? 83   PHE A CG  1 
ATOM   582  C CD1 . PHE A 1 83  ? 9.925   -7.574  -0.218  1.00 45.08  ? 83   PHE A CD1 1 
ATOM   583  C CD2 . PHE A 1 83  ? 10.330  -9.468  1.192   1.00 40.40  ? 83   PHE A CD2 1 
ATOM   584  C CE1 . PHE A 1 83  ? 9.140   -8.361  -1.059  1.00 49.14  ? 83   PHE A CE1 1 
ATOM   585  C CE2 . PHE A 1 83  ? 9.547   -10.266 0.358   1.00 34.96  ? 83   PHE A CE2 1 
ATOM   586  C CZ  . PHE A 1 83  ? 8.952   -9.710  -0.772  1.00 38.86  ? 83   PHE A CZ  1 
ATOM   587  N N   . VAL A 1 84  ? 9.750   -6.957  4.395   1.00 56.16  ? 84   VAL A N   1 
ATOM   588  C CA  . VAL A 1 84  ? 8.694   -7.412  5.284   1.00 59.38  ? 84   VAL A CA  1 
ATOM   589  C C   . VAL A 1 84  ? 8.046   -6.257  6.048   1.00 56.97  ? 84   VAL A C   1 
ATOM   590  O O   . VAL A 1 84  ? 6.854   -6.303  6.374   1.00 45.43  ? 84   VAL A O   1 
ATOM   591  C CB  . VAL A 1 84  ? 9.256   -8.457  6.272   1.00 52.74  ? 84   VAL A CB  1 
ATOM   592  C CG1 . VAL A 1 84  ? 8.278   -8.714  7.396   1.00 61.73  ? 84   VAL A CG1 1 
ATOM   593  C CG2 . VAL A 1 84  ? 9.540   -9.746  5.526   1.00 53.52  ? 84   VAL A CG2 1 
ATOM   594  N N   . ARG A 1 85  ? 8.827   -5.221  6.328   1.00 47.38  ? 85   ARG A N   1 
ATOM   595  C CA  . ARG A 1 85  ? 8.303   -4.074  7.051   1.00 57.01  ? 85   ARG A CA  1 
ATOM   596  C C   . ARG A 1 85  ? 7.085   -3.540  6.304   1.00 60.26  ? 85   ARG A C   1 
ATOM   597  O O   . ARG A 1 85  ? 6.117   -3.095  6.919   1.00 60.33  ? 85   ARG A O   1 
ATOM   598  C CB  . ARG A 1 85  ? 9.379   -2.994  7.170   1.00 63.12  ? 85   ARG A CB  1 
ATOM   599  C CG  . ARG A 1 85  ? 9.108   -1.958  8.246   1.00 70.12  ? 85   ARG A CG  1 
ATOM   600  C CD  . ARG A 1 85  ? 10.378  -1.202  8.611   1.00 75.73  ? 85   ARG A CD  1 
ATOM   601  N NE  . ARG A 1 85  ? 11.484  -2.116  8.892   1.00 90.22  ? 85   ARG A NE  1 
ATOM   602  C CZ  . ARG A 1 85  ? 12.449  -2.414  8.026   1.00 90.30  ? 85   ARG A CZ  1 
ATOM   603  N NH1 . ARG A 1 85  ? 12.451  -1.863  6.822   1.00 91.35  ? 85   ARG A NH1 1 
ATOM   604  N NH2 . ARG A 1 85  ? 13.403  -3.272  8.358   1.00 89.68  ? 85   ARG A NH2 1 
ATOM   605  N N   . VAL A 1 86  ? 7.138   -3.604  4.974   1.00 53.80  ? 86   VAL A N   1 
ATOM   606  C CA  . VAL A 1 86  ? 6.047   -3.141  4.124   1.00 39.48  ? 86   VAL A CA  1 
ATOM   607  C C   . VAL A 1 86  ? 4.903   -4.148  4.117   1.00 42.88  ? 86   VAL A C   1 
ATOM   608  O O   . VAL A 1 86  ? 3.766   -3.818  4.458   1.00 45.86  ? 86   VAL A O   1 
ATOM   609  C CB  . VAL A 1 86  ? 6.533   -2.927  2.674   1.00 46.61  ? 86   VAL A CB  1 
ATOM   610  C CG1 . VAL A 1 86  ? 5.348   -2.688  1.737   1.00 26.25  ? 86   VAL A CG1 1 
ATOM   611  C CG2 . VAL A 1 86  ? 7.478   -1.750  2.629   1.00 38.77  ? 86   VAL A CG2 1 
ATOM   612  N N   . LEU A 1 87  ? 5.209   -5.379  3.727   1.00 28.39  ? 87   LEU A N   1 
ATOM   613  C CA  . LEU A 1 87  ? 4.204   -6.432  3.677   1.00 37.51  ? 87   LEU A CA  1 
ATOM   614  C C   . LEU A 1 87  ? 3.507   -6.640  5.020   1.00 32.74  ? 87   LEU A C   1 
ATOM   615  O O   . LEU A 1 87  ? 2.413   -7.206  5.080   1.00 34.12  ? 87   LEU A O   1 
ATOM   616  C CB  . LEU A 1 87  ? 4.850   -7.741  3.224   1.00 28.22  ? 87   LEU A CB  1 
ATOM   617  C CG  . LEU A 1 87  ? 5.448   -7.689  1.815   1.00 36.69  ? 87   LEU A CG  1 
ATOM   618  C CD1 . LEU A 1 87  ? 6.272   -8.938  1.550   1.00 47.74  ? 87   LEU A CD1 1 
ATOM   619  C CD2 . LEU A 1 87  ? 4.336   -7.552  0.794   1.00 42.23  ? 87   LEU A CD2 1 
ATOM   620  N N   . ALA A 1 88  ? 4.143   -6.179  6.091   1.00 30.69  ? 88   ALA A N   1 
ATOM   621  C CA  . ALA A 1 88  ? 3.590   -6.322  7.426   1.00 40.18  ? 88   ALA A CA  1 
ATOM   622  C C   . ALA A 1 88  ? 2.297   -5.523  7.573   1.00 52.57  ? 88   ALA A C   1 
ATOM   623  O O   . ALA A 1 88  ? 1.441   -5.872  8.388   1.00 55.43  ? 88   ALA A O   1 
ATOM   624  C CB  . ALA A 1 88  ? 4.610   -5.879  8.458   1.00 30.86  ? 88   ALA A CB  1 
ATOM   625  N N   . HIS A 1 89  ? 2.158   -4.456  6.786   1.00 53.89  ? 89   HIS A N   1 
ATOM   626  C CA  . HIS A 1 89  ? 0.954   -3.626  6.827   1.00 49.25  ? 89   HIS A CA  1 
ATOM   627  C C   . HIS A 1 89  ? -0.248  -4.420  6.354   1.00 45.57  ? 89   HIS A C   1 
ATOM   628  O O   . HIS A 1 89  ? -1.381  -4.142  6.732   1.00 56.09  ? 89   HIS A O   1 
ATOM   629  C CB  . HIS A 1 89  ? 1.085   -2.397  5.922   1.00 40.74  ? 89   HIS A CB  1 
ATOM   630  C CG  . HIS A 1 89  ? 2.097   -1.407  6.391   1.00 51.26  ? 89   HIS A CG  1 
ATOM   631  N ND1 . HIS A 1 89  ? 3.453   -1.612  6.264   1.00 51.92  ? 89   HIS A ND1 1 
ATOM   632  C CD2 . HIS A 1 89  ? 1.953   -0.217  7.020   1.00 48.21  ? 89   HIS A CD2 1 
ATOM   633  C CE1 . HIS A 1 89  ? 4.101   -0.594  6.798   1.00 55.90  ? 89   HIS A CE1 1 
ATOM   634  N NE2 . HIS A 1 89  ? 3.214   0.266   7.263   1.00 58.66  ? 89   HIS A NE2 1 
ATOM   635  N N   . PHE A 1 90  ? 0.006   -5.413  5.519   1.00 33.67  ? 90   PHE A N   1 
ATOM   636  C CA  . PHE A 1 90  ? -1.071  -6.207  4.991   1.00 32.59  ? 90   PHE A CA  1 
ATOM   637  C C   . PHE A 1 90  ? -1.202  -7.530  5.681   1.00 27.28  ? 90   PHE A C   1 
ATOM   638  O O   . PHE A 1 90  ? -1.914  -8.405  5.208   1.00 35.58  ? 90   PHE A O   1 
ATOM   639  C CB  . PHE A 1 90  ? -0.878  -6.404  3.495   1.00 36.97  ? 90   PHE A CB  1 
ATOM   640  C CG  . PHE A 1 90  ? -0.646  -5.125  2.760   1.00 37.05  ? 90   PHE A CG  1 
ATOM   641  C CD1 . PHE A 1 90  ? 0.603   -4.525  2.773   1.00 43.90  ? 90   PHE A CD1 1 
ATOM   642  C CD2 . PHE A 1 90  ? -1.683  -4.502  2.088   1.00 44.98  ? 90   PHE A CD2 1 
ATOM   643  C CE1 . PHE A 1 90  ? 0.815   -3.324  2.128   1.00 54.17  ? 90   PHE A CE1 1 
ATOM   644  C CE2 . PHE A 1 90  ? -1.481  -3.298  1.441   1.00 33.04  ? 90   PHE A CE2 1 
ATOM   645  C CZ  . PHE A 1 90  ? -0.232  -2.709  1.461   1.00 50.93  ? 90   PHE A CZ  1 
ATOM   646  N N   . ARG A 1 91  ? -0.518  -7.684  6.806   1.00 32.51  ? 91   ARG A N   1 
ATOM   647  C CA  . ARG A 1 91  ? -0.620  -8.927  7.552   1.00 46.15  ? 91   ARG A CA  1 
ATOM   648  C C   . ARG A 1 91  ? -2.017  -9.004  8.155   1.00 49.01  ? 91   ARG A C   1 
ATOM   649  O O   . ARG A 1 91  ? -2.476  -8.061  8.803   1.00 55.62  ? 91   ARG A O   1 
ATOM   650  C CB  . ARG A 1 91  ? 0.418   -8.977  8.667   1.00 51.54  ? 91   ARG A CB  1 
ATOM   651  C CG  . ARG A 1 91  ? 0.342   -10.256 9.481   1.00 52.39  ? 91   ARG A CG  1 
ATOM   652  C CD  . ARG A 1 91  ? 1.494   -10.344 10.449  1.00 37.55  ? 91   ARG A CD  1 
ATOM   653  N NE  . ARG A 1 91  ? 1.443   -9.261  11.417  1.00 50.73  ? 91   ARG A NE  1 
ATOM   654  C CZ  . ARG A 1 91  ? 0.556   -9.182  12.398  1.00 32.63  ? 91   ARG A CZ  1 
ATOM   655  N NH1 . ARG A 1 91  ? -0.361  -10.128 12.543  1.00 50.70  ? 91   ARG A NH1 1 
ATOM   656  N NH2 . ARG A 1 91  ? 0.590   -8.158  13.235  1.00 47.81  ? 91   ARG A NH2 1 
ATOM   657  N N   . PRO A 1 92  ? -2.721  -10.122 7.941   1.00 47.37  ? 92   PRO A N   1 
ATOM   658  C CA  . PRO A 1 92  ? -4.068  -10.237 8.500   1.00 46.08  ? 92   PRO A CA  1 
ATOM   659  C C   . PRO A 1 92  ? -4.054  -9.902  9.988   1.00 45.70  ? 92   PRO A C   1 
ATOM   660  O O   . PRO A 1 92  ? -3.108  -10.233 10.701  1.00 49.74  ? 92   PRO A O   1 
ATOM   661  C CB  . PRO A 1 92  ? -4.427  -11.692 8.224   1.00 48.70  ? 92   PRO A CB  1 
ATOM   662  C CG  . PRO A 1 92  ? -3.692  -11.979 6.938   1.00 41.81  ? 92   PRO A CG  1 
ATOM   663  C CD  . PRO A 1 92  ? -2.348  -11.343 7.204   1.00 56.74  ? 92   PRO A CD  1 
ATOM   664  N N   . VAL A 1 93  ? -5.096  -9.227  10.449  1.00 44.54  ? 93   VAL A N   1 
ATOM   665  C CA  . VAL A 1 93  ? -5.185  -8.846  11.847  1.00 50.01  ? 93   VAL A CA  1 
ATOM   666  C C   . VAL A 1 93  ? -5.702  -10.013 12.693  1.00 49.20  ? 93   VAL A C   1 
ATOM   667  O O   . VAL A 1 93  ? -6.709  -10.634 12.366  1.00 39.86  ? 93   VAL A O   1 
ATOM   668  C CB  . VAL A 1 93  ? -6.101  -7.614  12.006  1.00 53.19  ? 93   VAL A CB  1 
ATOM   669  C CG1 . VAL A 1 93  ? -7.415  -7.854  11.282  1.00 69.79  ? 93   VAL A CG1 1 
ATOM   670  C CG2 . VAL A 1 93  ? -6.347  -7.322  13.480  1.00 52.13  ? 93   VAL A CG2 1 
ATOM   671  N N   . GLU A 1 94  ? -4.988  -10.313 13.773  1.00 59.46  ? 94   GLU A N   1 
ATOM   672  C CA  . GLU A 1 94  ? -5.354  -11.407 14.671  1.00 58.31  ? 94   GLU A CA  1 
ATOM   673  C C   . GLU A 1 94  ? -6.027  -10.852 15.921  1.00 57.31  ? 94   GLU A C   1 
ATOM   674  O O   . GLU A 1 94  ? -5.808  -9.701  16.291  1.00 60.13  ? 94   GLU A O   1 
ATOM   675  C CB  . GLU A 1 94  ? -4.103  -12.189 15.071  1.00 65.67  ? 94   GLU A CB  1 
ATOM   676  C CG  . GLU A 1 94  ? -3.302  -12.736 13.901  1.00 75.98  ? 94   GLU A CG  1 
ATOM   677  C CD  . GLU A 1 94  ? -4.010  -13.870 13.187  1.00 96.97  ? 94   GLU A CD  1 
ATOM   678  O OE1 . GLU A 1 94  ? -5.157  -13.669 12.734  1.00 112.79 ? 94   GLU A OE1 1 
ATOM   679  O OE2 . GLU A 1 94  ? -3.415  -14.965 13.076  1.00 102.77 ? 94   GLU A OE2 1 
ATOM   680  N N   . ASP A 1 95  ? -6.848  -11.662 16.576  1.00 56.87  ? 95   ASP A N   1 
ATOM   681  C CA  . ASP A 1 95  ? -7.518  -11.194 17.781  1.00 64.84  ? 95   ASP A CA  1 
ATOM   682  C C   . ASP A 1 95  ? -6.491  -10.763 18.814  1.00 66.88  ? 95   ASP A C   1 
ATOM   683  O O   . ASP A 1 95  ? -6.756  -9.865  19.609  1.00 65.89  ? 95   ASP A O   1 
ATOM   684  C CB  . ASP A 1 95  ? -8.428  -12.286 18.357  1.00 55.84  ? 95   ASP A CB  1 
ATOM   685  C CG  . ASP A 1 95  ? -9.799  -12.305 17.707  1.00 51.19  ? 95   ASP A CG  1 
ATOM   686  O OD1 . ASP A 1 95  ? -9.881  -12.060 16.487  1.00 63.28  ? 95   ASP A OD1 1 
ATOM   687  O OD2 . ASP A 1 95  ? -10.796 -12.572 18.409  1.00 67.29  ? 95   ASP A OD2 1 
ATOM   688  N N   . GLU A 1 96  ? -5.315  -11.392 18.792  1.00 76.88  ? 96   GLU A N   1 
ATOM   689  C CA  . GLU A 1 96  ? -4.252  -11.049 19.734  1.00 79.35  ? 96   GLU A CA  1 
ATOM   690  C C   . GLU A 1 96  ? -3.677  -9.664  19.446  1.00 79.52  ? 96   GLU A C   1 
ATOM   691  O O   . GLU A 1 96  ? -3.163  -8.998  20.337  1.00 82.41  ? 96   GLU A O   1 
ATOM   692  C CB  . GLU A 1 96  ? -3.125  -12.089 19.699  1.00 77.67  ? 96   GLU A CB  1 
ATOM   693  C CG  . GLU A 1 96  ? -3.508  -13.448 20.262  1.00 98.22  ? 96   GLU A CG  1 
ATOM   694  C CD  . GLU A 1 96  ? -2.319  -14.194 20.851  1.00 116.06 ? 96   GLU A CD  1 
ATOM   695  O OE1 . GLU A 1 96  ? -1.300  -14.353 20.145  1.00 124.57 ? 96   GLU A OE1 1 
ATOM   696  O OE2 . GLU A 1 96  ? -2.405  -14.623 22.023  1.00 122.91 ? 96   GLU A OE2 1 
ATOM   697  N N   . ASP A 1 97  ? -3.766  -9.233  18.195  1.00 80.81  ? 97   ASP A N   1 
ATOM   698  C CA  . ASP A 1 97  ? -3.264  -7.920  17.818  1.00 89.47  ? 97   ASP A CA  1 
ATOM   699  C C   . ASP A 1 97  ? -4.077  -6.828  18.507  1.00 94.71  ? 97   ASP A C   1 
ATOM   700  O O   . ASP A 1 97  ? -3.544  -5.778  18.868  1.00 101.18 ? 97   ASP A O   1 
ATOM   701  C CB  . ASP A 1 97  ? -3.357  -7.731  16.299  1.00 89.60  ? 97   ASP A CB  1 
ATOM   702  C CG  . ASP A 1 97  ? -2.430  -8.655  15.531  1.00 93.70  ? 97   ASP A CG  1 
ATOM   703  O OD1 . ASP A 1 97  ? -2.528  -8.696  14.284  1.00 83.72  ? 97   ASP A OD1 1 
ATOM   704  O OD2 . ASP A 1 97  ? -1.601  -9.337  16.172  1.00 101.04 ? 97   ASP A OD2 1 
ATOM   705  N N   . THR A 1 98  ? -5.367  -7.088  18.695  1.00 93.62  ? 98   THR A N   1 
ATOM   706  C CA  . THR A 1 98  ? -6.263  -6.113  19.306  1.00 95.69  ? 98   THR A CA  1 
ATOM   707  C C   . THR A 1 98  ? -6.440  -6.237  20.816  1.00 95.72  ? 98   THR A C   1 
ATOM   708  O O   . THR A 1 98  ? -6.789  -5.264  21.481  1.00 94.67  ? 98   THR A O   1 
ATOM   709  C CB  . THR A 1 98  ? -7.652  -6.169  18.636  1.00 98.51  ? 98   THR A CB  1 
ATOM   710  O OG1 . THR A 1 98  ? -8.204  -7.485  18.768  1.00 104.55 ? 98   THR A OG1 1 
ATOM   711  C CG2 . THR A 1 98  ? -7.531  -5.828  17.162  1.00 97.19  ? 98   THR A CG2 1 
ATOM   712  N N   . GLU A 1 99  ? -6.200  -7.426  21.354  1.00 100.95 ? 99   GLU A N   1 
ATOM   713  C CA  . GLU A 1 99  ? -6.342  -7.654  22.788  1.00 104.78 ? 99   GLU A CA  1 
ATOM   714  C C   . GLU A 1 99  ? -5.528  -6.647  23.598  1.00 108.63 ? 99   GLU A C   1 
ATOM   715  O O   . GLU A 1 99  ? -6.060  -5.964  24.477  1.00 107.08 ? 99   GLU A O   1 
ATOM   716  C CB  . GLU A 1 99  ? -5.898  -9.076  23.132  1.00 110.81 ? 99   GLU A CB  1 
ATOM   717  C CG  . GLU A 1 99  ? -6.736  -10.156 22.468  1.00 124.23 ? 99   GLU A CG  1 
ATOM   718  C CD  . GLU A 1 99  ? -6.125  -11.537 22.600  1.00 128.83 ? 99   GLU A CD  1 
ATOM   719  O OE1 . GLU A 1 99  ? -6.723  -12.507 22.086  1.00 130.89 ? 99   GLU A OE1 1 
ATOM   720  O OE2 . GLU A 1 99  ? -5.045  -11.651 23.215  1.00 136.57 ? 99   GLU A OE2 1 
ATOM   721  N N   . LYS A 1 105 ? 0.761   -2.319  24.885  1.00 72.80  ? 105  LYS A N   1 
ATOM   722  C CA  . LYS A 1 105 ? 1.275   -2.980  23.687  1.00 83.87  ? 105  LYS A CA  1 
ATOM   723  C C   . LYS A 1 105 ? 1.551   -1.984  22.555  1.00 87.70  ? 105  LYS A C   1 
ATOM   724  O O   . LYS A 1 105 ? 0.815   -1.011  22.373  1.00 85.45  ? 105  LYS A O   1 
ATOM   725  C CB  . LYS A 1 105 ? 0.280   -4.034  23.201  1.00 80.01  ? 105  LYS A CB  1 
ATOM   726  C CG  . LYS A 1 105 ? 0.772   -4.850  22.009  1.00 87.31  ? 105  LYS A CG  1 
ATOM   727  C CD  . LYS A 1 105 ? -0.358  -5.648  21.372  1.00 99.44  ? 105  LYS A CD  1 
ATOM   728  C CE  . LYS A 1 105 ? -1.021  -6.578  22.377  1.00 107.63 ? 105  LYS A CE  1 
ATOM   729  N NZ  . LYS A 1 105 ? -2.264  -7.191  21.831  1.00 109.04 ? 105  LYS A NZ  1 
ATOM   730  N N   . PRO A 1 106 ? 2.626   -2.216  21.779  1.00 91.91  ? 106  PRO A N   1 
ATOM   731  C CA  . PRO A 1 106 ? 3.000   -1.341  20.659  1.00 88.36  ? 106  PRO A CA  1 
ATOM   732  C C   . PRO A 1 106 ? 2.085   -1.499  19.441  1.00 78.97  ? 106  PRO A C   1 
ATOM   733  O O   . PRO A 1 106 ? 1.615   -2.601  19.139  1.00 71.85  ? 106  PRO A O   1 
ATOM   734  C CB  . PRO A 1 106 ? 4.440   -1.758  20.367  1.00 89.23  ? 106  PRO A CB  1 
ATOM   735  C CG  . PRO A 1 106 ? 4.429   -3.220  20.697  1.00 91.34  ? 106  PRO A CG  1 
ATOM   736  C CD  . PRO A 1 106 ? 3.653   -3.253  21.996  1.00 90.60  ? 106  PRO A CD  1 
ATOM   737  N N   . GLU A 1 107 ? 1.843   -0.396  18.738  1.00 72.88  ? 107  GLU A N   1 
ATOM   738  C CA  . GLU A 1 107 ? 0.972   -0.427  17.572  1.00 64.85  ? 107  GLU A CA  1 
ATOM   739  C C   . GLU A 1 107 ? 1.574   -1.219  16.422  1.00 61.97  ? 107  GLU A C   1 
ATOM   740  O O   . GLU A 1 107 ? 2.608   -0.846  15.866  1.00 63.40  ? 107  GLU A O   1 
ATOM   741  C CB  . GLU A 1 107 ? 0.650   0.990   17.094  1.00 55.44  ? 107  GLU A CB  1 
ATOM   742  C CG  . GLU A 1 107 ? -0.480  1.018   16.078  1.00 63.10  ? 107  GLU A CG  1 
ATOM   743  C CD  . GLU A 1 107 ? -0.798  2.411   15.568  1.00 75.26  ? 107  GLU A CD  1 
ATOM   744  O OE1 . GLU A 1 107 ? -1.774  2.543   14.798  1.00 72.16  ? 107  GLU A OE1 1 
ATOM   745  O OE2 . GLU A 1 107 ? -0.080  3.369   15.926  1.00 79.52  ? 107  GLU A OE2 1 
ATOM   746  N N   . PRO A 1 108 ? 0.925   -2.333  16.048  1.00 57.32  ? 108  PRO A N   1 
ATOM   747  C CA  . PRO A 1 108 ? 1.399   -3.180  14.955  1.00 53.15  ? 108  PRO A CA  1 
ATOM   748  C C   . PRO A 1 108 ? 1.230   -2.498  13.600  1.00 50.40  ? 108  PRO A C   1 
ATOM   749  O O   . PRO A 1 108 ? 0.253   -1.786  13.357  1.00 40.13  ? 108  PRO A O   1 
ATOM   750  C CB  . PRO A 1 108 ? 0.530   -4.428  15.092  1.00 46.43  ? 108  PRO A CB  1 
ATOM   751  C CG  . PRO A 1 108 ? -0.767  -3.859  15.552  1.00 42.32  ? 108  PRO A CG  1 
ATOM   752  C CD  . PRO A 1 108 ? -0.330  -2.866  16.611  1.00 52.56  ? 108  PRO A CD  1 
ATOM   753  N N   . LEU A 1 109 ? 2.194   -2.728  12.722  1.00 51.92  ? 109  LEU A N   1 
ATOM   754  C CA  . LEU A 1 109 ? 2.175   -2.147  11.391  1.00 54.29  ? 109  LEU A CA  1 
ATOM   755  C C   . LEU A 1 109 ? 0.910   -2.505  10.610  1.00 45.79  ? 109  LEU A C   1 
ATOM   756  O O   . LEU A 1 109 ? 0.661   -1.936  9.549   1.00 46.68  ? 109  LEU A O   1 
ATOM   757  C CB  . LEU A 1 109 ? 3.409   -2.613  10.612  1.00 44.52  ? 109  LEU A CB  1 
ATOM   758  C CG  . LEU A 1 109 ? 4.756   -2.323  11.280  1.00 56.60  ? 109  LEU A CG  1 
ATOM   759  C CD1 . LEU A 1 109 ? 5.857   -3.119  10.593  1.00 41.61  ? 109  LEU A CD1 1 
ATOM   760  C CD2 . LEU A 1 109 ? 5.042   -0.827  11.236  1.00 51.98  ? 109  LEU A CD2 1 
ATOM   761  N N   . ASN A 1 110 ? 0.112   -3.438  11.129  1.00 41.71  ? 110  ASN A N   1 
ATOM   762  C CA  . ASN A 1 110 ? -1.107  -3.852  10.432  1.00 40.55  ? 110  ASN A CA  1 
ATOM   763  C C   . ASN A 1 110 ? -2.385  -3.285  11.031  1.00 41.24  ? 110  ASN A C   1 
ATOM   764  O O   . ASN A 1 110 ? -3.479  -3.762  10.736  1.00 44.21  ? 110  ASN A O   1 
ATOM   765  C CB  . ASN A 1 110 ? -1.190  -5.389  10.351  1.00 49.15  ? 110  ASN A CB  1 
ATOM   766  C CG  . ASN A 1 110 ? -1.694  -6.037  11.636  1.00 48.55  ? 110  ASN A CG  1 
ATOM   767  O OD1 . ASN A 1 110 ? -1.339  -5.631  12.746  1.00 49.22  ? 110  ASN A OD1 1 
ATOM   768  N ND2 . ASN A 1 110 ? -2.512  -7.071  11.483  1.00 42.16  ? 110  ASN A ND2 1 
ATOM   769  N N   . SER A 1 111 ? -2.246  -2.264  11.867  1.00 42.99  ? 111  SER A N   1 
ATOM   770  C CA  . SER A 1 111 ? -3.411  -1.630  12.470  1.00 51.09  ? 111  SER A CA  1 
ATOM   771  C C   . SER A 1 111 ? -4.096  -0.798  11.393  1.00 54.40  ? 111  SER A C   1 
ATOM   772  O O   . SER A 1 111 ? -3.470  -0.425  10.399  1.00 56.42  ? 111  SER A O   1 
ATOM   773  C CB  . SER A 1 111 ? -2.993  -0.718  13.624  1.00 43.46  ? 111  SER A CB  1 
ATOM   774  O OG  . SER A 1 111 ? -2.249  0.389   13.149  1.00 57.62  ? 111  SER A OG  1 
ATOM   775  N N   . ARG A 1 112 ? -5.379  -0.515  11.589  1.00 48.32  ? 112  ARG A N   1 
ATOM   776  C CA  . ARG A 1 112 ? -6.131  0.282   10.629  1.00 45.55  ? 112  ARG A CA  1 
ATOM   777  C C   . ARG A 1 112 ? -5.349  1.557   10.326  1.00 50.96  ? 112  ARG A C   1 
ATOM   778  O O   . ARG A 1 112 ? -5.097  1.890   9.167   1.00 57.55  ? 112  ARG A O   1 
ATOM   779  C CB  . ARG A 1 112 ? -7.499  0.656   11.205  1.00 42.27  ? 112  ARG A CB  1 
ATOM   780  C CG  . ARG A 1 112 ? -8.451  1.256   10.188  1.00 50.21  ? 112  ARG A CG  1 
ATOM   781  C CD  . ARG A 1 112 ? -9.735  1.771   10.826  1.00 43.55  ? 112  ARG A CD  1 
ATOM   782  N NE  . ARG A 1 112 ? -10.680 2.259   9.820   1.00 44.09  ? 112  ARG A NE  1 
ATOM   783  C CZ  . ARG A 1 112 ? -11.575 1.496   9.199   1.00 47.62  ? 112  ARG A CZ  1 
ATOM   784  N NH1 . ARG A 1 112 ? -11.658 0.202   9.488   1.00 53.72  ? 112  ARG A NH1 1 
ATOM   785  N NH2 . ARG A 1 112 ? -12.381 2.022   8.282   1.00 30.90  ? 112  ARG A NH2 1 
ATOM   786  N N   . ARG A 1 113 ? -4.960  2.257   11.388  1.00 46.66  ? 113  ARG A N   1 
ATOM   787  C CA  . ARG A 1 113 ? -4.219  3.506   11.279  1.00 39.80  ? 113  ARG A CA  1 
ATOM   788  C C   . ARG A 1 113 ? -3.020  3.396   10.340  1.00 47.82  ? 113  ARG A C   1 
ATOM   789  O O   . ARG A 1 113 ? -2.799  4.271   9.499   1.00 43.07  ? 113  ARG A O   1 
ATOM   790  C CB  . ARG A 1 113 ? -3.750  3.946   12.670  1.00 55.32  ? 113  ARG A CB  1 
ATOM   791  C CG  . ARG A 1 113 ? -2.972  5.258   12.714  1.00 62.45  ? 113  ARG A CG  1 
ATOM   792  C CD  . ARG A 1 113 ? -2.439  5.526   14.121  1.00 75.55  ? 113  ARG A CD  1 
ATOM   793  N NE  . ARG A 1 113 ? -1.564  6.696   14.172  1.00 104.93 ? 113  ARG A NE  1 
ATOM   794  C CZ  . ARG A 1 113 ? -0.368  6.772   13.593  1.00 110.51 ? 113  ARG A CZ  1 
ATOM   795  N NH1 . ARG A 1 113 ? 0.112   5.739   12.912  1.00 116.65 ? 113  ARG A NH1 1 
ATOM   796  N NH2 . ARG A 1 113 ? 0.348   7.884   13.691  1.00 112.14 ? 113  ARG A NH2 1 
ATOM   797  N N   . ASN A 1 114 ? -2.254  2.320   10.486  1.00 38.72  ? 114  ASN A N   1 
ATOM   798  C CA  . ASN A 1 114 ? -1.075  2.117   9.663   1.00 33.63  ? 114  ASN A CA  1 
ATOM   799  C C   . ASN A 1 114 ? -1.399  1.674   8.248   1.00 40.50  ? 114  ASN A C   1 
ATOM   800  O O   . ASN A 1 114 ? -0.652  1.977   7.314   1.00 57.27  ? 114  ASN A O   1 
ATOM   801  C CB  . ASN A 1 114 ? -0.127  1.105   10.316  1.00 47.37  ? 114  ASN A CB  1 
ATOM   802  C CG  . ASN A 1 114 ? 0.550   1.658   11.553  1.00 55.45  ? 114  ASN A CG  1 
ATOM   803  O OD1 . ASN A 1 114 ? 0.756   2.868   11.673  1.00 51.10  ? 114  ASN A OD1 1 
ATOM   804  N ND2 . ASN A 1 114 ? 0.918   0.773   12.475  1.00 53.41  ? 114  ASN A ND2 1 
ATOM   805  N N   . LYS A 1 115 ? -2.501  0.949   8.082   1.00 35.91  ? 115  LYS A N   1 
ATOM   806  C CA  . LYS A 1 115 ? -2.894  0.495   6.753   1.00 39.83  ? 115  LYS A CA  1 
ATOM   807  C C   . LYS A 1 115 ? -3.312  1.727   5.964   1.00 40.98  ? 115  LYS A C   1 
ATOM   808  O O   . LYS A 1 115 ? -2.993  1.863   4.782   1.00 44.56  ? 115  LYS A O   1 
ATOM   809  C CB  . LYS A 1 115 ? -4.056  -0.494  6.834   1.00 27.70  ? 115  LYS A CB  1 
ATOM   810  C CG  . LYS A 1 115 ? -3.716  -1.842  7.464   1.00 36.18  ? 115  LYS A CG  1 
ATOM   811  C CD  . LYS A 1 115 ? -4.895  -2.813  7.304   1.00 38.81  ? 115  LYS A CD  1 
ATOM   812  C CE  . LYS A 1 115 ? -4.657  -4.156  7.985   1.00 31.88  ? 115  LYS A CE  1 
ATOM   813  N NZ  . LYS A 1 115 ? -3.672  -5.024  7.293   1.00 39.55  ? 115  LYS A NZ  1 
ATOM   814  N N   . LEU A 1 116 ? -4.018  2.626   6.641   1.00 42.14  ? 116  LEU A N   1 
ATOM   815  C CA  . LEU A 1 116 ? -4.482  3.869   6.040   1.00 41.19  ? 116  LEU A CA  1 
ATOM   816  C C   . LEU A 1 116 ? -3.302  4.769   5.694   1.00 35.82  ? 116  LEU A C   1 
ATOM   817  O O   . LEU A 1 116 ? -3.275  5.393   4.635   1.00 31.24  ? 116  LEU A O   1 
ATOM   818  C CB  . LEU A 1 116 ? -5.419  4.599   7.004   1.00 40.81  ? 116  LEU A CB  1 
ATOM   819  C CG  . LEU A 1 116 ? -6.785  3.958   7.239   1.00 32.50  ? 116  LEU A CG  1 
ATOM   820  C CD1 . LEU A 1 116 ? -7.552  4.763   8.268   1.00 50.45  ? 116  LEU A CD1 1 
ATOM   821  C CD2 . LEU A 1 116 ? -7.551  3.902   5.929   1.00 42.55  ? 116  LEU A CD2 1 
ATOM   822  N N   . HIS A 1 117 ? -2.338  4.842   6.608   1.00 28.11  ? 117  HIS A N   1 
ATOM   823  C CA  . HIS A 1 117 ? -1.140  5.647   6.412   1.00 41.43  ? 117  HIS A CA  1 
ATOM   824  C C   . HIS A 1 117 ? -0.401  5.162   5.176   1.00 47.31  ? 117  HIS A C   1 
ATOM   825  O O   . HIS A 1 117 ? 0.084   5.962   4.377   1.00 36.47  ? 117  HIS A O   1 
ATOM   826  C CB  . HIS A 1 117 ? -0.217  5.521   7.621   1.00 41.77  ? 117  HIS A CB  1 
ATOM   827  C CG  . HIS A 1 117 ? -0.111  6.770   8.436   1.00 68.32  ? 117  HIS A CG  1 
ATOM   828  N ND1 . HIS A 1 117 ? 0.080   6.752   9.803   1.00 72.52  ? 117  HIS A ND1 1 
ATOM   829  C CD2 . HIS A 1 117 ? -0.156  8.075   8.079   1.00 71.68  ? 117  HIS A CD2 1 
ATOM   830  C CE1 . HIS A 1 117 ? 0.145   7.993   10.252  1.00 82.04  ? 117  HIS A CE1 1 
ATOM   831  N NE2 . HIS A 1 117 ? 0.006   8.815   9.226   1.00 89.91  ? 117  HIS A NE2 1 
ATOM   832  N N   . TYR A 1 118 ? -0.316  3.846   5.023   1.00 35.83  ? 118  TYR A N   1 
ATOM   833  C CA  . TYR A 1 118 ? 0.378   3.295   3.881   1.00 33.21  ? 118  TYR A CA  1 
ATOM   834  C C   . TYR A 1 118 ? -0.321  3.680   2.595   1.00 33.31  ? 118  TYR A C   1 
ATOM   835  O O   . TYR A 1 118 ? 0.322   4.133   1.645   1.00 35.47  ? 118  TYR A O   1 
ATOM   836  C CB  . TYR A 1 118 ? 0.481   1.775   3.984   1.00 22.04  ? 118  TYR A CB  1 
ATOM   837  C CG  . TYR A 1 118 ? 1.091   1.141   2.751   1.00 36.21  ? 118  TYR A CG  1 
ATOM   838  C CD1 . TYR A 1 118 ? 0.298   0.779   1.658   1.00 34.05  ? 118  TYR A CD1 1 
ATOM   839  C CD2 . TYR A 1 118 ? 2.467   0.940   2.657   1.00 32.19  ? 118  TYR A CD2 1 
ATOM   840  C CE1 . TYR A 1 118 ? 0.862   0.233   0.505   1.00 42.32  ? 118  TYR A CE1 1 
ATOM   841  C CE2 . TYR A 1 118 ? 3.043   0.395   1.509   1.00 39.85  ? 118  TYR A CE2 1 
ATOM   842  C CZ  . TYR A 1 118 ? 2.238   0.043   0.438   1.00 51.92  ? 118  TYR A CZ  1 
ATOM   843  O OH  . TYR A 1 118 ? 2.805   -0.506  -0.693  1.00 43.67  ? 118  TYR A OH  1 
ATOM   844  N N   . ALA A 1 119 ? -1.638  3.501   2.566   1.00 35.17  ? 119  ALA A N   1 
ATOM   845  C CA  . ALA A 1 119 ? -2.414  3.834   1.378   1.00 35.80  ? 119  ALA A CA  1 
ATOM   846  C C   . ALA A 1 119 ? -2.321  5.333   1.131   1.00 34.85  ? 119  ALA A C   1 
ATOM   847  O O   . ALA A 1 119 ? -2.138  5.785   -0.004  1.00 41.43  ? 119  ALA A O   1 
ATOM   848  C CB  . ALA A 1 119 ? -3.868  3.415   1.561   1.00 18.73  ? 119  ALA A CB  1 
ATOM   849  N N   . PHE A 1 120 ? -2.429  6.100   2.207   1.00 31.83  ? 120  PHE A N   1 
ATOM   850  C CA  . PHE A 1 120 ? -2.354  7.548   2.114   1.00 45.33  ? 120  PHE A CA  1 
ATOM   851  C C   . PHE A 1 120 ? -1.032  7.957   1.466   1.00 35.59  ? 120  PHE A C   1 
ATOM   852  O O   . PHE A 1 120 ? -0.997  8.813   0.585   1.00 41.09  ? 120  PHE A O   1 
ATOM   853  C CB  . PHE A 1 120 ? -2.457  8.173   3.507   1.00 38.15  ? 120  PHE A CB  1 
ATOM   854  C CG  . PHE A 1 120 ? -2.576  9.665   3.487   1.00 32.38  ? 120  PHE A CG  1 
ATOM   855  C CD1 . PHE A 1 120 ? -3.803  10.271  3.243   1.00 31.68  ? 120  PHE A CD1 1 
ATOM   856  C CD2 . PHE A 1 120 ? -1.453  10.467  3.686   1.00 27.18  ? 120  PHE A CD2 1 
ATOM   857  C CE1 . PHE A 1 120 ? -3.917  11.660  3.196   1.00 38.82  ? 120  PHE A CE1 1 
ATOM   858  C CE2 . PHE A 1 120 ? -1.548  11.860  3.641   1.00 22.98  ? 120  PHE A CE2 1 
ATOM   859  C CZ  . PHE A 1 120 ? -2.787  12.458  3.395   1.00 47.31  ? 120  PHE A CZ  1 
ATOM   860  N N   . GLN A 1 121 ? 0.054   7.336   1.906   1.00 31.01  ? 121  GLN A N   1 
ATOM   861  C CA  . GLN A 1 121 ? 1.370   7.647   1.372   1.00 39.25  ? 121  GLN A CA  1 
ATOM   862  C C   . GLN A 1 121 ? 1.511   7.325   -0.109  1.00 41.52  ? 121  GLN A C   1 
ATOM   863  O O   . GLN A 1 121 ? 2.451   7.781   -0.752  1.00 49.24  ? 121  GLN A O   1 
ATOM   864  C CB  . GLN A 1 121 ? 2.444   6.915   2.169   1.00 28.02  ? 121  GLN A CB  1 
ATOM   865  C CG  . GLN A 1 121 ? 2.515   7.355   3.622   1.00 49.98  ? 121  GLN A CG  1 
ATOM   866  C CD  . GLN A 1 121 ? 3.506   6.541   4.429   1.00 72.40  ? 121  GLN A CD  1 
ATOM   867  O OE1 . GLN A 1 121 ? 3.434   5.308   4.465   1.00 75.54  ? 121  GLN A OE1 1 
ATOM   868  N NE2 . GLN A 1 121 ? 4.439   7.228   5.087   1.00 78.47  ? 121  GLN A NE2 1 
ATOM   869  N N   . LEU A 1 122 ? 0.582   6.548   -0.657  1.00 35.99  ? 122  LEU A N   1 
ATOM   870  C CA  . LEU A 1 122 ? 0.647   6.215   -2.070  1.00 35.88  ? 122  LEU A CA  1 
ATOM   871  C C   . LEU A 1 122 ? -0.059  7.243   -2.937  1.00 41.99  ? 122  LEU A C   1 
ATOM   872  O O   . LEU A 1 122 ? 0.185   7.318   -4.143  1.00 43.55  ? 122  LEU A O   1 
ATOM   873  C CB  . LEU A 1 122 ? 0.047   4.844   -2.334  1.00 35.96  ? 122  LEU A CB  1 
ATOM   874  C CG  . LEU A 1 122 ? 0.749   3.633   -1.725  1.00 42.86  ? 122  LEU A CG  1 
ATOM   875  C CD1 . LEU A 1 122 ? 0.189   2.401   -2.426  1.00 39.70  ? 122  LEU A CD1 1 
ATOM   876  C CD2 . LEU A 1 122 ? 2.262   3.704   -1.896  1.00 30.99  ? 122  LEU A CD2 1 
ATOM   877  N N   . TYR A 1 123 ? -0.954  8.011   -2.320  1.00 48.90  ? 123  TYR A N   1 
ATOM   878  C CA  . TYR A 1 123 ? -1.690  9.071   -3.007  1.00 38.92  ? 123  TYR A CA  1 
ATOM   879  C C   . TYR A 1 123 ? -0.789  10.306  -2.988  1.00 45.00  ? 123  TYR A C   1 
ATOM   880  O O   . TYR A 1 123 ? -0.488  10.916  -4.019  1.00 52.35  ? 123  TYR A O   1 
ATOM   881  C CB  . TYR A 1 123 ? -2.978  9.420   -2.253  1.00 45.82  ? 123  TYR A CB  1 
ATOM   882  C CG  . TYR A 1 123 ? -4.192  8.578   -2.559  1.00 40.43  ? 123  TYR A CG  1 
ATOM   883  C CD1 . TYR A 1 123 ? -4.457  7.406   -1.854  1.00 45.85  ? 123  TYR A CD1 1 
ATOM   884  C CD2 . TYR A 1 123 ? -5.099  8.978   -3.537  1.00 49.05  ? 123  TYR A CD2 1 
ATOM   885  C CE1 . TYR A 1 123 ? -5.609  6.654   -2.115  1.00 33.90  ? 123  TYR A CE1 1 
ATOM   886  C CE2 . TYR A 1 123 ? -6.244  8.237   -3.807  1.00 37.38  ? 123  TYR A CE2 1 
ATOM   887  C CZ  . TYR A 1 123 ? -6.495  7.082   -3.097  1.00 38.58  ? 123  TYR A CZ  1 
ATOM   888  O OH  . TYR A 1 123 ? -7.638  6.370   -3.371  1.00 55.05  ? 123  TYR A OH  1 
ATOM   889  N N   . ASP A 1 124 ? -0.375  10.651  -1.774  1.00 46.72  ? 124  ASP A N   1 
ATOM   890  C CA  . ASP A 1 124 ? 0.476   11.796  -1.484  1.00 44.20  ? 124  ASP A CA  1 
ATOM   891  C C   . ASP A 1 124 ? 1.927   11.455  -1.780  1.00 50.48  ? 124  ASP A C   1 
ATOM   892  O O   . ASP A 1 124 ? 2.688   11.106  -0.877  1.00 46.89  ? 124  ASP A O   1 
ATOM   893  C CB  . ASP A 1 124 ? 0.323   12.156  -0.011  1.00 44.64  ? 124  ASP A CB  1 
ATOM   894  C CG  . ASP A 1 124 ? 1.135   13.357  0.381   1.00 55.85  ? 124  ASP A CG  1 
ATOM   895  O OD1 . ASP A 1 124 ? 1.364   13.533  1.594   1.00 54.86  ? 124  ASP A OD1 1 
ATOM   896  O OD2 . ASP A 1 124 ? 1.536   14.126  -0.516  1.00 58.32  ? 124  ASP A OD2 1 
ATOM   897  N N   . LEU A 1 125 ? 2.315   11.557  -3.044  1.00 55.69  ? 125  LEU A N   1 
ATOM   898  C CA  . LEU A 1 125 ? 3.680   11.241  -3.430  1.00 49.10  ? 125  LEU A CA  1 
ATOM   899  C C   . LEU A 1 125 ? 4.729   12.200  -2.876  1.00 50.25  ? 125  LEU A C   1 
ATOM   900  O O   . LEU A 1 125 ? 5.800   11.765  -2.449  1.00 49.28  ? 125  LEU A O   1 
ATOM   901  C CB  . LEU A 1 125 ? 3.797   11.178  -4.951  1.00 47.02  ? 125  LEU A CB  1 
ATOM   902  C CG  . LEU A 1 125 ? 3.151   9.957   -5.603  1.00 59.99  ? 125  LEU A CG  1 
ATOM   903  C CD1 . LEU A 1 125 ? 3.459   9.978   -7.089  1.00 61.06  ? 125  LEU A CD1 1 
ATOM   904  C CD2 . LEU A 1 125 ? 3.677   8.670   -4.960  1.00 41.39  ? 125  LEU A CD2 1 
ATOM   905  N N   . ASP A 1 126 ? 4.435   13.499  -2.878  1.00 47.04  ? 126  ASP A N   1 
ATOM   906  C CA  . ASP A 1 126 ? 5.401   14.470  -2.375  1.00 49.77  ? 126  ASP A CA  1 
ATOM   907  C C   . ASP A 1 126 ? 5.512   14.420  -0.848  1.00 47.87  ? 126  ASP A C   1 
ATOM   908  O O   . ASP A 1 126 ? 6.237   15.204  -0.237  1.00 51.38  ? 126  ASP A O   1 
ATOM   909  C CB  . ASP A 1 126 ? 5.051   15.885  -2.866  1.00 39.80  ? 126  ASP A CB  1 
ATOM   910  C CG  . ASP A 1 126 ? 3.908   16.520  -2.096  1.00 55.31  ? 126  ASP A CG  1 
ATOM   911  O OD1 . ASP A 1 126 ? 3.174   15.798  -1.387  1.00 58.64  ? 126  ASP A OD1 1 
ATOM   912  O OD2 . ASP A 1 126 ? 3.740   17.753  -2.215  1.00 54.97  ? 126  ASP A OD2 1 
ATOM   913  N N   . ARG A 1 127 ? 4.796   13.480  -0.243  1.00 50.36  ? 127  ARG A N   1 
ATOM   914  C CA  . ARG A 1 127 ? 4.826   13.291  1.202   1.00 52.13  ? 127  ARG A CA  1 
ATOM   915  C C   . ARG A 1 127 ? 4.664   14.584  1.996   1.00 53.35  ? 127  ARG A C   1 
ATOM   916  O O   . ARG A 1 127 ? 5.289   14.750  3.043   1.00 52.36  ? 127  ARG A O   1 
ATOM   917  C CB  . ARG A 1 127 ? 6.141   12.623  1.598   1.00 51.89  ? 127  ARG A CB  1 
ATOM   918  C CG  . ARG A 1 127 ? 6.495   11.418  0.745   1.00 78.95  ? 127  ARG A CG  1 
ATOM   919  C CD  . ARG A 1 127 ? 7.791   10.764  1.211   1.00 100.18 ? 127  ARG A CD  1 
ATOM   920  N NE  . ARG A 1 127 ? 8.432   10.006  0.138   1.00 112.67 ? 127  ARG A NE  1 
ATOM   921  C CZ  . ARG A 1 127 ? 8.993   10.561  -0.933  1.00 117.35 ? 127  ARG A CZ  1 
ATOM   922  N NH1 . ARG A 1 127 ? 8.996   11.882  -1.074  1.00 114.16 ? 127  ARG A NH1 1 
ATOM   923  N NH2 . ARG A 1 127 ? 9.545   9.797   -1.867  1.00 116.47 ? 127  ARG A NH2 1 
ATOM   924  N N   . ASP A 1 128 ? 3.823   15.493  1.507   1.00 55.10  ? 128  ASP A N   1 
ATOM   925  C CA  . ASP A 1 128 ? 3.604   16.767  2.189   1.00 55.19  ? 128  ASP A CA  1 
ATOM   926  C C   . ASP A 1 128 ? 2.537   16.686  3.282   1.00 56.84  ? 128  ASP A C   1 
ATOM   927  O O   . ASP A 1 128 ? 2.311   17.650  4.009   1.00 61.01  ? 128  ASP A O   1 
ATOM   928  C CB  . ASP A 1 128 ? 3.205   17.844  1.181   1.00 56.88  ? 128  ASP A CB  1 
ATOM   929  C CG  . ASP A 1 128 ? 1.831   17.606  0.584   1.00 65.14  ? 128  ASP A CG  1 
ATOM   930  O OD1 . ASP A 1 128 ? 1.350   18.494  -0.149  1.00 72.15  ? 128  ASP A OD1 1 
ATOM   931  O OD2 . ASP A 1 128 ? 1.235   16.538  0.842   1.00 56.48  ? 128  ASP A OD2 1 
ATOM   932  N N   . GLY A 1 129 ? 1.876   15.537  3.388   1.00 58.30  ? 129  GLY A N   1 
ATOM   933  C CA  . GLY A 1 129 ? 0.849   15.371  4.398   1.00 40.15  ? 129  GLY A CA  1 
ATOM   934  C C   . GLY A 1 129 ? -0.557  15.590  3.875   1.00 48.62  ? 129  GLY A C   1 
ATOM   935  O O   . GLY A 1 129 ? -1.529  15.412  4.612   1.00 58.70  ? 129  GLY A O   1 
ATOM   936  N N   . LYS A 1 130 ? -0.680  15.978  2.610   1.00 38.95  ? 130  LYS A N   1 
ATOM   937  C CA  . LYS A 1 130 ? -1.999  16.208  2.036   1.00 48.03  ? 130  LYS A CA  1 
ATOM   938  C C   . LYS A 1 130 ? -2.090  15.733  0.595   1.00 46.42  ? 130  LYS A C   1 
ATOM   939  O O   . LYS A 1 130 ? -1.091  15.660  -0.118  1.00 52.50  ? 130  LYS A O   1 
ATOM   940  C CB  . LYS A 1 130 ? -2.362  17.694  2.120   1.00 55.00  ? 130  LYS A CB  1 
ATOM   941  C CG  . LYS A 1 130 ? -1.413  18.606  1.370   1.00 69.91  ? 130  LYS A CG  1 
ATOM   942  C CD  . LYS A 1 130 ? -1.762  20.069  1.585   1.00 72.67  ? 130  LYS A CD  1 
ATOM   943  C CE  . LYS A 1 130 ? -0.863  20.981  0.760   1.00 72.07  ? 130  LYS A CE  1 
ATOM   944  N NZ  . LYS A 1 130 ? -1.060  20.783  -0.702  1.00 76.54  ? 130  LYS A NZ  1 
ATOM   945  N N   . ILE A 1 131 ? -3.304  15.406  0.175   1.00 42.10  ? 131  ILE A N   1 
ATOM   946  C CA  . ILE A 1 131 ? -3.546  14.932  -1.175  1.00 43.60  ? 131  ILE A CA  1 
ATOM   947  C C   . ILE A 1 131 ? -4.114  16.065  -2.012  1.00 51.32  ? 131  ILE A C   1 
ATOM   948  O O   . ILE A 1 131 ? -5.299  16.390  -1.919  1.00 54.08  ? 131  ILE A O   1 
ATOM   949  C CB  . ILE A 1 131 ? -4.539  13.747  -1.172  1.00 43.06  ? 131  ILE A CB  1 
ATOM   950  C CG1 . ILE A 1 131 ? -3.943  12.576  -0.386  1.00 46.47  ? 131  ILE A CG1 1 
ATOM   951  C CG2 . ILE A 1 131 ? -4.847  13.311  -2.593  1.00 44.84  ? 131  ILE A CG2 1 
ATOM   952  C CD1 . ILE A 1 131 ? -4.865  11.397  -0.244  1.00 38.02  ? 131  ILE A CD1 1 
ATOM   953  N N   . SER A 1 132 ? -3.255  16.677  -2.820  1.00 53.60  ? 132  SER A N   1 
ATOM   954  C CA  . SER A 1 132 ? -3.675  17.771  -3.681  1.00 50.84  ? 132  SER A CA  1 
ATOM   955  C C   . SER A 1 132 ? -4.665  17.217  -4.692  1.00 55.01  ? 132  SER A C   1 
ATOM   956  O O   . SER A 1 132 ? -4.856  16.006  -4.778  1.00 39.19  ? 132  SER A O   1 
ATOM   957  C CB  . SER A 1 132 ? -2.467  18.367  -4.416  1.00 56.55  ? 132  SER A CB  1 
ATOM   958  O OG  . SER A 1 132 ? -1.839  17.406  -5.253  1.00 39.01  ? 132  SER A OG  1 
ATOM   959  N N   . ARG A 1 133 ? -5.294  18.105  -5.453  1.00 58.22  ? 133  ARG A N   1 
ATOM   960  C CA  . ARG A 1 133 ? -6.248  17.687  -6.470  1.00 57.70  ? 133  ARG A CA  1 
ATOM   961  C C   . ARG A 1 133 ? -5.480  16.993  -7.586  1.00 53.35  ? 133  ARG A C   1 
ATOM   962  O O   . ARG A 1 133 ? -6.020  16.163  -8.312  1.00 49.63  ? 133  ARG A O   1 
ATOM   963  C CB  . ARG A 1 133 ? -6.988  18.907  -7.017  1.00 62.90  ? 133  ARG A CB  1 
ATOM   964  C CG  . ARG A 1 133 ? -7.740  19.681  -5.948  1.00 85.43  ? 133  ARG A CG  1 
ATOM   965  C CD  . ARG A 1 133 ? -8.408  20.931  -6.498  1.00 93.93  ? 133  ARG A CD  1 
ATOM   966  N NE  . ARG A 1 133 ? -9.257  21.567  -5.492  1.00 98.26  ? 133  ARG A NE  1 
ATOM   967  C CZ  . ARG A 1 133 ? -10.361 21.021  -4.989  1.00 98.43  ? 133  ARG A CZ  1 
ATOM   968  N NH1 . ARG A 1 133 ? -10.762 19.823  -5.397  1.00 95.31  ? 133  ARG A NH1 1 
ATOM   969  N NH2 . ARG A 1 133 ? -11.065 21.668  -4.070  1.00 94.79  ? 133  ARG A NH2 1 
ATOM   970  N N   . HIS A 1 134 ? -4.202  17.338  -7.705  1.00 51.20  ? 134  HIS A N   1 
ATOM   971  C CA  . HIS A 1 134 ? -3.342  16.767  -8.727  1.00 44.02  ? 134  HIS A CA  1 
ATOM   972  C C   . HIS A 1 134 ? -2.937  15.342  -8.345  1.00 48.12  ? 134  HIS A C   1 
ATOM   973  O O   . HIS A 1 134 ? -2.937  14.432  -9.181  1.00 40.35  ? 134  HIS A O   1 
ATOM   974  C CB  . HIS A 1 134 ? -2.093  17.633  -8.894  1.00 40.37  ? 134  HIS A CB  1 
ATOM   975  C CG  . HIS A 1 134 ? -1.287  17.294  -10.106 1.00 59.68  ? 134  HIS A CG  1 
ATOM   976  N ND1 . HIS A 1 134 ? -1.705  17.594  -11.385 1.00 58.94  ? 134  HIS A ND1 1 
ATOM   977  C CD2 . HIS A 1 134 ? -0.092  16.670  -10.237 1.00 53.33  ? 134  HIS A CD2 1 
ATOM   978  C CE1 . HIS A 1 134 ? -0.802  17.170  -12.251 1.00 66.51  ? 134  HIS A CE1 1 
ATOM   979  N NE2 . HIS A 1 134 ? 0.186   16.606  -11.580 1.00 65.43  ? 134  HIS A NE2 1 
ATOM   980  N N   . GLU A 1 135 ? -2.583  15.160  -7.078  1.00 38.52  ? 135  GLU A N   1 
ATOM   981  C CA  . GLU A 1 135 ? -2.183  13.854  -6.575  1.00 33.16  ? 135  GLU A CA  1 
ATOM   982  C C   . GLU A 1 135 ? -3.312  12.842  -6.694  1.00 38.02  ? 135  GLU A C   1 
ATOM   983  O O   . GLU A 1 135 ? -3.076  11.640  -6.783  1.00 48.37  ? 135  GLU A O   1 
ATOM   984  C CB  . GLU A 1 135 ? -1.749  13.973  -5.120  1.00 33.99  ? 135  GLU A CB  1 
ATOM   985  C CG  . GLU A 1 135 ? -0.345  14.487  -4.956  1.00 18.02  ? 135  GLU A CG  1 
ATOM   986  C CD  . GLU A 1 135 ? -0.044  14.905  -3.541  1.00 45.79  ? 135  GLU A CD  1 
ATOM   987  O OE1 . GLU A 1 135 ? 1.154   14.917  -3.189  1.00 48.79  ? 135  GLU A OE1 1 
ATOM   988  O OE2 . GLU A 1 135 ? -0.993  15.233  -2.788  1.00 33.08  ? 135  GLU A OE2 1 
ATOM   989  N N   . MET A 1 136 ? -4.539  13.347  -6.689  1.00 37.08  ? 136  MET A N   1 
ATOM   990  C CA  . MET A 1 136 ? -5.734  12.522  -6.796  1.00 45.90  ? 136  MET A CA  1 
ATOM   991  C C   . MET A 1 136 ? -5.976  12.252  -8.272  1.00 49.42  ? 136  MET A C   1 
ATOM   992  O O   . MET A 1 136 ? -6.348  11.147  -8.677  1.00 50.23  ? 136  MET A O   1 
ATOM   993  C CB  . MET A 1 136 ? -6.920  13.277  -6.205  1.00 47.01  ? 136  MET A CB  1 
ATOM   994  C CG  . MET A 1 136 ? -8.171  12.461  -6.031  1.00 62.05  ? 136  MET A CG  1 
ATOM   995  S SD  . MET A 1 136 ? -7.959  11.214  -4.769  1.00 61.88  ? 136  MET A SD  1 
ATOM   996  C CE  . MET A 1 136 ? -8.728  9.859   -5.558  1.00 63.37  ? 136  MET A CE  1 
ATOM   997  N N   . LEU A 1 137 ? -5.754  13.290  -9.067  1.00 48.71  ? 137  LEU A N   1 
ATOM   998  C CA  . LEU A 1 137 ? -5.919  13.231  -10.506 1.00 40.93  ? 137  LEU A CA  1 
ATOM   999  C C   . LEU A 1 137 ? -4.972  12.190  -11.103 1.00 45.92  ? 137  LEU A C   1 
ATOM   1000 O O   . LEU A 1 137 ? -5.315  11.496  -12.062 1.00 43.31  ? 137  LEU A O   1 
ATOM   1001 C CB  . LEU A 1 137 ? -5.616  14.604  -11.108 1.00 47.43  ? 137  LEU A CB  1 
ATOM   1002 C CG  . LEU A 1 137 ? -5.673  14.723  -12.633 1.00 54.83  ? 137  LEU A CG  1 
ATOM   1003 C CD1 . LEU A 1 137 ? -7.102  14.543  -13.090 1.00 45.07  ? 137  LEU A CD1 1 
ATOM   1004 C CD2 . LEU A 1 137 ? -5.149  16.079  -13.074 1.00 66.25  ? 137  LEU A CD2 1 
ATOM   1005 N N   . GLN A 1 138 ? -3.776  12.080  -10.536 1.00 32.52  ? 138  GLN A N   1 
ATOM   1006 C CA  . GLN A 1 138 ? -2.807  11.125  -11.050 1.00 46.22  ? 138  GLN A CA  1 
ATOM   1007 C C   . GLN A 1 138 ? -3.255  9.710   -10.713 1.00 52.08  ? 138  GLN A C   1 
ATOM   1008 O O   . GLN A 1 138 ? -3.151  8.800   -11.535 1.00 54.93  ? 138  GLN A O   1 
ATOM   1009 C CB  . GLN A 1 138 ? -1.425  11.413  -10.465 1.00 42.57  ? 138  GLN A CB  1 
ATOM   1010 C CG  . GLN A 1 138 ? -1.006  12.867  -10.623 1.00 54.51  ? 138  GLN A CG  1 
ATOM   1011 C CD  . GLN A 1 138 ? -1.138  13.369  -12.057 1.00 69.01  ? 138  GLN A CD  1 
ATOM   1012 O OE1 . GLN A 1 138 ? -1.656  14.463  -12.300 1.00 58.90  ? 138  GLN A OE1 1 
ATOM   1013 N NE2 . GLN A 1 138 ? -0.663  12.571  -13.012 1.00 62.44  ? 138  GLN A NE2 1 
ATOM   1014 N N   . VAL A 1 139 ? -3.762  9.526   -9.502  1.00 52.44  ? 139  VAL A N   1 
ATOM   1015 C CA  . VAL A 1 139 ? -4.236  8.211   -9.108  1.00 55.34  ? 139  VAL A CA  1 
ATOM   1016 C C   . VAL A 1 139 ? -5.415  7.831   -9.998  1.00 49.25  ? 139  VAL A C   1 
ATOM   1017 O O   . VAL A 1 139 ? -5.523  6.691   -10.447 1.00 44.54  ? 139  VAL A O   1 
ATOM   1018 C CB  . VAL A 1 139 ? -4.669  8.193   -7.627  1.00 56.61  ? 139  VAL A CB  1 
ATOM   1019 C CG1 . VAL A 1 139 ? -5.418  6.910   -7.312  1.00 43.19  ? 139  VAL A CG1 1 
ATOM   1020 C CG2 . VAL A 1 139 ? -3.440  8.300   -6.741  1.00 49.87  ? 139  VAL A CG2 1 
ATOM   1021 N N   . LEU A 1 140 ? -6.286  8.796   -10.269 1.00 43.23  ? 140  LEU A N   1 
ATOM   1022 C CA  . LEU A 1 140 ? -7.452  8.539   -11.100 1.00 39.81  ? 140  LEU A CA  1 
ATOM   1023 C C   . LEU A 1 140 ? -7.134  8.110   -12.518 1.00 42.54  ? 140  LEU A C   1 
ATOM   1024 O O   . LEU A 1 140 ? -7.708  7.142   -13.014 1.00 50.09  ? 140  LEU A O   1 
ATOM   1025 C CB  . LEU A 1 140 ? -8.359  9.759   -11.124 1.00 43.97  ? 140  LEU A CB  1 
ATOM   1026 C CG  . LEU A 1 140 ? -9.095  9.925   -9.800  1.00 46.69  ? 140  LEU A CG  1 
ATOM   1027 C CD1 . LEU A 1 140 ? -9.886  11.228  -9.798  1.00 60.21  ? 140  LEU A CD1 1 
ATOM   1028 C CD2 . LEU A 1 140 ? -10.001 8.728   -9.588  1.00 44.07  ? 140  LEU A CD2 1 
ATOM   1029 N N   . ARG A 1 141 ? -6.218  8.813   -13.177 1.00 44.57  ? 141  ARG A N   1 
ATOM   1030 C CA  . ARG A 1 141 ? -5.872  8.444   -14.545 1.00 47.15  ? 141  ARG A CA  1 
ATOM   1031 C C   . ARG A 1 141 ? -5.288  7.043   -14.592 1.00 47.05  ? 141  ARG A C   1 
ATOM   1032 O O   . ARG A 1 141 ? -5.205  6.431   -15.656 1.00 59.82  ? 141  ARG A O   1 
ATOM   1033 C CB  . ARG A 1 141 ? -4.881  9.431   -15.158 1.00 42.37  ? 141  ARG A CB  1 
ATOM   1034 C CG  . ARG A 1 141 ? -3.525  9.474   -14.485 1.00 67.71  ? 141  ARG A CG  1 
ATOM   1035 C CD  . ARG A 1 141 ? -2.436  9.657   -15.526 1.00 68.98  ? 141  ARG A CD  1 
ATOM   1036 N NE  . ARG A 1 141 ? -2.789  10.689  -16.500 1.00 68.38  ? 141  ARG A NE  1 
ATOM   1037 C CZ  . ARG A 1 141 ? -2.870  11.986  -16.223 1.00 60.75  ? 141  ARG A CZ  1 
ATOM   1038 N NH1 . ARG A 1 141 ? -2.620  12.422  -14.996 1.00 71.49  ? 141  ARG A NH1 1 
ATOM   1039 N NH2 . ARG A 1 141 ? -3.205  12.847  -17.176 1.00 60.13  ? 141  ARG A NH2 1 
ATOM   1040 N N   . LEU A 1 142 ? -4.882  6.529   -13.440 1.00 45.28  ? 142  LEU A N   1 
ATOM   1041 C CA  . LEU A 1 142 ? -4.329  5.188   -13.400 1.00 58.75  ? 142  LEU A CA  1 
ATOM   1042 C C   . LEU A 1 142 ? -5.428  4.133   -13.363 1.00 66.21  ? 142  LEU A C   1 
ATOM   1043 O O   . LEU A 1 142 ? -5.268  3.044   -13.910 1.00 66.73  ? 142  LEU A O   1 
ATOM   1044 C CB  . LEU A 1 142 ? -3.416  5.018   -12.187 1.00 43.81  ? 142  LEU A CB  1 
ATOM   1045 C CG  . LEU A 1 142 ? -2.188  5.921   -12.182 1.00 42.81  ? 142  LEU A CG  1 
ATOM   1046 C CD1 . LEU A 1 142 ? -1.248  5.497   -11.066 1.00 44.00  ? 142  LEU A CD1 1 
ATOM   1047 C CD2 . LEU A 1 142 ? -1.484  5.828   -13.527 1.00 44.62  ? 142  LEU A CD2 1 
ATOM   1048 N N   . MET A 1 143 ? -6.549  4.462   -12.730 1.00 64.21  ? 143  MET A N   1 
ATOM   1049 C CA  . MET A 1 143 ? -7.645  3.510   -12.620 1.00 73.92  ? 143  MET A CA  1 
ATOM   1050 C C   . MET A 1 143 ? -8.961  3.951   -13.256 1.00 80.54  ? 143  MET A C   1 
ATOM   1051 O O   . MET A 1 143 ? -9.955  4.155   -12.561 1.00 85.86  ? 143  MET A O   1 
ATOM   1052 C CB  . MET A 1 143 ? -7.868  3.168   -11.145 1.00 76.96  ? 143  MET A CB  1 
ATOM   1053 C CG  . MET A 1 143 ? -7.726  4.356   -10.206 1.00 81.85  ? 143  MET A CG  1 
ATOM   1054 S SD  . MET A 1 143 ? -7.994  3.926   -8.469  1.00 86.09  ? 143  MET A SD  1 
ATOM   1055 C CE  . MET A 1 143 ? -6.577  2.873   -8.150  1.00 68.44  ? 143  MET A CE  1 
ATOM   1056 N N   . VAL A 1 144 ? -8.965  4.083   -14.581 1.00 87.37  ? 144  VAL A N   1 
ATOM   1057 C CA  . VAL A 1 144 ? -10.164 4.484   -15.315 1.00 85.42  ? 144  VAL A CA  1 
ATOM   1058 C C   . VAL A 1 144 ? -10.244 3.791   -16.675 1.00 93.58  ? 144  VAL A C   1 
ATOM   1059 O O   . VAL A 1 144 ? -9.869  4.364   -17.698 1.00 95.78  ? 144  VAL A O   1 
ATOM   1060 C CB  . VAL A 1 144 ? -10.197 6.007   -15.530 1.00 77.96  ? 144  VAL A CB  1 
ATOM   1061 C CG1 . VAL A 1 144 ? -10.437 6.706   -14.207 1.00 68.93  ? 144  VAL A CG1 1 
ATOM   1062 C CG2 . VAL A 1 144 ? -8.883  6.474   -16.140 1.00 85.95  ? 144  VAL A CG2 1 
ATOM   1063 N N   . GLY A 1 145 ? -10.744 2.556   -16.672 1.00 102.69 ? 145  GLY A N   1 
ATOM   1064 C CA  . GLY A 1 145 ? -10.863 1.781   -17.897 1.00 109.39 ? 145  GLY A CA  1 
ATOM   1065 C C   . GLY A 1 145 ? -11.314 2.566   -19.115 1.00 114.12 ? 145  GLY A C   1 
ATOM   1066 O O   . GLY A 1 145 ? -10.507 2.897   -19.988 1.00 110.91 ? 145  GLY A O   1 
ATOM   1067 N N   . VAL A 1 146 ? -12.609 2.859   -19.180 1.00 120.99 ? 146  VAL A N   1 
ATOM   1068 C CA  . VAL A 1 146 ? -13.166 3.609   -20.299 1.00 124.51 ? 146  VAL A CA  1 
ATOM   1069 C C   . VAL A 1 146 ? -12.410 4.917   -20.497 1.00 122.47 ? 146  VAL A C   1 
ATOM   1070 O O   . VAL A 1 146 ? -12.161 5.647   -19.536 1.00 118.79 ? 146  VAL A O   1 
ATOM   1071 C CB  . VAL A 1 146 ? -14.662 3.931   -20.068 1.00 125.24 ? 146  VAL A CB  1 
ATOM   1072 C CG1 . VAL A 1 146 ? -15.471 2.647   -20.054 1.00 125.95 ? 146  VAL A CG1 1 
ATOM   1073 C CG2 . VAL A 1 146 ? -14.839 4.678   -18.752 1.00 126.79 ? 146  VAL A CG2 1 
ATOM   1074 N N   . GLN A 1 147 ? -12.033 5.209   -21.739 1.00 117.15 ? 147  GLN A N   1 
ATOM   1075 C CA  . GLN A 1 147 ? -11.318 6.444   -22.012 1.00 113.05 ? 147  GLN A CA  1 
ATOM   1076 C C   . GLN A 1 147 ? -12.149 7.595   -21.468 1.00 108.20 ? 147  GLN A C   1 
ATOM   1077 O O   . GLN A 1 147 ? -13.265 7.839   -21.926 1.00 103.74 ? 147  GLN A O   1 
ATOM   1078 C CB  . GLN A 1 147 ? -11.101 6.640   -23.513 1.00 118.89 ? 147  GLN A CB  1 
ATOM   1079 C CG  . GLN A 1 147 ? -10.367 7.936   -23.845 1.00 125.09 ? 147  GLN A CG  1 
ATOM   1080 C CD  . GLN A 1 147 ? -10.268 8.202   -25.336 1.00 130.80 ? 147  GLN A CD  1 
ATOM   1081 O OE1 . GLN A 1 147 ? -9.703  7.403   -26.085 1.00 131.92 ? 147  GLN A OE1 1 
ATOM   1082 N NE2 . GLN A 1 147 ? -10.814 9.333   -25.773 1.00 128.38 ? 147  GLN A NE2 1 
ATOM   1083 N N   . VAL A 1 148 ? -11.603 8.289   -20.478 1.00 104.70 ? 148  VAL A N   1 
ATOM   1084 C CA  . VAL A 1 148 ? -12.291 9.413   -19.865 1.00 103.01 ? 148  VAL A CA  1 
ATOM   1085 C C   . VAL A 1 148 ? -11.561 10.714  -20.189 1.00 110.72 ? 148  VAL A C   1 
ATOM   1086 O O   . VAL A 1 148 ? -10.332 10.775  -20.137 1.00 108.11 ? 148  VAL A O   1 
ATOM   1087 C CB  . VAL A 1 148 ? -12.371 9.233   -18.334 1.00 97.67  ? 148  VAL A CB  1 
ATOM   1088 C CG1 . VAL A 1 148 ? -13.081 10.416  -17.705 1.00 94.68  ? 148  VAL A CG1 1 
ATOM   1089 C CG2 . VAL A 1 148 ? -13.106 7.943   -18.003 1.00 90.16  ? 148  VAL A CG2 1 
ATOM   1090 N N   . THR A 1 149 ? -12.322 11.749  -20.534 1.00 119.19 ? 149  THR A N   1 
ATOM   1091 C CA  . THR A 1 149 ? -11.743 13.047  -20.871 1.00 124.12 ? 149  THR A CA  1 
ATOM   1092 C C   . THR A 1 149 ? -10.943 13.568  -19.688 1.00 121.05 ? 149  THR A C   1 
ATOM   1093 O O   . THR A 1 149 ? -11.349 13.397  -18.537 1.00 124.43 ? 149  THR A O   1 
ATOM   1094 C CB  . THR A 1 149 ? -12.835 14.091  -21.203 1.00 129.16 ? 149  THR A CB  1 
ATOM   1095 O OG1 . THR A 1 149 ? -13.550 14.433  -20.009 1.00 130.49 ? 149  THR A OG1 1 
ATOM   1096 C CG2 . THR A 1 149 ? -13.811 13.540  -22.232 1.00 130.31 ? 149  THR A CG2 1 
ATOM   1097 N N   . GLU A 1 150 ? -9.811  14.208  -19.962 1.00 113.42 ? 150  GLU A N   1 
ATOM   1098 C CA  . GLU A 1 150 ? -8.998  14.743  -18.883 1.00 109.81 ? 150  GLU A CA  1 
ATOM   1099 C C   . GLU A 1 150 ? -9.824  15.724  -18.063 1.00 109.22 ? 150  GLU A C   1 
ATOM   1100 O O   . GLU A 1 150 ? -9.438  16.101  -16.959 1.00 113.74 ? 150  GLU A O   1 
ATOM   1101 C CB  . GLU A 1 150 ? -7.755  15.446  -19.426 1.00 112.79 ? 150  GLU A CB  1 
ATOM   1102 C CG  . GLU A 1 150 ? -6.866  16.013  -18.325 1.00 118.98 ? 150  GLU A CG  1 
ATOM   1103 C CD  . GLU A 1 150 ? -5.557  16.565  -18.846 1.00 121.92 ? 150  GLU A CD  1 
ATOM   1104 O OE1 . GLU A 1 150 ? -4.773  15.786  -19.428 1.00 123.19 ? 150  GLU A OE1 1 
ATOM   1105 O OE2 . GLU A 1 150 ? -5.311  17.778  -18.671 1.00 122.66 ? 150  GLU A OE2 1 
ATOM   1106 N N   . GLU A 1 151 ? -10.964 16.136  -18.610 1.00 105.89 ? 151  GLU A N   1 
ATOM   1107 C CA  . GLU A 1 151 ? -11.842 17.062  -17.909 1.00 104.47 ? 151  GLU A CA  1 
ATOM   1108 C C   . GLU A 1 151 ? -12.717 16.321  -16.911 1.00 102.09 ? 151  GLU A C   1 
ATOM   1109 O O   . GLU A 1 151 ? -12.798 16.713  -15.748 1.00 106.39 ? 151  GLU A O   1 
ATOM   1110 C CB  . GLU A 1 151 ? -12.713 17.840  -18.899 1.00 109.35 ? 151  GLU A CB  1 
ATOM   1111 C CG  . GLU A 1 151 ? -11.960 18.932  -19.649 1.00 117.45 ? 151  GLU A CG  1 
ATOM   1112 C CD  . GLU A 1 151 ? -11.323 19.955  -18.716 1.00 118.20 ? 151  GLU A CD  1 
ATOM   1113 O OE1 . GLU A 1 151 ? -12.058 20.590  -17.930 1.00 115.00 ? 151  GLU A OE1 1 
ATOM   1114 O OE2 . GLU A 1 151 ? -10.084 20.126  -18.769 1.00 118.11 ? 151  GLU A OE2 1 
ATOM   1115 N N   . GLN A 1 152 ? -13.373 15.252  -17.356 1.00 97.54  ? 152  GLN A N   1 
ATOM   1116 C CA  . GLN A 1 152 ? -14.217 14.470  -16.456 1.00 95.74  ? 152  GLN A CA  1 
ATOM   1117 C C   . GLN A 1 152 ? -13.394 14.164  -15.210 1.00 90.93  ? 152  GLN A C   1 
ATOM   1118 O O   . GLN A 1 152 ? -13.893 14.219  -14.085 1.00 85.58  ? 152  GLN A O   1 
ATOM   1119 C CB  . GLN A 1 152 ? -14.636 13.155  -17.110 1.00 96.05  ? 152  GLN A CB  1 
ATOM   1120 C CG  . GLN A 1 152 ? -15.513 13.298  -18.334 1.00 102.62 ? 152  GLN A CG  1 
ATOM   1121 C CD  . GLN A 1 152 ? -15.805 11.960  -18.988 1.00 109.45 ? 152  GLN A CD  1 
ATOM   1122 O OE1 . GLN A 1 152 ? -16.425 11.083  -18.387 1.00 112.78 ? 152  GLN A OE1 1 
ATOM   1123 N NE2 . GLN A 1 152 ? -15.350 11.795  -20.225 1.00 105.81 ? 152  GLN A NE2 1 
ATOM   1124 N N   . LEU A 1 153 ? -12.123 13.843  -15.432 1.00 87.98  ? 153  LEU A N   1 
ATOM   1125 C CA  . LEU A 1 153 ? -11.202 13.535  -14.347 1.00 82.86  ? 153  LEU A CA  1 
ATOM   1126 C C   . LEU A 1 153 ? -11.069 14.718  -13.405 1.00 82.14  ? 153  LEU A C   1 
ATOM   1127 O O   . LEU A 1 153 ? -11.380 14.603  -12.219 1.00 83.98  ? 153  LEU A O   1 
ATOM   1128 C CB  . LEU A 1 153 ? -9.828  13.170  -14.909 1.00 78.52  ? 153  LEU A CB  1 
ATOM   1129 C CG  . LEU A 1 153 ? -9.769  11.863  -15.698 1.00 83.18  ? 153  LEU A CG  1 
ATOM   1130 C CD1 . LEU A 1 153 ? -8.357  11.633  -16.213 1.00 86.42  ? 153  LEU A CD1 1 
ATOM   1131 C CD2 . LEU A 1 153 ? -10.206 10.717  -14.799 1.00 84.44  ? 153  LEU A CD2 1 
ATOM   1132 N N   . GLU A 1 154 ? -10.601 15.849  -13.929 1.00 77.00  ? 154  GLU A N   1 
ATOM   1133 C CA  . GLU A 1 154 ? -10.447 17.048  -13.114 1.00 78.21  ? 154  GLU A CA  1 
ATOM   1134 C C   . GLU A 1 154 ? -11.710 17.220  -12.284 1.00 73.07  ? 154  GLU A C   1 
ATOM   1135 O O   . GLU A 1 154 ? -11.644 17.538  -11.097 1.00 72.45  ? 154  GLU A O   1 
ATOM   1136 C CB  . GLU A 1 154 ? -10.245 18.294  -13.988 1.00 84.76  ? 154  GLU A CB  1 
ATOM   1137 C CG  . GLU A 1 154 ? -8.932  18.347  -14.760 1.00 95.61  ? 154  GLU A CG  1 
ATOM   1138 C CD  . GLU A 1 154 ? -8.720  19.682  -15.466 1.00 105.16 ? 154  GLU A CD  1 
ATOM   1139 O OE1 . GLU A 1 154 ? -7.708  19.825  -16.187 1.00 112.99 ? 154  GLU A OE1 1 
ATOM   1140 O OE2 . GLU A 1 154 ? -9.563  20.592  -15.299 1.00 102.91 ? 154  GLU A OE2 1 
ATOM   1141 N N   . ASN A 1 155 ? -12.858 16.996  -12.919 1.00 72.62  ? 155  ASN A N   1 
ATOM   1142 C CA  . ASN A 1 155 ? -14.152 17.118  -12.254 1.00 76.15  ? 155  ASN A CA  1 
ATOM   1143 C C   . ASN A 1 155 ? -14.252 16.110  -11.123 1.00 67.45  ? 155  ASN A C   1 
ATOM   1144 O O   . ASN A 1 155 ? -14.601 16.460  -9.998  1.00 60.68  ? 155  ASN A O   1 
ATOM   1145 C CB  . ASN A 1 155 ? -15.295 16.884  -13.247 1.00 85.04  ? 155  ASN A CB  1 
ATOM   1146 C CG  . ASN A 1 155 ? -15.278 17.867  -14.402 1.00 95.52  ? 155  ASN A CG  1 
ATOM   1147 O OD1 . ASN A 1 155 ? -15.239 19.080  -14.195 1.00 104.57 ? 155  ASN A OD1 1 
ATOM   1148 N ND2 . ASN A 1 155 ? -15.313 17.349  -15.626 1.00 100.75 ? 155  ASN A ND2 1 
ATOM   1149 N N   . ILE A 1 156 ? -13.947 14.854  -11.431 1.00 65.17  ? 156  ILE A N   1 
ATOM   1150 C CA  . ILE A 1 156 ? -13.991 13.797  -10.432 1.00 62.57  ? 156  ILE A CA  1 
ATOM   1151 C C   . ILE A 1 156 ? -12.979 14.080  -9.330  1.00 61.35  ? 156  ILE A C   1 
ATOM   1152 O O   . ILE A 1 156 ? -13.338 14.144  -8.154  1.00 59.80  ? 156  ILE A O   1 
ATOM   1153 C CB  . ILE A 1 156 ? -13.695 12.426  -11.066 1.00 60.74  ? 156  ILE A CB  1 
ATOM   1154 C CG1 . ILE A 1 156 ? -14.868 12.019  -11.963 1.00 68.72  ? 156  ILE A CG1 1 
ATOM   1155 C CG2 . ILE A 1 156 ? -13.454 11.387  -9.984  1.00 47.95  ? 156  ILE A CG2 1 
ATOM   1156 C CD1 . ILE A 1 156 ? -14.715 10.657  -12.604 1.00 72.86  ? 156  ILE A CD1 1 
ATOM   1157 N N   . ALA A 1 157 ? -11.716 14.252  -9.712  1.00 59.73  ? 157  ALA A N   1 
ATOM   1158 C CA  . ALA A 1 157 ? -10.660 14.542  -8.748  1.00 64.02  ? 157  ALA A CA  1 
ATOM   1159 C C   . ALA A 1 157 ? -11.099 15.708  -7.879  1.00 58.18  ? 157  ALA A C   1 
ATOM   1160 O O   . ALA A 1 157 ? -10.863 15.727  -6.672  1.00 57.73  ? 157  ALA A O   1 
ATOM   1161 C CB  . ALA A 1 157 ? -9.370  14.889  -9.474  1.00 61.00  ? 157  ALA A CB  1 
ATOM   1162 N N   . ASP A 1 158 ? -11.747 16.679  -8.512  1.00 61.14  ? 158  ASP A N   1 
ATOM   1163 C CA  . ASP A 1 158 ? -12.247 17.862  -7.829  1.00 67.02  ? 158  ASP A CA  1 
ATOM   1164 C C   . ASP A 1 158 ? -13.325 17.462  -6.825  1.00 63.23  ? 158  ASP A C   1 
ATOM   1165 O O   . ASP A 1 158 ? -13.154 17.617  -5.613  1.00 58.51  ? 158  ASP A O   1 
ATOM   1166 C CB  . ASP A 1 158 ? -12.827 18.840  -8.856  1.00 84.29  ? 158  ASP A CB  1 
ATOM   1167 C CG  . ASP A 1 158 ? -13.334 20.124  -8.227  1.00 107.44 ? 158  ASP A CG  1 
ATOM   1168 O OD1 . ASP A 1 158 ? -14.299 20.063  -7.435  1.00 121.59 ? 158  ASP A OD1 1 
ATOM   1169 O OD2 . ASP A 1 158 ? -12.767 21.196  -8.527  1.00 120.44 ? 158  ASP A OD2 1 
ATOM   1170 N N   . ARG A 1 159 ? -14.436 16.949  -7.346  1.00 59.99  ? 159  ARG A N   1 
ATOM   1171 C CA  . ARG A 1 159 ? -15.562 16.509  -6.532  1.00 60.44  ? 159  ARG A CA  1 
ATOM   1172 C C   . ARG A 1 159 ? -15.030 15.634  -5.406  1.00 61.61  ? 159  ARG A C   1 
ATOM   1173 O O   . ARG A 1 159 ? -15.337 15.841  -4.228  1.00 59.84  ? 159  ARG A O   1 
ATOM   1174 C CB  . ARG A 1 159 ? -16.524 15.699  -7.396  1.00 63.30  ? 159  ARG A CB  1 
ATOM   1175 C CG  . ARG A 1 159 ? -17.895 15.454  -6.797  1.00 74.49  ? 159  ARG A CG  1 
ATOM   1176 C CD  . ARG A 1 159 ? -18.565 14.289  -7.516  1.00 91.33  ? 159  ARG A CD  1 
ATOM   1177 N NE  . ARG A 1 159 ? -18.325 14.330  -8.959  1.00 102.59 ? 159  ARG A NE  1 
ATOM   1178 C CZ  . ARG A 1 159 ? -18.626 13.343  -9.801  1.00 107.25 ? 159  ARG A CZ  1 
ATOM   1179 N NH1 . ARG A 1 159 ? -19.184 12.225  -9.350  1.00 100.38 ? 159  ARG A NH1 1 
ATOM   1180 N NH2 . ARG A 1 159 ? -18.360 13.468  -11.096 1.00 106.38 ? 159  ARG A NH2 1 
ATOM   1181 N N   . THR A 1 160 ? -14.219 14.656  -5.794  1.00 56.83  ? 160  THR A N   1 
ATOM   1182 C CA  . THR A 1 160 ? -13.618 13.726  -4.857  1.00 56.94  ? 160  THR A CA  1 
ATOM   1183 C C   . THR A 1 160 ? -12.929 14.445  -3.706  1.00 52.10  ? 160  THR A C   1 
ATOM   1184 O O   . THR A 1 160 ? -13.271 14.236  -2.542  1.00 60.03  ? 160  THR A O   1 
ATOM   1185 C CB  . THR A 1 160 ? -12.598 12.815  -5.567  1.00 59.75  ? 160  THR A CB  1 
ATOM   1186 O OG1 . THR A 1 160 ? -13.246 12.128  -6.643  1.00 71.11  ? 160  THR A OG1 1 
ATOM   1187 C CG2 . THR A 1 160 ? -12.035 11.786  -4.600  1.00 63.71  ? 160  THR A CG2 1 
ATOM   1188 N N   . VAL A 1 161 ? -11.955 15.292  -4.021  1.00 50.82  ? 161  VAL A N   1 
ATOM   1189 C CA  . VAL A 1 161 ? -11.254 16.007  -2.965  1.00 61.20  ? 161  VAL A CA  1 
ATOM   1190 C C   . VAL A 1 161 ? -12.255 16.903  -2.251  1.00 73.80  ? 161  VAL A C   1 
ATOM   1191 O O   . VAL A 1 161 ? -12.228 17.042  -1.030  1.00 70.73  ? 161  VAL A O   1 
ATOM   1192 C CB  . VAL A 1 161 ? -10.107 16.877  -3.520  1.00 52.70  ? 161  VAL A CB  1 
ATOM   1193 C CG1 . VAL A 1 161 ? -9.404  17.594  -2.375  1.00 53.17  ? 161  VAL A CG1 1 
ATOM   1194 C CG2 . VAL A 1 161 ? -9.114  16.010  -4.280  1.00 61.53  ? 161  VAL A CG2 1 
ATOM   1195 N N   . GLN A 1 162 ? -13.149 17.494  -3.034  1.00 77.98  ? 162  GLN A N   1 
ATOM   1196 C CA  . GLN A 1 162 ? -14.167 18.384  -2.508  1.00 78.76  ? 162  GLN A CA  1 
ATOM   1197 C C   . GLN A 1 162 ? -14.945 17.700  -1.395  1.00 75.30  ? 162  GLN A C   1 
ATOM   1198 O O   . GLN A 1 162 ? -15.013 18.202  -0.272  1.00 70.78  ? 162  GLN A O   1 
ATOM   1199 C CB  . GLN A 1 162 ? -15.116 18.789  -3.633  1.00 93.68  ? 162  GLN A CB  1 
ATOM   1200 C CG  . GLN A 1 162 ? -16.040 19.940  -3.295  1.00 105.33 ? 162  GLN A CG  1 
ATOM   1201 C CD  . GLN A 1 162 ? -17.001 20.253  -4.424  1.00 112.40 ? 162  GLN A CD  1 
ATOM   1202 O OE1 . GLN A 1 162 ? -17.718 21.253  -4.385  1.00 120.72 ? 162  GLN A OE1 1 
ATOM   1203 N NE2 . GLN A 1 162 ? -17.025 19.393  -5.438  1.00 109.93 ? 162  GLN A NE2 1 
ATOM   1204 N N   . GLU A 1 163 ? -15.526 16.548  -1.712  1.00 67.02  ? 163  GLU A N   1 
ATOM   1205 C CA  . GLU A 1 163 ? -16.309 15.796  -0.742  1.00 65.88  ? 163  GLU A CA  1 
ATOM   1206 C C   . GLU A 1 163 ? -15.520 15.411  0.503   1.00 67.01  ? 163  GLU A C   1 
ATOM   1207 O O   . GLU A 1 163 ? -15.996 15.585  1.622   1.00 71.00  ? 163  GLU A O   1 
ATOM   1208 C CB  . GLU A 1 163 ? -16.889 14.539  -1.392  1.00 65.14  ? 163  GLU A CB  1 
ATOM   1209 C CG  . GLU A 1 163 ? -18.076 14.813  -2.296  1.00 84.32  ? 163  GLU A CG  1 
ATOM   1210 C CD  . GLU A 1 163 ? -18.741 13.543  -2.795  1.00 100.74 ? 163  GLU A CD  1 
ATOM   1211 O OE1 . GLU A 1 163 ? -19.012 12.647  -1.969  1.00 107.19 ? 163  GLU A OE1 1 
ATOM   1212 O OE2 . GLU A 1 163 ? -19.002 13.445  -4.014  1.00 112.53 ? 163  GLU A OE2 1 
ATOM   1213 N N   . ALA A 1 164 ? -14.311 14.896  0.305   1.00 67.94  ? 164  ALA A N   1 
ATOM   1214 C CA  . ALA A 1 164 ? -13.459 14.473  1.414   1.00 63.19  ? 164  ALA A CA  1 
ATOM   1215 C C   . ALA A 1 164 ? -12.816 15.644  2.158   1.00 69.16  ? 164  ALA A C   1 
ATOM   1216 O O   . ALA A 1 164 ? -12.465 15.529  3.337   1.00 63.97  ? 164  ALA A O   1 
ATOM   1217 C CB  . ALA A 1 164 ? -12.378 13.536  0.898   1.00 50.85  ? 164  ALA A CB  1 
ATOM   1218 N N   . ASP A 1 165 ? -12.658 16.768  1.467   1.00 72.75  ? 165  ASP A N   1 
ATOM   1219 C CA  . ASP A 1 165 ? -12.046 17.947  2.060   1.00 75.73  ? 165  ASP A CA  1 
ATOM   1220 C C   . ASP A 1 165 ? -12.987 18.616  3.055   1.00 88.77  ? 165  ASP A C   1 
ATOM   1221 O O   . ASP A 1 165 ? -14.012 19.184  2.673   1.00 93.05  ? 165  ASP A O   1 
ATOM   1222 C CB  . ASP A 1 165 ? -11.653 18.929  0.959   1.00 71.67  ? 165  ASP A CB  1 
ATOM   1223 C CG  . ASP A 1 165 ? -10.922 20.136  1.488   1.00 69.99  ? 165  ASP A CG  1 
ATOM   1224 O OD1 . ASP A 1 165 ? -10.172 19.994  2.481   1.00 59.32  ? 165  ASP A OD1 1 
ATOM   1225 O OD2 . ASP A 1 165 ? -11.086 21.221  0.895   1.00 63.95  ? 165  ASP A OD2 1 
ATOM   1226 N N   . GLU A 1 166 ? -12.629 18.544  4.334   1.00 91.71  ? 166  GLU A N   1 
ATOM   1227 C CA  . GLU A 1 166 ? -13.443 19.126  5.394   1.00 93.04  ? 166  GLU A CA  1 
ATOM   1228 C C   . GLU A 1 166 ? -12.979 20.512  5.826   1.00 93.64  ? 166  GLU A C   1 
ATOM   1229 O O   . GLU A 1 166 ? -13.797 21.416  5.990   1.00 96.45  ? 166  GLU A O   1 
ATOM   1230 C CB  . GLU A 1 166 ? -13.471 18.189  6.608   1.00 91.33  ? 166  GLU A CB  1 
ATOM   1231 C CG  . GLU A 1 166 ? -14.161 18.770  7.833   1.00 109.87 ? 166  GLU A CG  1 
ATOM   1232 C CD  . GLU A 1 166 ? -13.263 19.704  8.627   1.00 123.89 ? 166  GLU A CD  1 
ATOM   1233 O OE1 . GLU A 1 166 ? -13.779 20.419  9.513   1.00 131.66 ? 166  GLU A OE1 1 
ATOM   1234 O OE2 . GLU A 1 166 ? -12.040 19.717  8.372   1.00 133.47 ? 166  GLU A OE2 1 
ATOM   1235 N N   . ASP A 1 167 ? -11.673 20.678  6.016   1.00 91.98  ? 167  ASP A N   1 
ATOM   1236 C CA  . ASP A 1 167 ? -11.133 21.965  6.439   1.00 87.04  ? 167  ASP A CA  1 
ATOM   1237 C C   . ASP A 1 167 ? -10.932 22.884  5.237   1.00 88.01  ? 167  ASP A C   1 
ATOM   1238 O O   . ASP A 1 167 ? -10.202 23.871  5.312   1.00 90.60  ? 167  ASP A O   1 
ATOM   1239 C CB  . ASP A 1 167 ? -9.810  21.767  7.190   1.00 85.15  ? 167  ASP A CB  1 
ATOM   1240 C CG  . ASP A 1 167 ? -8.626  21.610  6.260   1.00 89.10  ? 167  ASP A CG  1 
ATOM   1241 O OD1 . ASP A 1 167 ? -8.767  20.924  5.226   1.00 98.77  ? 167  ASP A OD1 1 
ATOM   1242 O OD2 . ASP A 1 167 ? -7.549  22.164  6.567   1.00 87.34  ? 167  ASP A OD2 1 
ATOM   1243 N N   . GLY A 1 168 ? -11.589 22.539  4.132   1.00 89.47  ? 168  GLY A N   1 
ATOM   1244 C CA  . GLY A 1 168 ? -11.513 23.325  2.911   1.00 84.35  ? 168  GLY A CA  1 
ATOM   1245 C C   . GLY A 1 168 ? -10.154 23.825  2.442   1.00 86.48  ? 168  GLY A C   1 
ATOM   1246 O O   . GLY A 1 168 ? -10.098 24.727  1.606   1.00 85.46  ? 168  GLY A O   1 
ATOM   1247 N N   . ASP A 1 169 ? -9.063  23.256  2.948   1.00 81.36  ? 169  ASP A N   1 
ATOM   1248 C CA  . ASP A 1 169 ? -7.738  23.706  2.532   1.00 78.53  ? 169  ASP A CA  1 
ATOM   1249 C C   . ASP A 1 169 ? -7.440  23.274  1.102   1.00 79.82  ? 169  ASP A C   1 
ATOM   1250 O O   . ASP A 1 169 ? -6.338  23.485  0.600   1.00 86.64  ? 169  ASP A O   1 
ATOM   1251 C CB  . ASP A 1 169 ? -6.648  23.168  3.469   1.00 77.09  ? 169  ASP A CB  1 
ATOM   1252 C CG  . ASP A 1 169 ? -6.424  21.673  3.319   1.00 80.55  ? 169  ASP A CG  1 
ATOM   1253 O OD1 . ASP A 1 169 ? -5.467  21.150  3.930   1.00 75.40  ? 169  ASP A OD1 1 
ATOM   1254 O OD2 . ASP A 1 169 ? -7.205  21.020  2.594   1.00 78.54  ? 169  ASP A OD2 1 
ATOM   1255 N N   . GLY A 1 170 ? -8.428  22.663  0.454   1.00 74.12  ? 170  GLY A N   1 
ATOM   1256 C CA  . GLY A 1 170 ? -8.253  22.219  -0.918  1.00 68.29  ? 170  GLY A CA  1 
ATOM   1257 C C   . GLY A 1 170 ? -7.611  20.849  -1.056  1.00 72.37  ? 170  GLY A C   1 
ATOM   1258 O O   . GLY A 1 170 ? -7.720  20.214  -2.107  1.00 69.17  ? 170  GLY A O   1 
ATOM   1259 N N   . ALA A 1 171 ? -6.940  20.392  -0.001  1.00 69.72  ? 171  ALA A N   1 
ATOM   1260 C CA  . ALA A 1 171 ? -6.279  19.090  -0.012  1.00 70.12  ? 171  ALA A CA  1 
ATOM   1261 C C   . ALA A 1 171 ? -6.905  18.138  1.005   1.00 68.83  ? 171  ALA A C   1 
ATOM   1262 O O   . ALA A 1 171 ? -7.798  18.522  1.763   1.00 73.64  ? 171  ALA A O   1 
ATOM   1263 C CB  . ALA A 1 171 ? -4.793  19.262  0.283   1.00 58.06  ? 171  ALA A CB  1 
ATOM   1264 N N   . VAL A 1 172 ? -6.438  16.894  1.015   1.00 62.89  ? 172  VAL A N   1 
ATOM   1265 C CA  . VAL A 1 172 ? -6.946  15.895  1.951   1.00 48.70  ? 172  VAL A CA  1 
ATOM   1266 C C   . VAL A 1 172 ? -5.857  15.490  2.940   1.00 48.46  ? 172  VAL A C   1 
ATOM   1267 O O   . VAL A 1 172 ? -4.838  14.909  2.559   1.00 49.51  ? 172  VAL A O   1 
ATOM   1268 C CB  . VAL A 1 172 ? -7.436  14.628  1.224   1.00 37.43  ? 172  VAL A CB  1 
ATOM   1269 C CG1 . VAL A 1 172 ? -7.847  13.580  2.242   1.00 47.73  ? 172  VAL A CG1 1 
ATOM   1270 C CG2 . VAL A 1 172 ? -8.612  14.960  0.323   1.00 25.13  ? 172  VAL A CG2 1 
ATOM   1271 N N   . SER A 1 173 ? -6.064  15.807  4.212   1.00 38.23  ? 173  SER A N   1 
ATOM   1272 C CA  . SER A 1 173 ? -5.079  15.448  5.221   1.00 47.46  ? 173  SER A CA  1 
ATOM   1273 C C   . SER A 1 173 ? -5.301  13.982  5.535   1.00 43.14  ? 173  SER A C   1 
ATOM   1274 O O   . SER A 1 173 ? -6.266  13.382  5.058   1.00 31.28  ? 173  SER A O   1 
ATOM   1275 C CB  . SER A 1 173 ? -5.263  16.288  6.487   1.00 51.48  ? 173  SER A CB  1 
ATOM   1276 O OG  . SER A 1 173 ? -6.562  16.121  7.025   1.00 78.26  ? 173  SER A OG  1 
ATOM   1277 N N   . PHE A 1 174 ? -4.413  13.392  6.322   1.00 41.32  ? 174  PHE A N   1 
ATOM   1278 C CA  . PHE A 1 174 ? -4.591  11.993  6.653   1.00 51.67  ? 174  PHE A CA  1 
ATOM   1279 C C   . PHE A 1 174 ? -5.888  11.770  7.428   1.00 52.68  ? 174  PHE A C   1 
ATOM   1280 O O   . PHE A 1 174 ? -6.590  10.785  7.205   1.00 51.69  ? 174  PHE A O   1 
ATOM   1281 C CB  . PHE A 1 174 ? -3.424  11.474  7.476   1.00 39.41  ? 174  PHE A CB  1 
ATOM   1282 C CG  . PHE A 1 174 ? -3.585  10.043  7.888   1.00 50.97  ? 174  PHE A CG  1 
ATOM   1283 C CD1 . PHE A 1 174 ? -3.793  9.056   6.931   1.00 41.54  ? 174  PHE A CD1 1 
ATOM   1284 C CD2 . PHE A 1 174 ? -3.538  9.680   9.226   1.00 43.30  ? 174  PHE A CD2 1 
ATOM   1285 C CE1 . PHE A 1 174 ? -3.949  7.733   7.302   1.00 48.91  ? 174  PHE A CE1 1 
ATOM   1286 C CE2 . PHE A 1 174 ? -3.692  8.359   9.603   1.00 48.79  ? 174  PHE A CE2 1 
ATOM   1287 C CZ  . PHE A 1 174 ? -3.899  7.382   8.641   1.00 40.43  ? 174  PHE A CZ  1 
ATOM   1288 N N   . VAL A 1 175 ? -6.205  12.687  8.336   1.00 58.16  ? 175  VAL A N   1 
ATOM   1289 C CA  . VAL A 1 175 ? -7.416  12.561  9.136   1.00 64.48  ? 175  VAL A CA  1 
ATOM   1290 C C   . VAL A 1 175 ? -8.682  12.641  8.292   1.00 57.45  ? 175  VAL A C   1 
ATOM   1291 O O   . VAL A 1 175 ? -9.594  11.830  8.455   1.00 59.38  ? 175  VAL A O   1 
ATOM   1292 C CB  . VAL A 1 175 ? -7.462  13.629  10.248  1.00 58.05  ? 175  VAL A CB  1 
ATOM   1293 C CG1 . VAL A 1 175 ? -6.401  13.319  11.303  1.00 64.35  ? 175  VAL A CG1 1 
ATOM   1294 C CG2 . VAL A 1 175 ? -7.228  15.003  9.659   1.00 76.06  ? 175  VAL A CG2 1 
ATOM   1295 N N   . GLU A 1 176 ? -8.740  13.609  7.387   1.00 55.63  ? 176  GLU A N   1 
ATOM   1296 C CA  . GLU A 1 176 ? -9.911  13.748  6.530   1.00 57.43  ? 176  GLU A CA  1 
ATOM   1297 C C   . GLU A 1 176 ? -9.940  12.528  5.627   1.00 47.49  ? 176  GLU A C   1 
ATOM   1298 O O   . GLU A 1 176 ? -10.967 12.178  5.053   1.00 56.01  ? 176  GLU A O   1 
ATOM   1299 C CB  . GLU A 1 176 ? -9.815  15.018  5.679   1.00 63.68  ? 176  GLU A CB  1 
ATOM   1300 C CG  . GLU A 1 176 ? -9.409  16.261  6.460   1.00 76.47  ? 176  GLU A CG  1 
ATOM   1301 C CD  . GLU A 1 176 ? -9.477  17.532  5.629   1.00 83.76  ? 176  GLU A CD  1 
ATOM   1302 O OE1 . GLU A 1 176 ? -8.916  18.554  6.075   1.00 95.45  ? 176  GLU A OE1 1 
ATOM   1303 O OE2 . GLU A 1 176 ? -10.094 17.514  4.541   1.00 85.19  ? 176  GLU A OE2 1 
ATOM   1304 N N   . PHE A 1 177 ? -8.787  11.886  5.505   1.00 52.31  ? 177  PHE A N   1 
ATOM   1305 C CA  . PHE A 1 177 ? -8.657  10.697  4.681   1.00 48.86  ? 177  PHE A CA  1 
ATOM   1306 C C   . PHE A 1 177 ? -9.236  9.538   5.475   1.00 43.89  ? 177  PHE A C   1 
ATOM   1307 O O   . PHE A 1 177 ? -10.034 8.750   4.969   1.00 37.77  ? 177  PHE A O   1 
ATOM   1308 C CB  . PHE A 1 177 ? -7.183  10.436  4.378   1.00 49.02  ? 177  PHE A CB  1 
ATOM   1309 C CG  . PHE A 1 177 ? -6.948  9.242   3.511   1.00 30.41  ? 177  PHE A CG  1 
ATOM   1310 C CD1 . PHE A 1 177 ? -7.304  9.261   2.171   1.00 38.55  ? 177  PHE A CD1 1 
ATOM   1311 C CD2 . PHE A 1 177 ? -6.385  8.092   4.035   1.00 28.03  ? 177  PHE A CD2 1 
ATOM   1312 C CE1 . PHE A 1 177 ? -7.104  8.147   1.361   1.00 31.43  ? 177  PHE A CE1 1 
ATOM   1313 C CE2 . PHE A 1 177 ? -6.181  6.973   3.236   1.00 41.05  ? 177  PHE A CE2 1 
ATOM   1314 C CZ  . PHE A 1 177 ? -6.542  7.002   1.894   1.00 41.28  ? 177  PHE A CZ  1 
ATOM   1315 N N   . THR A 1 178 ? -8.818  9.451   6.732   1.00 43.50  ? 178  THR A N   1 
ATOM   1316 C CA  . THR A 1 178 ? -9.282  8.415   7.639   1.00 45.63  ? 178  THR A CA  1 
ATOM   1317 C C   . THR A 1 178 ? -10.796 8.534   7.734   1.00 55.79  ? 178  THR A C   1 
ATOM   1318 O O   . THR A 1 178 ? -11.529 7.565   7.521   1.00 60.42  ? 178  THR A O   1 
ATOM   1319 C CB  . THR A 1 178 ? -8.676  8.617   9.031   1.00 52.15  ? 178  THR A CB  1 
ATOM   1320 O OG1 . THR A 1 178 ? -7.246  8.669   8.927   1.00 48.24  ? 178  THR A OG1 1 
ATOM   1321 C CG2 . THR A 1 178 ? -9.084  7.482   9.953   1.00 53.66  ? 178  THR A CG2 1 
ATOM   1322 N N   . LYS A 1 179 ? -11.246 9.746   8.045   1.00 57.37  ? 179  LYS A N   1 
ATOM   1323 C CA  . LYS A 1 179 ? -12.661 10.065  8.172   1.00 56.73  ? 179  LYS A CA  1 
ATOM   1324 C C   . LYS A 1 179 ? -13.472 9.590   6.964   1.00 59.63  ? 179  LYS A C   1 
ATOM   1325 O O   . LYS A 1 179 ? -14.555 9.022   7.123   1.00 57.42  ? 179  LYS A O   1 
ATOM   1326 C CB  . LYS A 1 179 ? -12.830 11.578  8.339   1.00 58.73  ? 179  LYS A CB  1 
ATOM   1327 C CG  . LYS A 1 179 ? -14.272 12.052  8.416   1.00 62.71  ? 179  LYS A CG  1 
ATOM   1328 C CD  . LYS A 1 179 ? -14.951 11.569  9.688   1.00 73.18  ? 179  LYS A CD  1 
ATOM   1329 C CE  . LYS A 1 179 ? -16.412 11.991  9.738   1.00 80.49  ? 179  LYS A CE  1 
ATOM   1330 N NZ  . LYS A 1 179 ? -17.196 11.439  8.594   1.00 80.99  ? 179  LYS A NZ  1 
ATOM   1331 N N   . SER A 1 180 ? -12.942 9.815   5.764   1.00 42.41  ? 180  SER A N   1 
ATOM   1332 C CA  . SER A 1 180 ? -13.637 9.426   4.542   1.00 48.25  ? 180  SER A CA  1 
ATOM   1333 C C   . SER A 1 180 ? -13.759 7.915   4.355   1.00 54.48  ? 180  SER A C   1 
ATOM   1334 O O   . SER A 1 180 ? -14.376 7.454   3.392   1.00 47.27  ? 180  SER A O   1 
ATOM   1335 C CB  . SER A 1 180 ? -12.937 10.027  3.320   1.00 39.82  ? 180  SER A CB  1 
ATOM   1336 O OG  . SER A 1 180 ? -11.694 9.402   3.077   1.00 52.38  ? 180  SER A OG  1 
ATOM   1337 N N   . LEU A 1 181 ? -13.175 7.143   5.268   1.00 57.21  ? 181  LEU A N   1 
ATOM   1338 C CA  . LEU A 1 181 ? -13.231 5.687   5.163   1.00 62.40  ? 181  LEU A CA  1 
ATOM   1339 C C   . LEU A 1 181 ? -13.750 4.995   6.417   1.00 65.28  ? 181  LEU A C   1 
ATOM   1340 O O   . LEU A 1 181 ? -13.578 3.786   6.576   1.00 56.29  ? 181  LEU A O   1 
ATOM   1341 C CB  . LEU A 1 181 ? -11.847 5.131   4.820   1.00 61.80  ? 181  LEU A CB  1 
ATOM   1342 C CG  . LEU A 1 181 ? -11.336 5.386   3.403   1.00 58.02  ? 181  LEU A CG  1 
ATOM   1343 C CD1 . LEU A 1 181 ? -9.925  4.849   3.267   1.00 48.02  ? 181  LEU A CD1 1 
ATOM   1344 C CD2 . LEU A 1 181 ? -12.261 4.720   2.398   1.00 54.92  ? 181  LEU A CD2 1 
ATOM   1345 N N   . GLU A 1 182 ? -14.394 5.757   7.296   1.00 64.97  ? 182  GLU A N   1 
ATOM   1346 C CA  . GLU A 1 182 ? -14.930 5.212   8.538   1.00 59.91  ? 182  GLU A CA  1 
ATOM   1347 C C   . GLU A 1 182 ? -15.910 4.055   8.341   1.00 63.29  ? 182  GLU A C   1 
ATOM   1348 O O   . GLU A 1 182 ? -15.967 3.138   9.158   1.00 67.39  ? 182  GLU A O   1 
ATOM   1349 C CB  . GLU A 1 182 ? -15.603 6.317   9.346   1.00 60.80  ? 182  GLU A CB  1 
ATOM   1350 C CG  . GLU A 1 182 ? -14.639 7.346   9.900   1.00 85.74  ? 182  GLU A CG  1 
ATOM   1351 C CD  . GLU A 1 182 ? -15.341 8.443   10.682  1.00 101.14 ? 182  GLU A CD  1 
ATOM   1352 O OE1 . GLU A 1 182 ? -14.637 9.260   11.314  1.00 110.99 ? 182  GLU A OE1 1 
ATOM   1353 O OE2 . GLU A 1 182 ? -16.592 8.493   10.665  1.00 101.38 ? 182  GLU A OE2 1 
ATOM   1354 N N   . LYS A 1 183 ? -16.685 4.097   7.265   1.00 58.54  ? 183  LYS A N   1 
ATOM   1355 C CA  . LYS A 1 183 ? -17.644 3.035   6.999   1.00 65.15  ? 183  LYS A CA  1 
ATOM   1356 C C   . LYS A 1 183 ? -17.020 2.017   6.048   1.00 68.25  ? 183  LYS A C   1 
ATOM   1357 O O   . LYS A 1 183 ? -17.700 1.141   5.516   1.00 75.90  ? 183  LYS A O   1 
ATOM   1358 C CB  . LYS A 1 183 ? -18.918 3.613   6.374   1.00 67.66  ? 183  LYS A CB  1 
ATOM   1359 C CG  . LYS A 1 183 ? -20.069 2.619   6.291   1.00 92.85  ? 183  LYS A CG  1 
ATOM   1360 C CD  . LYS A 1 183 ? -20.835 2.736   4.974   1.00 105.96 ? 183  LYS A CD  1 
ATOM   1361 C CE  . LYS A 1 183 ? -19.987 2.283   3.786   1.00 109.19 ? 183  LYS A CE  1 
ATOM   1362 N NZ  . LYS A 1 183 ? -20.738 2.313   2.497   1.00 110.40 ? 183  LYS A NZ  1 
ATOM   1363 N N   . MET A 1 184 ? -15.715 2.136   5.844   1.00 75.72  ? 184  MET A N   1 
ATOM   1364 C CA  . MET A 1 184 ? -14.998 1.238   4.951   1.00 80.15  ? 184  MET A CA  1 
ATOM   1365 C C   . MET A 1 184 ? -14.383 0.080   5.736   1.00 79.17  ? 184  MET A C   1 
ATOM   1366 O O   . MET A 1 184 ? -13.929 0.259   6.866   1.00 72.83  ? 184  MET A O   1 
ATOM   1367 C CB  . MET A 1 184 ? -13.894 2.011   4.222   1.00 88.89  ? 184  MET A CB  1 
ATOM   1368 C CG  . MET A 1 184 ? -13.230 1.244   3.092   1.00 103.23 ? 184  MET A CG  1 
ATOM   1369 S SD  . MET A 1 184 ? -14.257 1.179   1.612   1.00 113.85 ? 184  MET A SD  1 
ATOM   1370 C CE  . MET A 1 184 ? -13.297 2.201   0.492   1.00 109.05 ? 184  MET A CE  1 
ATOM   1371 N N   . ASP A 1 185 ? -14.378 -1.106  5.132   1.00 76.21  ? 185  ASP A N   1 
ATOM   1372 C CA  . ASP A 1 185 ? -13.802 -2.289  5.770   1.00 75.88  ? 185  ASP A CA  1 
ATOM   1373 C C   . ASP A 1 185 ? -12.319 -2.344  5.399   1.00 68.37  ? 185  ASP A C   1 
ATOM   1374 O O   . ASP A 1 185 ? -11.844 -3.330  4.838   1.00 52.63  ? 185  ASP A O   1 
ATOM   1375 C CB  . ASP A 1 185 ? -14.500 -3.558  5.272   1.00 81.19  ? 185  ASP A CB  1 
ATOM   1376 C CG  . ASP A 1 185 ? -14.229 -4.762  6.160   1.00 87.04  ? 185  ASP A CG  1 
ATOM   1377 O OD1 . ASP A 1 185 ? -13.138 -4.825  6.774   1.00 89.97  ? 185  ASP A OD1 1 
ATOM   1378 O OD2 . ASP A 1 185 ? -15.103 -5.653  6.233   1.00 78.49  ? 185  ASP A OD2 1 
ATOM   1379 N N   . VAL A 1 186 ? -11.603 -1.271  5.715   1.00 62.20  ? 186  VAL A N   1 
ATOM   1380 C CA  . VAL A 1 186 ? -10.181 -1.155  5.414   1.00 68.72  ? 186  VAL A CA  1 
ATOM   1381 C C   . VAL A 1 186 ? -9.339  -2.339  5.883   1.00 69.54  ? 186  VAL A C   1 
ATOM   1382 O O   . VAL A 1 186 ? -8.500  -2.847  5.136   1.00 60.63  ? 186  VAL A O   1 
ATOM   1383 C CB  . VAL A 1 186 ? -9.607  0.130   6.028   1.00 60.92  ? 186  VAL A CB  1 
ATOM   1384 C CG1 . VAL A 1 186 ? -8.122  0.214   5.760   1.00 73.52  ? 186  VAL A CG1 1 
ATOM   1385 C CG2 . VAL A 1 186 ? -10.323 1.337   5.450   1.00 64.08  ? 186  VAL A CG2 1 
ATOM   1386 N N   . GLU A 1 187 ? -9.562  -2.765  7.121   1.00 72.73  ? 187  GLU A N   1 
ATOM   1387 C CA  . GLU A 1 187 ? -8.832  -3.889  7.695   1.00 80.76  ? 187  GLU A CA  1 
ATOM   1388 C C   . GLU A 1 187 ? -8.758  -5.032  6.688   1.00 79.20  ? 187  GLU A C   1 
ATOM   1389 O O   . GLU A 1 187 ? -7.677  -5.484  6.314   1.00 82.45  ? 187  GLU A O   1 
ATOM   1390 C CB  . GLU A 1 187 ? -9.542  -4.392  8.954   1.00 96.05  ? 187  GLU A CB  1 
ATOM   1391 C CG  . GLU A 1 187 ? -9.893  -3.318  9.974   1.00 113.94 ? 187  GLU A CG  1 
ATOM   1392 C CD  . GLU A 1 187 ? -8.678  -2.749  10.684  1.00 123.50 ? 187  GLU A CD  1 
ATOM   1393 O OE1 . GLU A 1 187 ? -8.865  -1.929  11.609  1.00 123.65 ? 187  GLU A OE1 1 
ATOM   1394 O OE2 . GLU A 1 187 ? -7.541  -3.119  10.322  1.00 127.92 ? 187  GLU A OE2 1 
ATOM   1395 N N   . GLN A 1 188 ? -9.931  -5.481  6.254   1.00 74.72  ? 188  GLN A N   1 
ATOM   1396 C CA  . GLN A 1 188 ? -10.060 -6.582  5.310   1.00 66.90  ? 188  GLN A CA  1 
ATOM   1397 C C   . GLN A 1 188 ? -9.639  -6.265  3.881   1.00 63.63  ? 188  GLN A C   1 
ATOM   1398 O O   . GLN A 1 188 ? -9.016  -7.090  3.218   1.00 70.52  ? 188  GLN A O   1 
ATOM   1399 C CB  . GLN A 1 188 ? -11.502 -7.068  5.291   1.00 68.68  ? 188  GLN A CB  1 
ATOM   1400 C CG  . GLN A 1 188 ? -11.763 -8.135  4.253   1.00 88.22  ? 188  GLN A CG  1 
ATOM   1401 C CD  . GLN A 1 188 ? -13.233 -8.287  3.944   1.00 95.41  ? 188  GLN A CD  1 
ATOM   1402 O OE1 . GLN A 1 188 ? -14.051 -8.482  4.842   1.00 107.87 ? 188  GLN A OE1 1 
ATOM   1403 N NE2 . GLN A 1 188 ? -13.578 -8.197  2.667   1.00 98.15  ? 188  GLN A NE2 1 
ATOM   1404 N N   . LYS A 1 189 ? -9.994  -5.082  3.399   1.00 56.96  ? 189  LYS A N   1 
ATOM   1405 C CA  . LYS A 1 189 ? -9.651  -4.705  2.037   1.00 49.53  ? 189  LYS A CA  1 
ATOM   1406 C C   . LYS A 1 189 ? -8.145  -4.544  1.881   1.00 60.58  ? 189  LYS A C   1 
ATOM   1407 O O   . LYS A 1 189 ? -7.637  -4.362  0.770   1.00 60.53  ? 189  LYS A O   1 
ATOM   1408 C CB  . LYS A 1 189 ? -10.363 -3.403  1.657   1.00 48.29  ? 189  LYS A CB  1 
ATOM   1409 C CG  . LYS A 1 189 ? -11.861 -3.437  1.915   1.00 64.31  ? 189  LYS A CG  1 
ATOM   1410 C CD  . LYS A 1 189 ? -12.587 -2.264  1.282   1.00 54.42  ? 189  LYS A CD  1 
ATOM   1411 C CE  . LYS A 1 189 ? -12.787 -2.473  -0.212  1.00 68.89  ? 189  LYS A CE  1 
ATOM   1412 N NZ  . LYS A 1 189 ? -11.506 -2.580  -0.965  1.00 80.26  ? 189  LYS A NZ  1 
ATOM   1413 N N   . MET A 1 190 ? -7.433  -4.620  3.001   1.00 53.00  ? 190  MET A N   1 
ATOM   1414 C CA  . MET A 1 190 ? -5.988  -4.474  2.982   1.00 44.26  ? 190  MET A CA  1 
ATOM   1415 C C   . MET A 1 190 ? -5.241  -5.596  3.688   1.00 47.84  ? 190  MET A C   1 
ATOM   1416 O O   . MET A 1 190 ? -4.104  -5.414  4.125   1.00 46.81  ? 190  MET A O   1 
ATOM   1417 C CB  . MET A 1 190 ? -5.588  -3.134  3.596   1.00 39.08  ? 190  MET A CB  1 
ATOM   1418 C CG  . MET A 1 190 ? -5.888  -1.939  2.715   1.00 56.12  ? 190  MET A CG  1 
ATOM   1419 S SD  . MET A 1 190 ? -5.128  -0.425  3.340   1.00 60.69  ? 190  MET A SD  1 
ATOM   1420 C CE  . MET A 1 190 ? -3.432  -0.613  2.732   1.00 55.85  ? 190  MET A CE  1 
ATOM   1421 N N   . SER A 1 191 ? -5.871  -6.757  3.804   1.00 45.76  ? 191  SER A N   1 
ATOM   1422 C CA  . SER A 1 191 ? -5.213  -7.884  4.447   1.00 49.87  ? 191  SER A CA  1 
ATOM   1423 C C   . SER A 1 191 ? -4.870  -8.964  3.439   1.00 49.10  ? 191  SER A C   1 
ATOM   1424 O O   . SER A 1 191 ? -5.719  -9.396  2.662   1.00 61.98  ? 191  SER A O   1 
ATOM   1425 C CB  . SER A 1 191 ? -6.088  -8.462  5.564   1.00 50.72  ? 191  SER A CB  1 
ATOM   1426 O OG  . SER A 1 191 ? -5.950  -7.691  6.750   1.00 59.20  ? 191  SER A OG  1 
ATOM   1427 N N   . ILE A 1 192 ? -3.609  -9.384  3.452   1.00 57.49  ? 192  ILE A N   1 
ATOM   1428 C CA  . ILE A 1 192 ? -3.115  -10.423 2.552   1.00 63.59  ? 192  ILE A CA  1 
ATOM   1429 C C   . ILE A 1 192 ? -3.803  -11.757 2.826   1.00 64.96  ? 192  ILE A C   1 
ATOM   1430 O O   . ILE A 1 192 ? -3.530  -12.422 3.828   1.00 68.86  ? 192  ILE A O   1 
ATOM   1431 C CB  . ILE A 1 192 ? -1.583  -10.607 2.700   1.00 64.49  ? 192  ILE A CB  1 
ATOM   1432 C CG1 . ILE A 1 192 ? -0.858  -9.376  2.154   1.00 62.94  ? 192  ILE A CG1 1 
ATOM   1433 C CG2 . ILE A 1 192 ? -1.133  -11.870 1.975   1.00 59.62  ? 192  ILE A CG2 1 
ATOM   1434 C CD1 . ILE A 1 192 ? 0.625   -9.337  2.475   1.00 73.02  ? 192  ILE A CD1 1 
ATOM   1435 N N   . ARG A 1 193 ? -4.693  -12.135 1.916   1.00 69.75  ? 193  ARG A N   1 
ATOM   1436 C CA  . ARG A 1 193 ? -5.442  -13.380 2.019   1.00 81.78  ? 193  ARG A CA  1 
ATOM   1437 C C   . ARG A 1 193 ? -4.518  -14.596 1.941   1.00 86.21  ? 193  ARG A C   1 
ATOM   1438 O O   . ARG A 1 193 ? -4.307  -15.292 2.936   1.00 91.97  ? 193  ARG A O   1 
ATOM   1439 C CB  . ARG A 1 193 ? -6.467  -13.452 0.885   1.00 84.16  ? 193  ARG A CB  1 
ATOM   1440 C CG  . ARG A 1 193 ? -7.314  -12.201 0.725   1.00 70.20  ? 193  ARG A CG  1 
ATOM   1441 C CD  . ARG A 1 193 ? -7.441  -11.846 -0.744  1.00 82.16  ? 193  ARG A CD  1 
ATOM   1442 N NE  . ARG A 1 193 ? -8.329  -10.710 -0.976  1.00 89.46  ? 193  ARG A NE  1 
ATOM   1443 C CZ  . ARG A 1 193 ? -8.500  -10.126 -2.159  1.00 91.98  ? 193  ARG A CZ  1 
ATOM   1444 N NH1 . ARG A 1 193 ? -7.839  -10.566 -3.223  1.00 85.27  ? 193  ARG A NH1 1 
ATOM   1445 N NH2 . ARG A 1 193 ? -9.347  -9.113  -2.286  1.00 96.68  ? 193  ARG A NH2 1 
ATOM   1446 N N   . ILE A 1 194 ? -3.969  -14.833 0.751   1.00 89.57  ? 194  ILE A N   1 
ATOM   1447 C CA  . ILE A 1 194 ? -3.075  -15.963 0.487   1.00 93.32  ? 194  ILE A CA  1 
ATOM   1448 C C   . ILE A 1 194 ? -2.240  -16.427 1.680   1.00 94.44  ? 194  ILE A C   1 
ATOM   1449 O O   . ILE A 1 194 ? -2.177  -17.622 1.970   1.00 89.77  ? 194  ILE A O   1 
ATOM   1450 C CB  . ILE A 1 194 ? -2.106  -15.654 -0.694  1.00 88.99  ? 194  ILE A CB  1 
ATOM   1451 C CG1 . ILE A 1 194 ? -1.095  -14.576 -0.291  1.00 79.94  ? 194  ILE A CG1 1 
ATOM   1452 C CG2 . ILE A 1 194 ? -2.900  -15.187 -1.911  1.00 89.62  ? 194  ILE A CG2 1 
ATOM   1453 C CD1 . ILE A 1 194 ? -0.015  -14.320 -1.333  1.00 59.30  ? 194  ILE A CD1 1 
ATOM   1454 N N   . LEU A 1 195 ? -1.607  -15.481 2.366   1.00 101.72 ? 195  LEU A N   1 
ATOM   1455 C CA  . LEU A 1 195 ? -0.764  -15.784 3.515   1.00 105.06 ? 195  LEU A CA  1 
ATOM   1456 C C   . LEU A 1 195 ? -1.404  -16.796 4.459   1.00 112.36 ? 195  LEU A C   1 
ATOM   1457 O O   . LEU A 1 195 ? -0.740  -17.720 4.929   1.00 112.34 ? 195  LEU A O   1 
ATOM   1458 C CB  . LEU A 1 195 ? -0.445  -14.501 4.283   1.00 100.01 ? 195  LEU A CB  1 
ATOM   1459 C CG  . LEU A 1 195 ? 0.588   -14.649 5.400   1.00 102.96 ? 195  LEU A CG  1 
ATOM   1460 C CD1 . LEU A 1 195 ? 1.897   -15.163 4.814   1.00 102.82 ? 195  LEU A CD1 1 
ATOM   1461 C CD2 . LEU A 1 195 ? 0.797   -13.310 6.092   1.00 103.05 ? 195  LEU A CD2 1 
ATOM   1462 N N   . LYS A 1 196 ? -2.694  -16.616 4.734   1.00 121.27 ? 196  LYS A N   1 
ATOM   1463 C CA  . LYS A 1 196 ? -3.419  -17.520 5.624   1.00 129.57 ? 196  LYS A CA  1 
ATOM   1464 C C   . LYS A 1 196 ? -3.549  -18.923 5.034   1.00 132.01 ? 196  LYS A C   1 
ATOM   1465 O O   . LYS A 1 196 ? -3.239  -19.096 3.835   1.00 133.75 ? 196  LYS A O   1 
ATOM   1466 C CB  . LYS A 1 196 ? -4.820  -16.971 5.920   1.00 129.00 ? 196  LYS A CB  1 
ATOM   1467 C CG  . LYS A 1 196 ? -4.858  -15.772 6.857   1.00 123.32 ? 196  LYS A CG  1 
ATOM   1468 C CD  . LYS A 1 196 ? -6.301  -15.381 7.163   1.00 119.21 ? 196  LYS A CD  1 
ATOM   1469 C CE  . LYS A 1 196 ? -6.388  -14.305 8.233   1.00 110.05 ? 196  LYS A CE  1 
ATOM   1470 N NZ  . LYS A 1 196 ? -7.793  -13.895 8.508   1.00 94.99  ? 196  LYS A NZ  1 
ATOM   1471 N N   . ARG B 2 14  ? -22.630 5.248   -0.658  1.00 87.05  ? 516  ARG B N   1 
ATOM   1472 C CA  . ARG B 2 14  ? -21.389 4.895   -1.406  1.00 87.17  ? 516  ARG B CA  1 
ATOM   1473 C C   . ARG B 2 14  ? -20.776 6.145   -2.035  1.00 86.10  ? 516  ARG B C   1 
ATOM   1474 O O   . ARG B 2 14  ? -20.821 6.323   -3.252  1.00 91.81  ? 516  ARG B O   1 
ATOM   1475 C CB  . ARG B 2 14  ? -21.713 3.880   -2.504  1.00 88.04  ? 516  ARG B CB  1 
ATOM   1476 C CG  . ARG B 2 14  ? -20.494 3.217   -3.118  1.00 84.12  ? 516  ARG B CG  1 
ATOM   1477 C CD  . ARG B 2 14  ? -19.775 2.357   -2.092  1.00 93.21  ? 516  ARG B CD  1 
ATOM   1478 N NE  . ARG B 2 14  ? -18.762 1.502   -2.705  1.00 102.25 ? 516  ARG B NE  1 
ATOM   1479 C CZ  . ARG B 2 14  ? -18.079 0.565   -2.053  1.00 108.98 ? 516  ARG B CZ  1 
ATOM   1480 N NH1 . ARG B 2 14  ? -18.297 0.359   -0.761  1.00 107.68 ? 516  ARG B NH1 1 
ATOM   1481 N NH2 . ARG B 2 14  ? -17.184 -0.172  -2.696  1.00 115.50 ? 516  ARG B NH2 1 
ATOM   1482 N N   . SER B 2 15  ? -20.199 7.003   -1.199  1.00 81.59  ? 517  SER B N   1 
ATOM   1483 C CA  . SER B 2 15  ? -19.588 8.243   -1.670  1.00 79.31  ? 517  SER B CA  1 
ATOM   1484 C C   . SER B 2 15  ? -18.541 8.027   -2.761  1.00 80.41  ? 517  SER B C   1 
ATOM   1485 O O   . SER B 2 15  ? -18.051 6.912   -2.966  1.00 74.74  ? 517  SER B O   1 
ATOM   1486 C CB  . SER B 2 15  ? -18.958 8.999   -0.495  1.00 82.95  ? 517  SER B CB  1 
ATOM   1487 O OG  . SER B 2 15  ? -17.924 8.244   0.112   1.00 81.49  ? 517  SER B OG  1 
ATOM   1488 N N   . ILE B 2 16  ? -18.207 9.106   -3.464  1.00 81.71  ? 518  ILE B N   1 
ATOM   1489 C CA  . ILE B 2 16  ? -17.218 9.049   -4.532  1.00 80.28  ? 518  ILE B CA  1 
ATOM   1490 C C   . ILE B 2 16  ? -15.917 8.514   -3.956  1.00 74.97  ? 518  ILE B C   1 
ATOM   1491 O O   . ILE B 2 16  ? -15.273 7.643   -4.544  1.00 62.86  ? 518  ILE B O   1 
ATOM   1492 C CB  . ILE B 2 16  ? -16.960 10.451  -5.133  1.00 86.73  ? 518  ILE B CB  1 
ATOM   1493 C CG1 . ILE B 2 16  ? -18.273 11.042  -5.656  1.00 101.62 ? 518  ILE B CG1 1 
ATOM   1494 C CG2 . ILE B 2 16  ? -15.939 10.361  -6.262  1.00 82.22  ? 518  ILE B CG2 1 
ATOM   1495 C CD1 . ILE B 2 16  ? -18.941 10.216  -6.748  1.00 113.49 ? 518  ILE B CD1 1 
ATOM   1496 N N   . ASN B 2 17  ? -15.537 9.043   -2.799  1.00 68.98  ? 519  ASN B N   1 
ATOM   1497 C CA  . ASN B 2 17  ? -14.318 8.607   -2.134  1.00 69.40  ? 519  ASN B CA  1 
ATOM   1498 C C   . ASN B 2 17  ? -14.311 7.093   -1.973  1.00 62.57  ? 519  ASN B C   1 
ATOM   1499 O O   . ASN B 2 17  ? -13.459 6.409   -2.539  1.00 62.34  ? 519  ASN B O   1 
ATOM   1500 C CB  . ASN B 2 17  ? -14.192 9.281   -0.766  1.00 67.53  ? 519  ASN B CB  1 
ATOM   1501 C CG  . ASN B 2 17  ? -13.458 10.604  -0.837  1.00 68.30  ? 519  ASN B CG  1 
ATOM   1502 O OD1 . ASN B 2 17  ? -12.229 10.640  -0.916  1.00 58.23  ? 519  ASN B OD1 1 
ATOM   1503 N ND2 . ASN B 2 17  ? -14.208 11.700  -0.823  1.00 70.45  ? 519  ASN B ND2 1 
ATOM   1504 N N   . GLU B 2 18  ? -15.268 6.575   -1.209  1.00 50.29  ? 520  GLU B N   1 
ATOM   1505 C CA  . GLU B 2 18  ? -15.357 5.142   -0.982  1.00 56.24  ? 520  GLU B CA  1 
ATOM   1506 C C   . GLU B 2 18  ? -15.075 4.361   -2.257  1.00 55.85  ? 520  GLU B C   1 
ATOM   1507 O O   . GLU B 2 18  ? -14.337 3.377   -2.238  1.00 55.59  ? 520  GLU B O   1 
ATOM   1508 C CB  . GLU B 2 18  ? -16.743 4.765   -0.459  1.00 55.75  ? 520  GLU B CB  1 
ATOM   1509 C CG  . GLU B 2 18  ? -17.022 5.206   0.959   1.00 63.39  ? 520  GLU B CG  1 
ATOM   1510 C CD  . GLU B 2 18  ? -18.450 4.915   1.376   1.00 71.27  ? 520  GLU B CD  1 
ATOM   1511 O OE1 . GLU B 2 18  ? -18.814 5.251   2.522   1.00 65.99  ? 520  GLU B OE1 1 
ATOM   1512 O OE2 . GLU B 2 18  ? -19.208 4.354   0.553   1.00 70.92  ? 520  GLU B OE2 1 
ATOM   1513 N N   . GLU B 2 19  ? -15.656 4.806   -3.366  1.00 60.64  ? 521  GLU B N   1 
ATOM   1514 C CA  . GLU B 2 19  ? -15.458 4.123   -4.640  1.00 68.04  ? 521  GLU B CA  1 
ATOM   1515 C C   . GLU B 2 19  ? -14.010 4.175   -5.115  1.00 70.77  ? 521  GLU B C   1 
ATOM   1516 O O   . GLU B 2 19  ? -13.418 3.140   -5.441  1.00 70.67  ? 521  GLU B O   1 
ATOM   1517 C CB  . GLU B 2 19  ? -16.370 4.721   -5.710  1.00 79.17  ? 521  GLU B CB  1 
ATOM   1518 C CG  . GLU B 2 19  ? -16.273 4.022   -7.059  1.00 95.30  ? 521  GLU B CG  1 
ATOM   1519 C CD  . GLU B 2 19  ? -16.471 2.518   -6.956  1.00 102.80 ? 521  GLU B CD  1 
ATOM   1520 O OE1 . GLU B 2 19  ? -15.572 1.825   -6.427  1.00 99.28  ? 521  GLU B OE1 1 
ATOM   1521 O OE2 . GLU B 2 19  ? -17.530 2.029   -7.403  1.00 115.66 ? 521  GLU B OE2 1 
ATOM   1522 N N   . ILE B 2 20  ? -13.443 5.378   -5.153  1.00 63.79  ? 522  ILE B N   1 
ATOM   1523 C CA  . ILE B 2 20  ? -12.060 5.553   -5.584  1.00 56.49  ? 522  ILE B CA  1 
ATOM   1524 C C   . ILE B 2 20  ? -11.150 4.675   -4.734  1.00 57.29  ? 522  ILE B C   1 
ATOM   1525 O O   . ILE B 2 20  ? -10.394 3.847   -5.247  1.00 46.39  ? 522  ILE B O   1 
ATOM   1526 C CB  . ILE B 2 20  ? -11.568 7.008   -5.396  1.00 58.13  ? 522  ILE B CB  1 
ATOM   1527 C CG1 . ILE B 2 20  ? -12.522 8.004   -6.064  1.00 45.00  ? 522  ILE B CG1 1 
ATOM   1528 C CG2 . ILE B 2 20  ? -10.158 7.131   -5.959  1.00 39.06  ? 522  ILE B CG2 1 
ATOM   1529 C CD1 . ILE B 2 20  ? -12.565 7.914   -7.573  1.00 48.08  ? 522  ILE B CD1 1 
ATOM   1530 N N   . HIS B 2 21  ? -11.236 4.880   -3.425  1.00 45.32  ? 523  HIS B N   1 
ATOM   1531 C CA  . HIS B 2 21  ? -10.423 4.149   -2.473  1.00 49.44  ? 523  HIS B CA  1 
ATOM   1532 C C   . HIS B 2 21  ? -10.611 2.648   -2.549  1.00 47.89  ? 523  HIS B C   1 
ATOM   1533 O O   . HIS B 2 21  ? -9.654  1.890   -2.383  1.00 45.51  ? 523  HIS B O   1 
ATOM   1534 C CB  . HIS B 2 21  ? -10.710 4.653   -1.063  1.00 51.44  ? 523  HIS B CB  1 
ATOM   1535 C CG  . HIS B 2 21  ? -10.391 6.102   -0.879  1.00 52.09  ? 523  HIS B CG  1 
ATOM   1536 N ND1 . HIS B 2 21  ? -9.322  6.708   -1.504  1.00 46.14  ? 523  HIS B ND1 1 
ATOM   1537 C CD2 . HIS B 2 21  ? -10.989 7.064   -0.139  1.00 57.26  ? 523  HIS B CD2 1 
ATOM   1538 C CE1 . HIS B 2 21  ? -9.275  7.981   -1.158  1.00 54.10  ? 523  HIS B CE1 1 
ATOM   1539 N NE2 . HIS B 2 21  ? -10.276 8.224   -0.330  1.00 72.40  ? 523  HIS B NE2 1 
ATOM   1540 N N   . THR B 2 22  ? -11.840 2.217   -2.803  1.00 37.18  ? 524  THR B N   1 
ATOM   1541 C CA  . THR B 2 22  ? -12.111 0.795   -2.906  1.00 44.10  ? 524  THR B CA  1 
ATOM   1542 C C   . THR B 2 22  ? -11.230 0.230   -4.009  1.00 43.70  ? 524  THR B C   1 
ATOM   1543 O O   . THR B 2 22  ? -10.425 -0.671  -3.775  1.00 50.66  ? 524  THR B O   1 
ATOM   1544 C CB  . THR B 2 22  ? -13.603 0.524   -3.232  1.00 47.12  ? 524  THR B CB  1 
ATOM   1545 O OG1 . THR B 2 22  ? -14.409 0.881   -2.102  1.00 45.00  ? 524  THR B OG1 1 
ATOM   1546 C CG2 . THR B 2 22  ? -13.832 -0.953  -3.550  1.00 29.10  ? 524  THR B CG2 1 
ATOM   1547 N N   . GLN B 2 23  ? -11.373 0.774   -5.210  1.00 45.02  ? 525  GLN B N   1 
ATOM   1548 C CA  . GLN B 2 23  ? -10.586 0.312   -6.341  1.00 52.92  ? 525  GLN B CA  1 
ATOM   1549 C C   . GLN B 2 23  ? -9.107  0.419   -6.018  1.00 48.85  ? 525  GLN B C   1 
ATOM   1550 O O   . GLN B 2 23  ? -8.311  -0.440  -6.395  1.00 49.79  ? 525  GLN B O   1 
ATOM   1551 C CB  . GLN B 2 23  ? -10.895 1.151   -7.581  1.00 71.56  ? 525  GLN B CB  1 
ATOM   1552 C CG  . GLN B 2 23  ? -12.283 0.940   -8.161  1.00 87.92  ? 525  GLN B CG  1 
ATOM   1553 C CD  . GLN B 2 23  ? -12.575 1.885   -9.314  1.00 106.38 ? 525  GLN B CD  1 
ATOM   1554 O OE1 . GLN B 2 23  ? -12.706 3.096   -9.121  1.00 110.57 ? 525  GLN B OE1 1 
ATOM   1555 N NE2 . GLN B 2 23  ? -12.669 1.336   -10.522 1.00 116.42 ? 525  GLN B NE2 1 
ATOM   1556 N N   . PHE B 2 24  ? -8.745  1.481   -5.311  1.00 40.35  ? 526  PHE B N   1 
ATOM   1557 C CA  . PHE B 2 24  ? -7.354  1.699   -4.952  1.00 45.48  ? 526  PHE B CA  1 
ATOM   1558 C C   . PHE B 2 24  ? -6.825  0.599   -4.041  1.00 45.49  ? 526  PHE B C   1 
ATOM   1559 O O   . PHE B 2 24  ? -5.824  -0.039  -4.356  1.00 44.59  ? 526  PHE B O   1 
ATOM   1560 C CB  . PHE B 2 24  ? -7.200  3.065   -4.283  1.00 43.03  ? 526  PHE B CB  1 
ATOM   1561 C CG  . PHE B 2 24  ? -5.785  3.415   -3.931  1.00 35.91  ? 526  PHE B CG  1 
ATOM   1562 C CD1 . PHE B 2 24  ? -5.193  2.903   -2.784  1.00 40.73  ? 526  PHE B CD1 1 
ATOM   1563 C CD2 . PHE B 2 24  ? -5.048  4.270   -4.741  1.00 47.22  ? 526  PHE B CD2 1 
ATOM   1564 C CE1 . PHE B 2 24  ? -3.884  3.246   -2.448  1.00 57.94  ? 526  PHE B CE1 1 
ATOM   1565 C CE2 . PHE B 2 24  ? -3.738  4.617   -4.412  1.00 41.41  ? 526  PHE B CE2 1 
ATOM   1566 C CZ  . PHE B 2 24  ? -3.157  4.105   -3.266  1.00 45.19  ? 526  PHE B CZ  1 
ATOM   1567 N N   . LEU B 2 25  ? -7.499  0.375   -2.917  1.00 46.86  ? 527  LEU B N   1 
ATOM   1568 C CA  . LEU B 2 25  ? -7.076  -0.654  -1.976  1.00 42.42  ? 527  LEU B CA  1 
ATOM   1569 C C   . LEU B 2 25  ? -7.046  -1.994  -2.678  1.00 42.50  ? 527  LEU B C   1 
ATOM   1570 O O   . LEU B 2 25  ? -6.200  -2.843  -2.399  1.00 37.69  ? 527  LEU B O   1 
ATOM   1571 C CB  . LEU B 2 25  ? -8.028  -0.712  -0.777  1.00 33.76  ? 527  LEU B CB  1 
ATOM   1572 C CG  . LEU B 2 25  ? -8.013  0.543   0.102   1.00 43.88  ? 527  LEU B CG  1 
ATOM   1573 C CD1 . LEU B 2 25  ? -8.973  0.372   1.267   1.00 39.94  ? 527  LEU B CD1 1 
ATOM   1574 C CD2 . LEU B 2 25  ? -6.594  0.799   0.608   1.00 20.89  ? 527  LEU B CD2 1 
ATOM   1575 N N   . ASP B 2 26  ? -7.977  -2.173  -3.601  1.00 43.45  ? 528  ASP B N   1 
ATOM   1576 C CA  . ASP B 2 26  ? -8.056  -3.407  -4.355  1.00 51.85  ? 528  ASP B CA  1 
ATOM   1577 C C   . ASP B 2 26  ? -6.802  -3.593  -5.219  1.00 49.96  ? 528  ASP B C   1 
ATOM   1578 O O   . ASP B 2 26  ? -6.156  -4.644  -5.156  1.00 44.12  ? 528  ASP B O   1 
ATOM   1579 C CB  . ASP B 2 26  ? -9.320  -3.398  -5.215  1.00 70.66  ? 528  ASP B CB  1 
ATOM   1580 C CG  . ASP B 2 26  ? -9.488  -4.669  -6.016  1.00 85.84  ? 528  ASP B CG  1 
ATOM   1581 O OD1 . ASP B 2 26  ? -8.983  -5.724  -5.574  1.00 101.16 ? 528  ASP B OD1 1 
ATOM   1582 O OD2 . ASP B 2 26  ? -10.139 -4.615  -7.082  1.00 100.46 ? 528  ASP B OD2 1 
ATOM   1583 N N   . HIS B 2 27  ? -6.457  -2.583  -6.018  1.00 44.16  ? 529  HIS B N   1 
ATOM   1584 C CA  . HIS B 2 27  ? -5.265  -2.657  -6.868  1.00 42.86  ? 529  HIS B CA  1 
ATOM   1585 C C   . HIS B 2 27  ? -4.031  -2.764  -5.993  1.00 45.15  ? 529  HIS B C   1 
ATOM   1586 O O   . HIS B 2 27  ? -3.016  -3.337  -6.388  1.00 54.02  ? 529  HIS B O   1 
ATOM   1587 C CB  . HIS B 2 27  ? -5.142  -1.414  -7.749  1.00 41.86  ? 529  HIS B CB  1 
ATOM   1588 C CG  . HIS B 2 27  ? -6.052  -1.424  -8.934  1.00 38.67  ? 529  HIS B CG  1 
ATOM   1589 N ND1 . HIS B 2 27  ? -5.958  -2.369  -9.933  1.00 38.71  ? 529  HIS B ND1 1 
ATOM   1590 C CD2 . HIS B 2 27  ? -7.089  -0.622  -9.270  1.00 50.13  ? 529  HIS B CD2 1 
ATOM   1591 C CE1 . HIS B 2 27  ? -6.901  -2.150  -10.831 1.00 55.71  ? 529  HIS B CE1 1 
ATOM   1592 N NE2 . HIS B 2 27  ? -7.602  -1.096  -10.453 1.00 62.21  ? 529  HIS B NE2 1 
ATOM   1593 N N   . LEU B 2 28  ? -4.133  -2.206  -4.795  1.00 35.73  ? 530  LEU B N   1 
ATOM   1594 C CA  . LEU B 2 28  ? -3.035  -2.224  -3.845  1.00 42.91  ? 530  LEU B CA  1 
ATOM   1595 C C   . LEU B 2 28  ? -2.770  -3.631  -3.318  1.00 44.63  ? 530  LEU B C   1 
ATOM   1596 O O   . LEU B 2 28  ? -1.661  -4.160  -3.442  1.00 47.61  ? 530  LEU B O   1 
ATOM   1597 C CB  . LEU B 2 28  ? -3.351  -1.286  -2.684  1.00 32.77  ? 530  LEU B CB  1 
ATOM   1598 C CG  . LEU B 2 28  ? -2.247  -1.148  -1.647  1.00 40.33  ? 530  LEU B CG  1 
ATOM   1599 C CD1 . LEU B 2 28  ? -0.945  -0.752  -2.338  1.00 50.30  ? 530  LEU B CD1 1 
ATOM   1600 C CD2 . LEU B 2 28  ? -2.664  -0.120  -0.606  1.00 40.25  ? 530  LEU B CD2 1 
ATOM   1601 N N   . LEU B 2 29  ? -3.800  -4.225  -2.729  1.00 43.27  ? 531  LEU B N   1 
ATOM   1602 C CA  . LEU B 2 29  ? -3.709  -5.565  -2.171  1.00 34.91  ? 531  LEU B CA  1 
ATOM   1603 C C   . LEU B 2 29  ? -3.185  -6.544  -3.211  1.00 42.89  ? 531  LEU B C   1 
ATOM   1604 O O   . LEU B 2 29  ? -2.268  -7.322  -2.939  1.00 44.83  ? 531  LEU B O   1 
ATOM   1605 C CB  . LEU B 2 29  ? -5.086  -6.021  -1.690  1.00 37.16  ? 531  LEU B CB  1 
ATOM   1606 C CG  . LEU B 2 29  ? -5.146  -7.308  -0.868  1.00 40.23  ? 531  LEU B CG  1 
ATOM   1607 C CD1 . LEU B 2 29  ? -4.531  -7.067  0.505   1.00 43.10  ? 531  LEU B CD1 1 
ATOM   1608 C CD2 . LEU B 2 29  ? -6.591  -7.747  -0.727  1.00 40.53  ? 531  LEU B CD2 1 
ATOM   1609 N N   . THR B 2 30  ? -3.770  -6.498  -4.404  1.00 41.21  ? 532  THR B N   1 
ATOM   1610 C CA  . THR B 2 30  ? -3.366  -7.382  -5.492  1.00 40.05  ? 532  THR B CA  1 
ATOM   1611 C C   . THR B 2 30  ? -1.871  -7.284  -5.741  1.00 41.92  ? 532  THR B C   1 
ATOM   1612 O O   . THR B 2 30  ? -1.168  -8.291  -5.739  1.00 44.95  ? 532  THR B O   1 
ATOM   1613 C CB  . THR B 2 30  ? -4.095  -7.033  -6.793  1.00 41.23  ? 532  THR B CB  1 
ATOM   1614 O OG1 . THR B 2 30  ? -5.497  -7.288  -6.640  1.00 40.57  ? 532  THR B OG1 1 
ATOM   1615 C CG2 . THR B 2 30  ? -3.546  -7.859  -7.942  1.00 36.90  ? 532  THR B CG2 1 
ATOM   1616 N N   . GLY B 2 31  ? -1.394  -6.062  -5.958  1.00 44.45  ? 533  GLY B N   1 
ATOM   1617 C CA  . GLY B 2 31  ? 0.021   -5.861  -6.194  1.00 33.79  ? 533  GLY B CA  1 
ATOM   1618 C C   . GLY B 2 31  ? 0.814   -6.488  -5.072  1.00 43.35  ? 533  GLY B C   1 
ATOM   1619 O O   . GLY B 2 31  ? 1.763   -7.235  -5.317  1.00 44.98  ? 533  GLY B O   1 
ATOM   1620 N N   . ILE B 2 32  ? 0.417   -6.195  -3.836  1.00 43.49  ? 534  ILE B N   1 
ATOM   1621 C CA  . ILE B 2 32  ? 1.099   -6.745  -2.672  1.00 51.04  ? 534  ILE B CA  1 
ATOM   1622 C C   . ILE B 2 32  ? 1.116   -8.276  -2.711  1.00 54.78  ? 534  ILE B C   1 
ATOM   1623 O O   . ILE B 2 32  ? 2.172   -8.892  -2.561  1.00 47.59  ? 534  ILE B O   1 
ATOM   1624 C CB  . ILE B 2 32  ? 0.427   -6.257  -1.354  1.00 54.67  ? 534  ILE B CB  1 
ATOM   1625 C CG1 . ILE B 2 32  ? 0.734   -4.776  -1.143  1.00 48.09  ? 534  ILE B CG1 1 
ATOM   1626 C CG2 . ILE B 2 32  ? 0.932   -7.055  -0.152  1.00 35.77  ? 534  ILE B CG2 1 
ATOM   1627 C CD1 . ILE B 2 32  ? 2.202   -4.472  -1.051  1.00 23.82  ? 534  ILE B CD1 1 
ATOM   1628 N N   . GLU B 2 33  ? -0.049  -8.882  -2.921  1.00 53.46  ? 535  GLU B N   1 
ATOM   1629 C CA  . GLU B 2 33  ? -0.142  -10.334 -2.977  1.00 54.53  ? 535  GLU B CA  1 
ATOM   1630 C C   . GLU B 2 33  ? 0.749   -10.888 -4.071  1.00 58.28  ? 535  GLU B C   1 
ATOM   1631 O O   . GLU B 2 33  ? 1.265   -11.999 -3.960  1.00 62.36  ? 535  GLU B O   1 
ATOM   1632 C CB  . GLU B 2 33  ? -1.582  -10.779 -3.223  1.00 57.30  ? 535  GLU B CB  1 
ATOM   1633 C CG  . GLU B 2 33  ? -2.457  -10.782 -1.980  1.00 70.95  ? 535  GLU B CG  1 
ATOM   1634 C CD  . GLU B 2 33  ? -3.862  -11.285 -2.268  1.00 84.82  ? 535  GLU B CD  1 
ATOM   1635 O OE1 . GLU B 2 33  ? -4.675  -11.355 -1.321  1.00 83.76  ? 535  GLU B OE1 1 
ATOM   1636 O OE2 . GLU B 2 33  ? -4.152  -11.608 -3.443  1.00 80.46  ? 535  GLU B OE2 1 
ATOM   1637 N N   . ASP B 2 34  ? 0.927   -10.109 -5.131  1.00 56.58  ? 536  ASP B N   1 
ATOM   1638 C CA  . ASP B 2 34  ? 1.767   -10.532 -6.238  1.00 60.02  ? 536  ASP B CA  1 
ATOM   1639 C C   . ASP B 2 34  ? 3.238   -10.409 -5.861  1.00 58.74  ? 536  ASP B C   1 
ATOM   1640 O O   . ASP B 2 34  ? 4.093   -11.058 -6.453  1.00 63.02  ? 536  ASP B O   1 
ATOM   1641 C CB  . ASP B 2 34  ? 1.452   -9.701  -7.484  1.00 65.32  ? 536  ASP B CB  1 
ATOM   1642 C CG  . ASP B 2 34  ? 0.042   -9.950  -8.010  1.00 82.11  ? 536  ASP B CG  1 
ATOM   1643 O OD1 . ASP B 2 34  ? -0.388  -9.233  -8.941  1.00 95.08  ? 536  ASP B OD1 1 
ATOM   1644 O OD2 . ASP B 2 34  ? -0.630  -10.868 -7.494  1.00 80.20  ? 536  ASP B OD2 1 
ATOM   1645 N N   . ILE B 2 35  ? 3.528   -9.575  -4.870  1.00 53.36  ? 537  ILE B N   1 
ATOM   1646 C CA  . ILE B 2 35  ? 4.900   -9.404  -4.420  1.00 55.91  ? 537  ILE B CA  1 
ATOM   1647 C C   . ILE B 2 35  ? 5.218   -10.603 -3.537  1.00 64.65  ? 537  ILE B C   1 
ATOM   1648 O O   . ILE B 2 35  ? 6.365   -11.039 -3.428  1.00 66.92  ? 537  ILE B O   1 
ATOM   1649 C CB  . ILE B 2 35  ? 5.062   -8.123  -3.586  1.00 52.23  ? 537  ILE B CB  1 
ATOM   1650 C CG1 . ILE B 2 35  ? 4.736   -6.899  -4.440  1.00 58.12  ? 537  ILE B CG1 1 
ATOM   1651 C CG2 . ILE B 2 35  ? 6.478   -8.036  -3.035  1.00 37.22  ? 537  ILE B CG2 1 
ATOM   1652 C CD1 . ILE B 2 35  ? 5.710   -6.660  -5.563  1.00 72.93  ? 537  ILE B CD1 1 
ATOM   1653 N N   . CYS B 2 36  ? 4.174   -11.126 -2.907  1.00 65.30  ? 538  CYS B N   1 
ATOM   1654 C CA  . CYS B 2 36  ? 4.303   -12.275 -2.029  1.00 70.67  ? 538  CYS B CA  1 
ATOM   1655 C C   . CYS B 2 36  ? 4.306   -13.551 -2.860  1.00 73.16  ? 538  CYS B C   1 
ATOM   1656 O O   . CYS B 2 36  ? 4.831   -14.580 -2.434  1.00 66.18  ? 538  CYS B O   1 
ATOM   1657 C CB  . CYS B 2 36  ? 3.135   -12.312 -1.041  1.00 71.95  ? 538  CYS B CB  1 
ATOM   1658 S SG  . CYS B 2 36  ? 3.035   -10.887 0.053   1.00 86.09  ? 538  CYS B SG  1 
ATOM   1659 N N   . GLY B 2 37  ? 3.709   -13.477 -4.044  1.00 74.38  ? 539  GLY B N   1 
ATOM   1660 C CA  . GLY B 2 37  ? 3.653   -14.636 -4.909  1.00 71.23  ? 539  GLY B CA  1 
ATOM   1661 C C   . GLY B 2 37  ? 2.507   -15.562 -4.552  1.00 70.52  ? 539  GLY B C   1 
ATOM   1662 O O   . GLY B 2 37  ? 2.042   -15.596 -3.408  1.00 72.31  ? 539  GLY B O   1 
ATOM   1663 N N   . HIS B 2 38  ? 2.053   -16.328 -5.538  1.00 77.42  ? 540  HIS B N   1 
ATOM   1664 C CA  . HIS B 2 38  ? 0.943   -17.264 -5.331  1.00 86.22  ? 540  HIS B CA  1 
ATOM   1665 C C   . HIS B 2 38  ? 1.408   -18.726 -5.400  1.00 88.33  ? 540  HIS B C   1 
ATOM   1666 O O   . HIS B 2 38  ? 2.659   -18.931 -5.494  1.00 86.48  ? 540  HIS B O   1 
ATOM   1667 C CB  . HIS B 2 38  ? -0.134  -17.002 -6.378  1.00 86.06  ? 540  HIS B CB  1 
ATOM   1668 C CG  . HIS B 2 38  ? -0.614  -15.587 -6.373  1.00 87.49  ? 540  HIS B CG  1 
ATOM   1669 N ND1 . HIS B 2 38  ? -1.651  -15.157 -5.565  1.00 93.11  ? 540  HIS B ND1 1 
ATOM   1670 C CD2 . HIS B 2 38  ? -0.131  -14.480 -6.995  1.00 87.84  ? 540  HIS B CD2 1 
ATOM   1671 C CE1 . HIS B 2 38  ? -1.783  -13.841 -5.688  1.00 96.69  ? 540  HIS B CE1 1 
ATOM   1672 N NE2 . HIS B 2 38  ? -0.870  -13.407 -6.549  1.00 90.57  ? 540  HIS B NE2 1 
HETATM 1673 Y Y   . YT3 C 3 .   ? -8.008  19.348  3.928   1.00 93.31  ? 1201 YT3 A Y   1 
HETATM 1674 Y Y   . YT3 D 3 .   ? 0.795   16.017  -1.400  1.00 47.71  ? 1202 YT3 A Y   1 
# 
